data_9PDA
#
_entry.id   9PDA
#
_cell.length_a   70.660
_cell.length_b   50.720
_cell.length_c   125.690
_cell.angle_alpha   90.000
_cell.angle_beta   99.520
_cell.angle_gamma   90.000
#
_symmetry.space_group_name_H-M   'P 1 21 1'
#
loop_
_entity.id
_entity.type
_entity.pdbx_description
1 polymer Trypsin
2 non-polymer BENZAMIDINE
3 non-polymer 1-METHOXY-2-[2-(2-METHOXY-ETHOXY]-ETHANE
4 non-polymer 1-(2-METHOXY-ETHOXY)-2-{2-[2-(2-METHOXY-ETHOXY]-ETHOXY}-ETHANE
5 non-polymer DI(HYDROXYETHYL)ETHER
6 non-polymer 'CALCIUM ION'
7 non-polymer 'MALONATE ION'
8 non-polymer 'TETRAETHYLENE GLYCOL'
9 non-polymer 'PYROMELLITIC ACID'
10 non-polymer '4-(2-HYDROXYETHYL)-1-PIPERAZINE ETHANESULFONIC ACID'
11 non-polymer 'CHLORIDE ION'
12 water water
#
_entity_poly.entity_id   1
_entity_poly.type   'polypeptide(L)'
_entity_poly.pdbx_seq_one_letter_code
;FPTDDDDKIVGGYTCAANSIPYQVSLNSGSHFCGGSLINSQWVVSAAHCYKSRIQVRLGEHNIDVLEGNEQFINAAKIIT
HPNFNGNTLDNDIMLIKLSSPATLNSRVATVSLPRSCAAAGTECLISGWGNTKSSGSSYPSLLQCLKAPVLSDSSCKSSY
PGQITGNMICVGFLEGGKDSCQGDSGGPVVCNGQLQGIVSWGYGCAQKNKPGVYTKVCNYVNWIQQTIAAN
;
_entity_poly.pdbx_strand_id   A,B,C,D
#
loop_
_chem_comp.id
_chem_comp.type
_chem_comp.name
_chem_comp.formula
BEN non-polymer BENZAMIDINE 'C7 H8 N2'
CA non-polymer 'CALCIUM ION' 'Ca 2'
CL non-polymer 'CHLORIDE ION' 'Cl -1'
EPE non-polymer '4-(2-HYDROXYETHYL)-1-PIPERAZINE ETHANESULFONIC ACID' 'C8 H18 N2 O4 S'
MLI non-polymer 'MALONATE ION' 'C3 H2 O4 -2'
PEG non-polymer DI(HYDROXYETHYL)ETHER 'C4 H10 O3'
PG4 non-polymer 'TETRAETHYLENE GLYCOL' 'C8 H18 O5'
PG5 non-polymer 1-METHOXY-2-[2-(2-METHOXY-ETHOXY]-ETHANE 'C8 H18 O4'
PG6 non-polymer 1-(2-METHOXY-ETHOXY)-2-{2-[2-(2-METHOXY-ETHOXY]-ETHOXY}-ETHANE 'C12 H26 O6'
PMA non-polymer 'PYROMELLITIC ACID' 'C10 H6 O8'
#
# COMPACT_ATOMS: atom_id res chain seq x y z
N ILE A 9 7.59 25.92 -33.69
CA ILE A 9 6.15 26.26 -33.46
C ILE A 9 6.09 27.38 -32.42
N VAL A 10 5.54 28.52 -32.83
CA VAL A 10 5.38 29.69 -31.98
C VAL A 10 3.95 29.72 -31.46
N GLY A 11 3.78 29.94 -30.17
CA GLY A 11 2.44 30.08 -29.66
C GLY A 11 1.70 28.77 -29.53
N GLY A 12 2.40 27.65 -29.62
CA GLY A 12 1.80 26.34 -29.44
C GLY A 12 1.91 25.82 -28.02
N TYR A 13 1.87 24.50 -27.90
CA TYR A 13 1.97 23.83 -26.61
C TYR A 13 2.81 22.57 -26.80
N THR A 14 3.31 22.02 -25.71
CA THR A 14 4.11 20.81 -25.79
C THR A 14 3.17 19.64 -25.98
N CYS A 15 3.32 18.90 -27.09
CA CYS A 15 2.50 17.73 -27.38
C CYS A 15 2.73 16.71 -26.27
N ALA A 16 1.71 15.92 -25.95
CA ALA A 16 1.95 14.74 -25.13
C ALA A 16 2.88 13.79 -25.86
N ALA A 17 3.74 13.12 -25.10
CA ALA A 17 4.77 12.27 -25.70
C ALA A 17 4.16 11.27 -26.67
N ASN A 18 4.69 11.23 -27.89
CA ASN A 18 4.30 10.27 -28.94
C ASN A 18 2.83 10.38 -29.31
N SER A 19 2.18 11.52 -29.03
CA SER A 19 0.79 11.73 -29.43
C SER A 19 0.63 12.14 -30.90
N ILE A 20 1.71 12.47 -31.60
CA ILE A 20 1.74 12.76 -33.04
C ILE A 20 2.63 11.70 -33.67
N PRO A 21 2.15 10.45 -33.78
CA PRO A 21 3.07 9.36 -34.03
C PRO A 21 3.57 9.28 -35.46
N TYR A 22 2.98 10.05 -36.37
CA TYR A 22 3.49 10.19 -37.75
C TYR A 22 4.57 11.25 -37.91
N GLN A 23 4.84 12.03 -36.86
CA GLN A 23 5.86 13.07 -36.96
C GLN A 23 7.24 12.45 -36.89
N VAL A 24 8.12 12.80 -37.83
CA VAL A 24 9.52 12.41 -37.82
C VAL A 24 10.40 13.65 -37.78
N SER A 25 11.63 13.42 -37.29
CA SER A 25 12.71 14.40 -37.30
C SER A 25 13.71 13.94 -38.35
N LEU A 26 14.08 14.85 -39.25
CA LEU A 26 15.17 14.59 -40.19
C LEU A 26 16.45 15.11 -39.55
N ASN A 27 17.48 14.26 -39.53
CA ASN A 27 18.71 14.52 -38.78
C ASN A 27 19.93 14.24 -39.64
N SER A 28 20.85 15.19 -39.67
CA SER A 28 22.11 15.00 -40.40
C SER A 28 23.29 15.28 -39.50
N GLY A 29 23.16 14.92 -38.23
CA GLY A 29 24.08 15.36 -37.21
C GLY A 29 23.29 15.99 -36.09
N SER A 30 22.33 16.82 -36.47
CA SER A 30 21.32 17.35 -35.58
C SER A 30 20.01 17.41 -36.35
N HIS A 31 18.93 17.65 -35.60
CA HIS A 31 17.63 17.90 -36.22
C HIS A 31 17.68 19.13 -37.09
N PHE A 32 17.12 19.04 -38.31
CA PHE A 32 17.04 20.20 -39.20
C PHE A 32 15.69 20.41 -39.87
N CYS A 33 14.80 19.43 -39.89
CA CYS A 33 13.53 19.54 -40.58
C CYS A 33 12.63 18.45 -40.03
N GLY A 34 11.33 18.60 -40.26
CA GLY A 34 10.37 17.58 -39.96
C GLY A 34 9.96 16.81 -41.20
N GLY A 35 9.08 15.85 -40.97
CA GLY A 35 8.44 15.09 -42.03
C GLY A 35 7.33 14.26 -41.43
N SER A 36 6.60 13.56 -42.30
CA SER A 36 5.43 12.77 -41.96
C SER A 36 5.52 11.39 -42.56
N LEU A 37 5.26 10.37 -41.74
CA LEU A 37 5.25 8.97 -42.18
C LEU A 37 3.91 8.63 -42.82
N ILE A 38 3.93 8.29 -44.11
CA ILE A 38 2.68 8.03 -44.84
C ILE A 38 2.45 6.55 -45.13
N ASN A 39 3.47 5.72 -45.04
CA ASN A 39 3.29 4.27 -45.08
C ASN A 39 4.54 3.75 -44.36
N SER A 40 4.67 2.43 -44.23
CA SER A 40 5.78 1.95 -43.40
C SER A 40 7.15 2.27 -43.98
N GLN A 41 7.23 2.62 -45.28
CA GLN A 41 8.51 2.82 -45.92
C GLN A 41 8.76 4.23 -46.45
N TRP A 42 7.82 5.15 -46.35
CA TRP A 42 7.90 6.44 -47.02
C TRP A 42 7.49 7.58 -46.11
N VAL A 43 8.28 8.66 -46.20
CA VAL A 43 8.09 9.91 -45.49
C VAL A 43 7.90 11.04 -46.51
N VAL A 44 6.94 11.91 -46.25
CA VAL A 44 6.75 13.16 -46.97
C VAL A 44 7.38 14.31 -46.19
N SER A 45 8.14 15.15 -46.90
CA SER A 45 8.75 16.34 -46.33
C SER A 45 8.80 17.42 -47.41
N ALA A 46 9.61 18.44 -47.20
CA ALA A 46 9.74 19.56 -48.11
C ALA A 46 11.02 19.44 -48.92
N ALA A 47 10.93 19.76 -50.21
CA ALA A 47 12.14 19.71 -51.01
C ALA A 47 13.21 20.67 -50.53
N HIS A 48 12.83 21.79 -49.94
CA HIS A 48 13.84 22.74 -49.47
C HIS A 48 14.61 22.19 -48.26
N CYS A 49 14.18 21.07 -47.70
CA CYS A 49 14.92 20.28 -46.70
C CYS A 49 15.91 19.29 -47.28
N TYR A 50 16.04 19.23 -48.60
CA TYR A 50 16.89 18.21 -49.19
C TYR A 50 18.32 18.25 -48.69
N LYS A 51 18.85 17.07 -48.37
CA LYS A 51 20.28 16.86 -48.21
C LYS A 51 20.59 15.54 -48.89
N SER A 52 21.86 15.28 -49.22
CA SER A 52 22.16 14.04 -49.92
C SER A 52 22.17 12.81 -49.00
N ARG A 53 22.24 13.01 -47.68
CA ARG A 53 22.19 11.94 -46.70
C ARG A 53 21.34 12.42 -45.52
N ILE A 54 20.38 11.60 -45.10
CA ILE A 54 19.45 11.97 -44.06
C ILE A 54 19.16 10.75 -43.23
N GLN A 55 19.16 10.91 -41.92
CA GLN A 55 18.66 9.89 -41.00
C GLN A 55 17.28 10.30 -40.51
N VAL A 56 16.30 9.42 -40.67
CA VAL A 56 14.94 9.70 -40.22
C VAL A 56 14.80 9.18 -38.81
N ARG A 57 14.34 10.03 -37.92
CA ARG A 57 14.11 9.65 -36.51
C ARG A 57 12.63 9.65 -36.21
N LEU A 58 12.10 8.46 -35.99
CA LEU A 58 10.71 8.21 -35.66
C LEU A 58 10.55 7.95 -34.17
N GLY A 59 9.33 8.11 -33.64
CA GLY A 59 9.09 7.78 -32.25
C GLY A 59 9.73 8.73 -31.29
N GLU A 60 10.01 9.95 -31.72
CA GLU A 60 10.65 10.94 -30.87
C GLU A 60 9.67 11.80 -30.12
N HIS A 61 10.02 12.10 -28.86
CA HIS A 61 9.42 13.20 -28.14
C HIS A 61 10.49 14.23 -27.77
N ASN A 62 11.38 13.90 -26.84
CA ASN A 62 12.57 14.69 -26.57
C ASN A 62 13.65 14.30 -27.58
N ILE A 63 13.97 15.19 -28.51
CA ILE A 63 14.96 14.83 -29.52
C ILE A 63 16.38 14.83 -28.99
N ASP A 64 16.58 15.21 -27.74
CA ASP A 64 17.92 15.26 -27.16
C ASP A 64 18.22 14.11 -26.23
N VAL A 65 17.24 13.27 -25.93
CA VAL A 65 17.39 12.22 -24.94
C VAL A 65 16.75 10.96 -25.50
N LEU A 66 17.44 9.83 -25.30
CA LEU A 66 16.91 8.53 -25.67
C LEU A 66 15.90 8.10 -24.61
N GLU A 67 14.67 7.84 -25.06
CA GLU A 67 13.54 7.55 -24.20
C GLU A 67 12.96 6.15 -24.39
N GLY A 68 13.34 5.44 -25.45
CA GLY A 68 13.03 4.03 -25.57
C GLY A 68 12.05 3.69 -26.67
N ASN A 69 11.55 4.67 -27.43
CA ASN A 69 10.61 4.40 -28.51
C ASN A 69 11.11 4.91 -29.85
N GLU A 70 12.34 5.38 -29.90
CA GLU A 70 12.91 5.93 -31.12
C GLU A 70 13.21 4.83 -32.11
N GLN A 71 13.00 5.17 -33.39
CA GLN A 71 13.60 4.40 -34.47
C GLN A 71 14.43 5.34 -35.34
N PHE A 72 15.71 5.01 -35.55
CA PHE A 72 16.62 5.82 -36.35
C PHE A 72 16.86 5.01 -37.62
N ILE A 73 16.38 5.51 -38.77
CA ILE A 73 16.44 4.76 -40.01
C ILE A 73 16.96 5.65 -41.13
N ASN A 74 18.00 5.20 -41.80
CA ASN A 74 18.58 6.01 -42.85
C ASN A 74 17.68 6.06 -44.09
N ALA A 75 17.67 7.22 -44.75
CA ALA A 75 16.94 7.36 -46.01
C ALA A 75 17.69 6.64 -47.13
N ALA A 76 17.08 5.63 -47.73
CA ALA A 76 17.71 4.98 -48.88
C ALA A 76 17.50 5.73 -50.18
N LYS A 77 16.36 6.40 -50.31
CA LYS A 77 16.07 7.27 -51.45
C LYS A 77 15.60 8.61 -50.94
N ILE A 78 16.07 9.69 -51.58
CA ILE A 78 15.70 11.05 -51.22
C ILE A 78 15.32 11.70 -52.55
N ILE A 79 14.01 11.91 -52.76
CA ILE A 79 13.47 12.26 -54.08
C ILE A 79 12.72 13.59 -53.99
N THR A 80 13.21 14.61 -54.67
CA THR A 80 12.50 15.87 -54.70
C THR A 80 11.67 15.99 -55.98
N HIS A 81 10.61 16.75 -55.88
CA HIS A 81 9.81 17.07 -57.04
C HIS A 81 10.71 17.61 -58.15
N PRO A 82 10.62 17.08 -59.38
CA PRO A 82 11.57 17.49 -60.41
C PRO A 82 11.52 18.97 -60.76
N ASN A 83 10.38 19.63 -60.55
CA ASN A 83 10.22 21.03 -60.84
C ASN A 83 10.13 21.88 -59.57
N PHE A 84 10.62 21.38 -58.44
CA PHE A 84 10.86 22.27 -57.32
C PHE A 84 11.72 23.47 -57.71
N ASN A 85 11.34 24.64 -57.23
CA ASN A 85 12.04 25.88 -57.50
C ASN A 85 12.47 26.48 -56.16
N GLY A 86 13.78 26.58 -55.93
CA GLY A 86 14.24 27.00 -54.63
C GLY A 86 14.04 28.46 -54.35
N ASN A 87 13.66 29.25 -55.35
CA ASN A 87 13.40 30.66 -55.10
C ASN A 87 11.95 30.98 -54.85
N THR A 88 11.04 30.42 -55.64
CA THR A 88 9.63 30.64 -55.39
C THR A 88 9.09 29.65 -54.37
N LEU A 89 9.82 28.57 -54.13
CA LEU A 89 9.40 27.44 -53.31
C LEU A 89 8.19 26.73 -53.91
N ASP A 90 7.90 26.93 -55.21
CA ASP A 90 6.85 26.14 -55.83
C ASP A 90 7.27 24.67 -55.83
N ASN A 91 6.29 23.79 -55.66
CA ASN A 91 6.49 22.34 -55.66
C ASN A 91 7.45 21.90 -54.54
N ASP A 92 7.22 22.44 -53.35
CA ASP A 92 8.08 22.19 -52.19
C ASP A 92 7.65 20.87 -51.53
N ILE A 93 8.08 19.78 -52.14
CA ILE A 93 7.70 18.44 -51.71
C ILE A 93 8.84 17.49 -52.03
N MET A 94 9.06 16.57 -51.05
CA MET A 94 10.13 15.60 -51.11
C MET A 94 9.58 14.29 -50.57
N LEU A 95 10.01 13.18 -51.16
CA LEU A 95 9.70 11.84 -50.66
C LEU A 95 10.98 11.14 -50.24
N ILE A 96 10.95 10.52 -49.07
CA ILE A 96 12.05 9.71 -48.58
C ILE A 96 11.60 8.27 -48.47
N LYS A 97 12.37 7.35 -49.01
CA LYS A 97 12.16 5.92 -48.80
C LYS A 97 13.15 5.44 -47.78
N LEU A 98 12.64 4.78 -46.75
CA LEU A 98 13.46 4.30 -45.67
C LEU A 98 14.26 3.07 -46.09
N SER A 99 15.48 2.95 -45.55
CA SER A 99 16.29 1.79 -45.88
C SER A 99 15.71 0.49 -45.32
N SER A 100 14.88 0.57 -44.31
CA SER A 100 14.13 -0.59 -43.83
C SER A 100 12.80 -0.05 -43.37
N PRO A 101 11.76 -0.88 -43.36
CA PRO A 101 10.45 -0.37 -42.92
C PRO A 101 10.44 0.03 -41.46
N ALA A 102 9.71 1.11 -41.19
CA ALA A 102 9.40 1.47 -39.81
C ALA A 102 8.55 0.38 -39.17
N THR A 103 8.76 0.11 -37.88
CA THR A 103 7.89 -0.77 -37.11
C THR A 103 6.74 0.05 -36.56
N LEU A 104 5.52 -0.32 -36.93
CA LEU A 104 4.36 0.46 -36.60
C LEU A 104 3.78 -0.05 -35.29
N ASN A 105 3.42 0.88 -34.40
CA ASN A 105 2.87 0.58 -33.09
C ASN A 105 2.11 1.83 -32.63
N SER A 106 1.82 1.92 -31.35
CA SER A 106 1.05 3.08 -30.91
C SER A 106 1.86 4.36 -30.97
N ARG A 107 3.20 4.27 -30.96
CA ARG A 107 4.04 5.46 -30.93
C ARG A 107 4.62 5.84 -32.28
N VAL A 108 4.58 4.95 -33.26
CA VAL A 108 5.10 5.17 -34.61
C VAL A 108 4.01 4.67 -35.55
N ALA A 109 3.33 5.61 -36.22
CA ALA A 109 2.11 5.30 -36.96
C ALA A 109 2.06 6.21 -38.18
N THR A 110 1.33 5.75 -39.18
CA THR A 110 1.21 6.45 -40.45
C THR A 110 0.04 7.41 -40.43
N VAL A 111 0.13 8.43 -41.25
CA VAL A 111 -0.96 9.37 -41.49
C VAL A 111 -1.39 9.22 -42.95
N SER A 112 -2.67 9.47 -43.20
CA SER A 112 -3.22 9.31 -44.54
C SER A 112 -2.97 10.56 -45.39
N LEU A 113 -2.76 10.31 -46.69
CA LEU A 113 -2.86 11.37 -47.69
C LEU A 113 -4.27 11.93 -47.72
N PRO A 114 -4.47 13.14 -48.26
CA PRO A 114 -5.81 13.71 -48.28
C PRO A 114 -6.69 13.07 -49.35
N ARG A 115 -7.97 12.93 -49.02
CA ARG A 115 -8.96 12.49 -50.00
C ARG A 115 -9.41 13.65 -50.89
N SER A 116 -9.42 14.86 -50.34
CA SER A 116 -9.74 16.06 -51.08
C SER A 116 -9.03 17.20 -50.36
N CYS A 117 -8.84 18.29 -51.07
CA CYS A 117 -8.22 19.46 -50.50
C CYS A 117 -9.06 19.92 -49.30
N ALA A 118 -8.43 20.59 -48.36
CA ALA A 118 -9.16 21.08 -47.19
C ALA A 118 -9.84 22.41 -47.47
N ALA A 119 -11.08 22.52 -46.99
CA ALA A 119 -11.85 23.74 -47.14
C ALA A 119 -11.32 24.79 -46.17
N ALA A 120 -11.46 26.06 -46.56
CA ALA A 120 -11.14 27.15 -45.66
C ALA A 120 -11.90 27.00 -44.35
N GLY A 121 -11.22 27.25 -43.23
CA GLY A 121 -11.78 27.09 -41.92
C GLY A 121 -11.54 25.74 -41.28
N THR A 122 -11.09 24.75 -42.05
CA THR A 122 -10.82 23.43 -41.49
C THR A 122 -9.73 23.54 -40.44
N GLU A 123 -9.97 22.89 -39.28
N GLU A 123 -9.97 22.86 -39.32
CA GLU A 123 -9.05 22.90 -38.16
CA GLU A 123 -9.04 22.83 -38.21
C GLU A 123 -7.97 21.85 -38.38
C GLU A 123 -7.93 21.83 -38.46
N CYS A 124 -6.70 22.25 -38.21
CA CYS A 124 -5.54 21.40 -38.39
C CYS A 124 -4.65 21.37 -37.17
N LEU A 125 -3.73 20.42 -37.16
CA LEU A 125 -2.70 20.31 -36.12
C LEU A 125 -1.36 20.38 -36.84
N ILE A 126 -0.51 21.35 -36.47
CA ILE A 126 0.82 21.56 -37.03
C ILE A 126 1.81 21.26 -35.91
N SER A 127 2.93 20.62 -36.26
CA SER A 127 3.83 20.18 -35.20
C SER A 127 5.28 20.22 -35.66
N GLY A 128 6.16 20.32 -34.67
CA GLY A 128 7.57 20.32 -34.99
C GLY A 128 8.46 20.73 -33.82
N TRP A 129 9.76 20.62 -34.07
CA TRP A 129 10.81 21.07 -33.16
C TRP A 129 11.50 22.34 -33.64
N GLY A 130 10.81 23.18 -34.40
CA GLY A 130 11.40 24.44 -34.83
C GLY A 130 11.35 25.55 -33.78
N ASN A 131 11.79 26.71 -34.24
CA ASN A 131 11.89 27.86 -33.37
C ASN A 131 10.53 28.16 -32.73
N THR A 132 10.56 28.50 -31.44
CA THR A 132 9.35 28.82 -30.69
C THR A 132 9.19 30.31 -30.43
N LYS A 133 10.02 31.18 -31.01
CA LYS A 133 9.93 32.61 -30.76
C LYS A 133 9.56 33.39 -32.01
N SER A 134 8.68 34.37 -31.83
CA SER A 134 8.30 35.21 -32.96
C SER A 134 9.37 36.23 -33.28
N SER A 135 10.30 36.46 -32.35
CA SER A 135 11.46 37.32 -32.57
C SER A 135 12.65 36.67 -31.87
N GLY A 136 13.80 36.64 -32.57
CA GLY A 136 14.92 35.85 -32.08
C GLY A 136 14.64 34.35 -32.24
N SER A 137 15.37 33.53 -31.48
CA SER A 137 15.28 32.09 -31.72
C SER A 137 15.52 31.34 -30.43
N SER A 138 14.70 30.31 -30.24
CA SER A 138 14.90 29.33 -29.18
C SER A 138 14.38 28.01 -29.74
N TYR A 139 15.14 26.92 -29.57
CA TYR A 139 14.75 25.62 -30.11
C TYR A 139 14.42 24.62 -29.02
N PRO A 140 13.26 23.97 -29.10
CA PRO A 140 12.85 23.09 -28.01
C PRO A 140 13.37 21.66 -28.12
N SER A 141 13.50 21.04 -26.96
CA SER A 141 13.78 19.60 -26.95
C SER A 141 12.53 18.76 -27.18
N LEU A 142 11.38 19.22 -26.72
CA LEU A 142 10.14 18.46 -26.77
C LEU A 142 9.28 18.94 -27.92
N LEU A 143 8.63 17.99 -28.59
CA LEU A 143 7.78 18.29 -29.75
C LEU A 143 6.66 19.26 -29.39
N GLN A 144 6.49 20.27 -30.22
CA GLN A 144 5.47 21.28 -30.04
C GLN A 144 4.34 21.08 -31.05
N CYS A 145 3.15 21.51 -30.65
CA CYS A 145 1.89 21.33 -31.35
C CYS A 145 1.15 22.66 -31.42
N LEU A 146 0.38 22.86 -32.49
CA LEU A 146 -0.39 24.09 -32.69
C LEU A 146 -1.66 23.75 -33.46
N LYS A 147 -2.82 24.09 -32.89
CA LYS A 147 -4.08 24.02 -33.63
C LYS A 147 -4.29 25.28 -34.45
N ALA A 148 -4.62 25.12 -35.73
CA ALA A 148 -4.70 26.29 -36.60
C ALA A 148 -5.62 25.97 -37.78
N PRO A 149 -6.30 26.96 -38.32
CA PRO A 149 -7.23 26.71 -39.42
C PRO A 149 -6.69 27.03 -40.81
N VAL A 150 -7.18 26.34 -41.83
CA VAL A 150 -6.85 26.69 -43.22
C VAL A 150 -7.48 28.04 -43.52
N LEU A 151 -6.72 28.93 -44.16
CA LEU A 151 -7.21 30.24 -44.58
C LEU A 151 -7.57 30.25 -46.06
N SER A 152 -8.45 31.18 -46.43
CA SER A 152 -8.91 31.19 -47.81
C SER A 152 -7.79 31.58 -48.77
N ASP A 153 -7.93 31.14 -50.01
CA ASP A 153 -6.91 31.47 -50.99
C ASP A 153 -6.85 32.99 -51.18
N SER A 154 -8.00 33.64 -51.10
CA SER A 154 -8.00 35.10 -51.22
C SER A 154 -7.22 35.76 -50.10
N SER A 155 -7.39 35.28 -48.85
CA SER A 155 -6.66 35.84 -47.71
CA SER A 155 -6.65 35.85 -47.72
C SER A 155 -5.16 35.58 -47.84
N CYS A 156 -4.81 34.38 -48.29
CA CYS A 156 -3.42 34.03 -48.48
C CYS A 156 -2.76 34.99 -49.47
N LYS A 157 -3.44 35.22 -50.60
CA LYS A 157 -2.87 36.07 -51.65
C LYS A 157 -2.81 37.53 -51.22
N SER A 158 -3.78 37.97 -50.40
CA SER A 158 -3.73 39.33 -49.86
C SER A 158 -2.51 39.50 -48.94
N SER A 159 -2.18 38.46 -48.17
CA SER A 159 -1.03 38.53 -47.27
C SER A 159 0.29 38.47 -48.03
N TYR A 160 0.31 37.81 -49.18
CA TYR A 160 1.55 37.57 -49.92
C TYR A 160 1.33 37.85 -51.40
N PRO A 161 1.14 39.11 -51.77
CA PRO A 161 0.79 39.43 -53.17
C PRO A 161 1.86 38.95 -54.14
N GLY A 162 1.41 38.25 -55.19
CA GLY A 162 2.30 37.73 -56.21
C GLY A 162 3.14 36.52 -55.83
N GLN A 163 2.94 35.93 -54.65
CA GLN A 163 3.85 34.90 -54.17
C GLN A 163 3.19 33.55 -53.99
N ILE A 164 1.87 33.47 -54.07
CA ILE A 164 1.12 32.27 -53.77
C ILE A 164 0.75 31.58 -55.08
N THR A 165 1.27 30.38 -55.28
CA THR A 165 0.91 29.61 -56.46
C THR A 165 -0.27 28.74 -56.10
N GLY A 166 -0.76 28.01 -57.12
CA GLY A 166 -1.81 27.04 -56.88
C GLY A 166 -1.37 25.86 -56.04
N ASN A 167 -0.07 25.75 -55.73
CA ASN A 167 0.43 24.65 -54.95
C ASN A 167 0.72 25.04 -53.50
N MET A 168 0.15 26.16 -53.05
CA MET A 168 0.42 26.67 -51.73
C MET A 168 -0.91 26.99 -51.04
N ILE A 169 -0.98 26.68 -49.74
CA ILE A 169 -2.08 27.12 -48.88
C ILE A 169 -1.54 27.88 -47.68
N CYS A 170 -2.36 28.79 -47.13
CA CYS A 170 -2.04 29.45 -45.85
C CYS A 170 -2.86 28.79 -44.75
N VAL A 171 -2.22 28.60 -43.59
CA VAL A 171 -2.84 28.00 -42.40
C VAL A 171 -2.32 28.79 -41.22
N GLY A 172 -3.22 29.15 -40.31
CA GLY A 172 -2.82 29.92 -39.13
C GLY A 172 -3.72 31.10 -38.85
N PHE A 173 -3.12 32.20 -38.43
CA PHE A 173 -3.85 33.31 -37.85
C PHE A 173 -3.27 34.61 -38.35
N LEU A 174 -4.15 35.49 -38.85
CA LEU A 174 -3.70 36.80 -39.30
C LEU A 174 -3.27 37.68 -38.14
N GLU A 175 -3.79 37.45 -36.93
CA GLU A 175 -3.51 38.34 -35.81
C GLU A 175 -2.05 38.31 -35.40
N GLY A 176 -1.35 37.23 -35.71
CA GLY A 176 0.01 37.11 -35.21
C GLY A 176 0.04 36.38 -33.87
N GLY A 177 1.18 35.79 -33.59
CA GLY A 177 1.41 35.09 -32.36
C GLY A 177 1.41 33.57 -32.45
N LYS A 178 0.88 32.97 -33.51
CA LYS A 178 0.79 31.51 -33.59
C LYS A 178 1.12 31.06 -35.01
N ASP A 179 2.17 30.27 -35.18
CA ASP A 179 2.64 29.89 -36.52
C ASP A 179 3.69 28.79 -36.37
N SER A 180 4.05 28.18 -37.48
CA SER A 180 5.25 27.37 -37.56
C SER A 180 6.42 28.32 -37.87
N CYS A 181 7.63 27.75 -37.88
CA CYS A 181 8.84 28.55 -38.03
C CYS A 181 9.97 27.65 -38.52
N GLN A 182 11.13 28.27 -38.77
CA GLN A 182 12.28 27.51 -39.22
C GLN A 182 12.53 26.34 -38.27
N GLY A 183 12.90 25.22 -38.84
CA GLY A 183 13.06 23.97 -38.11
C GLY A 183 11.81 23.12 -38.08
N ASP A 184 10.67 23.71 -38.30
CA ASP A 184 9.46 22.95 -38.49
C ASP A 184 9.29 22.53 -39.96
N SER A 185 9.99 23.18 -40.86
CA SER A 185 9.95 22.92 -42.30
C SER A 185 9.93 21.45 -42.60
N GLY A 186 9.07 21.07 -43.55
CA GLY A 186 8.91 19.71 -43.97
C GLY A 186 7.92 18.93 -43.14
N GLY A 187 7.53 19.46 -41.99
CA GLY A 187 6.64 18.77 -41.08
C GLY A 187 5.18 18.89 -41.46
N PRO A 188 4.32 18.28 -40.64
CA PRO A 188 2.92 18.05 -41.00
C PRO A 188 1.96 19.17 -40.64
N VAL A 189 0.97 19.35 -41.52
CA VAL A 189 -0.30 20.00 -41.23
C VAL A 189 -1.33 18.90 -41.44
N VAL A 190 -1.96 18.42 -40.35
CA VAL A 190 -2.92 17.32 -40.44
C VAL A 190 -4.30 17.82 -40.03
N CYS A 191 -5.30 17.56 -40.87
CA CYS A 191 -6.66 18.03 -40.65
C CYS A 191 -7.59 16.84 -40.87
N ASN A 192 -8.46 16.54 -39.90
CA ASN A 192 -9.37 15.39 -40.01
C ASN A 192 -8.64 14.15 -40.53
N GLY A 193 -7.50 13.86 -39.90
CA GLY A 193 -6.74 12.65 -40.16
C GLY A 193 -6.07 12.56 -41.50
N GLN A 194 -5.84 13.70 -42.17
CA GLN A 194 -5.25 13.76 -43.50
C GLN A 194 -4.16 14.80 -43.53
N LEU A 195 -3.05 14.45 -44.17
CA LEU A 195 -1.93 15.37 -44.35
C LEU A 195 -2.25 16.32 -45.47
N GLN A 196 -2.66 17.54 -45.11
CA GLN A 196 -3.05 18.52 -46.10
C GLN A 196 -1.92 19.49 -46.43
N GLY A 197 -0.97 19.69 -45.53
CA GLY A 197 0.06 20.69 -45.74
C GLY A 197 1.40 20.19 -45.28
N ILE A 198 2.46 20.76 -45.87
CA ILE A 198 3.85 20.58 -45.49
C ILE A 198 4.39 21.96 -45.11
N VAL A 199 5.00 22.09 -43.93
CA VAL A 199 5.59 23.37 -43.54
C VAL A 199 6.61 23.81 -44.57
N SER A 200 6.36 24.98 -45.18
CA SER A 200 7.16 25.45 -46.31
C SER A 200 7.85 26.78 -46.04
N TRP A 201 7.11 27.87 -45.91
CA TRP A 201 7.74 29.17 -45.81
C TRP A 201 6.79 30.16 -45.16
N GLY A 202 7.29 31.38 -44.98
CA GLY A 202 6.50 32.47 -44.47
C GLY A 202 7.42 33.66 -44.28
N TYR A 203 6.82 34.83 -44.04
CA TYR A 203 7.61 36.04 -43.80
C TYR A 203 7.85 36.15 -42.30
N GLY A 204 9.08 35.88 -41.88
CA GLY A 204 9.29 35.80 -40.46
C GLY A 204 8.56 34.60 -39.87
N CYS A 205 8.14 34.76 -38.62
CA CYS A 205 7.31 33.75 -37.95
C CYS A 205 6.32 34.44 -37.03
N ALA A 206 5.06 34.09 -37.18
CA ALA A 206 4.01 34.53 -36.27
C ALA A 206 3.81 36.04 -36.28
N GLN A 207 4.09 36.67 -37.42
CA GLN A 207 3.89 38.10 -37.58
C GLN A 207 2.48 38.40 -38.09
N LYS A 208 1.97 39.59 -37.72
CA LYS A 208 0.63 39.99 -38.10
C LYS A 208 0.49 40.00 -39.62
N ASN A 209 -0.60 39.40 -40.10
CA ASN A 209 -0.96 39.35 -41.52
C ASN A 209 0.06 38.60 -42.36
N LYS A 210 0.86 37.74 -41.73
CA LYS A 210 1.86 36.94 -42.46
C LYS A 210 1.74 35.50 -41.98
N PRO A 211 0.66 34.83 -42.36
CA PRO A 211 0.44 33.45 -41.87
C PRO A 211 1.44 32.53 -42.55
N GLY A 212 1.51 31.31 -42.01
CA GLY A 212 2.37 30.31 -42.59
C GLY A 212 1.86 29.87 -43.95
N VAL A 213 2.81 29.56 -44.85
CA VAL A 213 2.53 29.04 -46.18
C VAL A 213 3.03 27.60 -46.27
N TYR A 214 2.16 26.72 -46.78
CA TYR A 214 2.35 25.29 -46.74
C TYR A 214 2.13 24.67 -48.12
N THR A 215 2.91 23.65 -48.42
CA THR A 215 2.71 22.93 -49.66
C THR A 215 1.35 22.26 -49.64
N LYS A 216 0.59 22.44 -50.73
CA LYS A 216 -0.78 21.94 -50.84
C LYS A 216 -0.75 20.47 -51.28
N VAL A 217 -0.77 19.56 -50.29
CA VAL A 217 -0.47 18.13 -50.53
C VAL A 217 -1.45 17.49 -51.49
N CYS A 218 -2.72 17.90 -51.47
CA CYS A 218 -3.70 17.31 -52.37
C CYS A 218 -3.32 17.43 -53.84
N ASN A 219 -2.53 18.42 -54.23
CA ASN A 219 -2.11 18.49 -55.60
C ASN A 219 -1.10 17.43 -56.00
N TYR A 220 -0.52 16.69 -55.04
CA TYR A 220 0.62 15.83 -55.29
C TYR A 220 0.35 14.36 -55.01
N VAL A 221 -0.87 13.98 -54.67
CA VAL A 221 -1.06 12.58 -54.32
C VAL A 221 -0.80 11.66 -55.52
N ASN A 222 -1.14 12.08 -56.74
CA ASN A 222 -0.82 11.25 -57.90
C ASN A 222 0.68 11.15 -58.12
N TRP A 223 1.41 12.25 -57.93
CA TRP A 223 2.86 12.17 -58.07
C TRP A 223 3.44 11.23 -57.04
N ILE A 224 2.91 11.26 -55.82
CA ILE A 224 3.37 10.36 -54.75
C ILE A 224 3.16 8.90 -55.13
N GLN A 225 1.96 8.53 -55.60
CA GLN A 225 1.75 7.12 -55.96
C GLN A 225 2.65 6.70 -57.14
N GLN A 226 2.84 7.59 -58.14
CA GLN A 226 3.70 7.22 -59.27
C GLN A 226 5.14 7.04 -58.82
N THR A 227 5.59 7.90 -57.91
CA THR A 227 6.97 7.83 -57.44
C THR A 227 7.20 6.56 -56.63
N ILE A 228 6.25 6.26 -55.74
CA ILE A 228 6.32 4.99 -54.99
C ILE A 228 6.34 3.79 -55.94
N ALA A 229 5.51 3.81 -56.97
CA ALA A 229 5.42 2.67 -57.87
C ALA A 229 6.70 2.46 -58.66
N ALA A 230 7.44 3.52 -58.91
CA ALA A 230 8.69 3.45 -59.64
C ALA A 230 9.89 3.16 -58.77
N ASN A 231 9.69 3.02 -57.46
CA ASN A 231 10.80 2.88 -56.52
C ASN A 231 10.57 1.83 -55.47
N ILE B 9 -6.80 24.89 -5.69
CA ILE B 9 -5.64 23.99 -5.94
C ILE B 9 -4.60 24.22 -4.83
N VAL B 10 -4.32 23.20 -4.05
CA VAL B 10 -3.25 23.24 -3.05
C VAL B 10 -2.00 22.65 -3.68
N GLY B 11 -0.88 23.36 -3.56
CA GLY B 11 0.41 22.80 -4.00
C GLY B 11 0.66 22.85 -5.48
N GLY B 12 -0.11 23.63 -6.22
CA GLY B 12 0.05 23.74 -7.64
C GLY B 12 0.92 24.91 -8.02
N TYR B 13 0.62 25.49 -9.19
CA TYR B 13 1.38 26.61 -9.73
C TYR B 13 0.40 27.49 -10.50
N THR B 14 0.70 28.78 -10.56
CA THR B 14 -0.09 29.68 -11.37
C THR B 14 0.07 29.31 -12.84
N CYS B 15 -1.04 29.00 -13.50
CA CYS B 15 -1.00 28.66 -14.90
C CYS B 15 -0.51 29.87 -15.69
N ALA B 16 0.05 29.60 -16.86
CA ALA B 16 0.35 30.68 -17.79
C ALA B 16 -0.95 31.22 -18.36
N ALA B 17 -1.04 32.54 -18.52
CA ALA B 17 -2.29 33.19 -18.86
C ALA B 17 -2.94 32.54 -20.07
N ASN B 18 -4.22 32.17 -19.92
CA ASN B 18 -5.05 31.64 -21.00
C ASN B 18 -4.48 30.35 -21.61
N SER B 19 -3.59 29.66 -20.87
CA SER B 19 -3.03 28.39 -21.32
C SER B 19 -3.96 27.21 -21.05
N ILE B 20 -5.04 27.45 -20.31
CA ILE B 20 -6.12 26.49 -20.05
C ILE B 20 -7.39 27.08 -20.64
N PRO B 21 -7.51 27.13 -21.98
CA PRO B 21 -8.59 27.91 -22.58
C PRO B 21 -9.96 27.32 -22.45
N TYR B 22 -10.08 26.06 -22.01
CA TYR B 22 -11.37 25.43 -21.77
C TYR B 22 -11.88 25.62 -20.34
N GLN B 23 -11.07 26.23 -19.47
CA GLN B 23 -11.50 26.45 -18.08
C GLN B 23 -12.48 27.61 -18.02
N VAL B 24 -13.60 27.39 -17.34
CA VAL B 24 -14.54 28.47 -17.08
C VAL B 24 -14.73 28.62 -15.58
N SER B 25 -15.22 29.81 -15.22
CA SER B 25 -15.62 30.12 -13.85
C SER B 25 -17.15 30.27 -13.83
N LEU B 26 -17.78 29.59 -12.89
CA LEU B 26 -19.20 29.76 -12.65
C LEU B 26 -19.41 30.85 -11.61
N ASN B 27 -20.21 31.83 -11.95
CA ASN B 27 -20.37 33.03 -11.14
C ASN B 27 -21.85 33.22 -10.83
N SER B 28 -22.16 33.47 -9.56
CA SER B 28 -23.49 33.82 -9.11
C SER B 28 -23.46 35.12 -8.31
N GLY B 29 -22.62 36.07 -8.72
CA GLY B 29 -22.29 37.22 -7.90
C GLY B 29 -20.79 37.22 -7.67
N SER B 30 -20.30 36.06 -7.29
CA SER B 30 -18.88 35.81 -7.18
C SER B 30 -18.62 34.44 -7.78
N HIS B 31 -17.36 34.15 -8.06
CA HIS B 31 -16.97 32.80 -8.43
C HIS B 31 -17.33 31.78 -7.34
N PHE B 32 -17.92 30.65 -7.76
CA PHE B 32 -18.22 29.58 -6.81
C PHE B 32 -17.83 28.18 -7.26
N CYS B 33 -17.58 27.95 -8.55
CA CYS B 33 -17.24 26.62 -9.05
C CYS B 33 -16.54 26.80 -10.40
N GLY B 34 -15.84 25.74 -10.83
CA GLY B 34 -15.30 25.68 -12.17
C GLY B 34 -16.20 24.91 -13.13
N GLY B 35 -15.75 24.87 -14.40
CA GLY B 35 -16.43 24.13 -15.42
C GLY B 35 -15.47 23.97 -16.58
N SER B 36 -15.87 23.19 -17.59
CA SER B 36 -15.07 22.97 -18.78
C SER B 36 -15.92 23.19 -20.03
N LEU B 37 -15.41 23.95 -20.99
CA LEU B 37 -16.10 24.14 -22.27
C LEU B 37 -15.85 22.92 -23.16
N ILE B 38 -16.92 22.21 -23.53
CA ILE B 38 -16.81 21.01 -24.37
C ILE B 38 -17.46 21.18 -25.73
N ASN B 39 -18.11 22.30 -25.97
CA ASN B 39 -18.84 22.60 -27.21
C ASN B 39 -18.94 24.10 -27.17
N SER B 40 -19.08 24.72 -28.34
CA SER B 40 -19.19 26.18 -28.28
C SER B 40 -20.38 26.63 -27.46
N GLN B 41 -21.39 25.78 -27.25
CA GLN B 41 -22.57 26.16 -26.48
C GLN B 41 -22.78 25.38 -25.18
N TRP B 42 -21.88 24.51 -24.80
CA TRP B 42 -22.09 23.70 -23.60
C TRP B 42 -20.86 23.64 -22.72
N VAL B 43 -21.09 23.75 -21.41
CA VAL B 43 -20.09 23.57 -20.35
C VAL B 43 -20.51 22.38 -19.50
N VAL B 44 -19.54 21.57 -19.11
CA VAL B 44 -19.77 20.49 -18.15
C VAL B 44 -19.14 20.85 -16.80
N SER B 45 -19.86 20.54 -15.74
CA SER B 45 -19.47 20.87 -14.37
C SER B 45 -20.01 19.77 -13.46
N ALA B 46 -19.97 20.01 -12.15
CA ALA B 46 -20.43 19.04 -11.16
C ALA B 46 -21.86 19.39 -10.79
N ALA B 47 -22.73 18.37 -10.69
CA ALA B 47 -24.08 18.59 -10.23
C ALA B 47 -24.18 19.24 -8.85
N HIS B 48 -23.21 19.01 -7.96
CA HIS B 48 -23.27 19.64 -6.64
C HIS B 48 -23.00 21.14 -6.69
N CYS B 49 -22.57 21.66 -7.84
CA CYS B 49 -22.47 23.09 -8.12
C CYS B 49 -23.77 23.73 -8.59
N TYR B 50 -24.86 22.99 -8.63
CA TYR B 50 -26.09 23.53 -9.21
C TYR B 50 -26.58 24.77 -8.48
N LYS B 51 -26.89 25.82 -9.27
CA LYS B 51 -27.69 26.93 -8.83
C LYS B 51 -28.66 27.20 -9.96
N SER B 52 -29.76 27.87 -9.65
CA SER B 52 -30.79 28.06 -10.66
C SER B 52 -30.44 29.13 -11.70
N ARG B 53 -29.51 30.02 -11.37
CA ARG B 53 -29.01 31.02 -12.30
C ARG B 53 -27.49 30.97 -12.18
N ILE B 54 -26.83 30.82 -13.31
CA ILE B 54 -25.38 30.76 -13.38
C ILE B 54 -24.94 31.64 -14.53
N GLN B 55 -23.90 32.45 -14.31
CA GLN B 55 -23.19 33.15 -15.38
C GLN B 55 -21.85 32.47 -15.60
N VAL B 56 -21.61 32.02 -16.81
CA VAL B 56 -20.36 31.39 -17.18
C VAL B 56 -19.39 32.46 -17.63
N ARG B 57 -18.19 32.44 -17.04
CA ARG B 57 -17.13 33.38 -17.37
C ARG B 57 -16.02 32.62 -18.09
N LEU B 58 -15.78 32.99 -19.35
CA LEU B 58 -14.78 32.34 -20.19
C LEU B 58 -13.63 33.32 -20.47
N GLY B 59 -12.49 32.77 -20.89
CA GLY B 59 -11.34 33.60 -21.17
C GLY B 59 -10.77 34.30 -19.95
N GLU B 60 -10.95 33.71 -18.76
CA GLU B 60 -10.45 34.30 -17.53
C GLU B 60 -9.06 33.78 -17.18
N HIS B 61 -8.22 34.68 -16.70
CA HIS B 61 -7.03 34.27 -15.95
C HIS B 61 -7.09 34.87 -14.55
N ASN B 62 -7.11 36.18 -14.44
CA ASN B 62 -7.38 36.84 -13.17
C ASN B 62 -8.88 37.05 -13.09
N ILE B 63 -9.55 36.31 -12.19
CA ILE B 63 -11.00 36.44 -12.06
C ILE B 63 -11.43 37.71 -11.34
N ASP B 64 -10.49 38.50 -10.83
CA ASP B 64 -10.83 39.70 -10.09
C ASP B 64 -10.67 40.98 -10.90
N VAL B 65 -10.01 40.93 -12.05
CA VAL B 65 -9.75 42.11 -12.87
C VAL B 65 -10.03 41.79 -14.33
N LEU B 66 -10.56 42.79 -15.05
CA LEU B 66 -10.85 42.63 -16.48
C LEU B 66 -9.58 42.77 -17.28
N GLU B 67 -9.16 41.69 -17.95
CA GLU B 67 -7.92 41.70 -18.71
C GLU B 67 -8.12 41.83 -20.21
N GLY B 68 -9.35 41.73 -20.70
CA GLY B 68 -9.65 42.03 -22.08
C GLY B 68 -10.11 40.85 -22.92
N ASN B 69 -9.96 39.62 -22.44
CA ASN B 69 -10.31 38.43 -23.22
C ASN B 69 -11.55 37.74 -22.67
N GLU B 70 -12.28 38.37 -21.76
CA GLU B 70 -13.39 37.69 -21.10
C GLU B 70 -14.67 37.68 -21.95
N GLN B 71 -15.41 36.59 -21.85
CA GLN B 71 -16.79 36.50 -22.33
C GLN B 71 -17.65 36.06 -21.16
N PHE B 72 -18.66 36.84 -20.83
CA PHE B 72 -19.60 36.47 -19.77
C PHE B 72 -20.90 36.05 -20.44
N ILE B 73 -21.33 34.80 -20.23
CA ILE B 73 -22.48 34.27 -20.94
C ILE B 73 -23.42 33.63 -19.93
N ASN B 74 -24.59 34.22 -19.77
CA ASN B 74 -25.51 33.65 -18.80
C ASN B 74 -26.01 32.30 -19.32
N ALA B 75 -26.27 31.38 -18.40
CA ALA B 75 -26.76 30.06 -18.81
C ALA B 75 -28.20 30.14 -19.27
N ALA B 76 -28.53 29.32 -20.28
CA ALA B 76 -29.89 29.17 -20.79
C ALA B 76 -30.56 27.89 -20.28
N LYS B 77 -29.81 26.81 -20.08
CA LYS B 77 -30.31 25.56 -19.51
C LYS B 77 -29.25 25.03 -18.56
N ILE B 78 -29.71 24.42 -17.47
CA ILE B 78 -28.83 23.78 -16.49
C ILE B 78 -29.40 22.40 -16.18
N ILE B 79 -28.67 21.36 -16.56
CA ILE B 79 -29.22 20.01 -16.62
C ILE B 79 -28.34 19.10 -15.76
N THR B 80 -28.85 18.71 -14.60
CA THR B 80 -28.09 17.78 -13.76
C THR B 80 -28.34 16.33 -14.20
N HIS B 81 -27.34 15.49 -13.97
CA HIS B 81 -27.54 14.08 -14.32
C HIS B 81 -28.75 13.50 -13.59
N PRO B 82 -29.58 12.70 -14.27
CA PRO B 82 -30.79 12.18 -13.60
C PRO B 82 -30.54 11.29 -12.40
N ASN B 83 -29.38 10.64 -12.34
CA ASN B 83 -29.04 9.75 -11.24
C ASN B 83 -28.12 10.40 -10.21
N PHE B 84 -27.95 11.72 -10.27
CA PHE B 84 -27.15 12.39 -9.25
C PHE B 84 -27.76 12.18 -7.86
N ASN B 85 -26.89 11.89 -6.88
CA ASN B 85 -27.29 11.75 -5.47
C ASN B 85 -26.42 12.69 -4.63
N GLY B 86 -27.07 13.63 -3.96
CA GLY B 86 -26.32 14.65 -3.22
C GLY B 86 -25.70 14.19 -1.92
N ASN B 87 -26.02 12.98 -1.46
CA ASN B 87 -25.38 12.41 -0.28
C ASN B 87 -24.17 11.59 -0.64
N THR B 88 -24.21 10.75 -1.68
CA THR B 88 -23.03 9.98 -2.06
C THR B 88 -22.17 10.70 -3.08
N LEU B 89 -22.73 11.69 -3.75
CA LEU B 89 -22.12 12.39 -4.88
C LEU B 89 -21.89 11.47 -6.06
N ASP B 90 -22.62 10.36 -6.12
CA ASP B 90 -22.59 9.54 -7.34
C ASP B 90 -23.21 10.33 -8.50
N ASN B 91 -22.63 10.18 -9.68
CA ASN B 91 -23.10 10.85 -10.89
C ASN B 91 -23.07 12.37 -10.74
N ASP B 92 -21.97 12.90 -10.21
CA ASP B 92 -21.82 14.34 -9.93
C ASP B 92 -21.39 15.07 -11.20
N ILE B 93 -22.38 15.26 -12.08
CA ILE B 93 -22.12 15.88 -13.38
C ILE B 93 -23.37 16.63 -13.78
N MET B 94 -23.15 17.79 -14.42
CA MET B 94 -24.22 18.60 -14.93
C MET B 94 -23.76 19.32 -16.19
N LEU B 95 -24.71 19.56 -17.07
CA LEU B 95 -24.45 20.26 -18.32
C LEU B 95 -25.13 21.63 -18.31
N ILE B 96 -24.40 22.66 -18.72
CA ILE B 96 -24.90 24.03 -18.80
C ILE B 96 -24.91 24.41 -20.28
N LYS B 97 -26.09 24.73 -20.81
CA LYS B 97 -26.14 25.30 -22.14
C LYS B 97 -26.05 26.81 -22.02
N LEU B 98 -25.11 27.39 -22.77
CA LEU B 98 -24.90 28.84 -22.80
C LEU B 98 -26.00 29.53 -23.60
N SER B 99 -26.33 30.75 -23.19
CA SER B 99 -27.40 31.50 -23.86
C SER B 99 -27.00 31.96 -25.25
N SER B 100 -25.72 31.94 -25.56
CA SER B 100 -25.28 32.09 -26.94
C SER B 100 -23.95 31.39 -27.02
N PRO B 101 -23.48 31.09 -28.22
CA PRO B 101 -22.21 30.36 -28.30
C PRO B 101 -21.02 31.19 -27.84
N ALA B 102 -20.07 30.52 -27.19
CA ALA B 102 -18.79 31.13 -26.92
C ALA B 102 -18.08 31.44 -28.25
N THR B 103 -17.28 32.49 -28.26
CA THR B 103 -16.40 32.75 -29.40
C THR B 103 -15.06 32.08 -29.14
N LEU B 104 -14.68 31.19 -30.05
CA LEU B 104 -13.46 30.42 -29.92
C LEU B 104 -12.28 31.22 -30.46
N ASN B 105 -11.28 31.46 -29.61
CA ASN B 105 -10.13 32.30 -29.98
C ASN B 105 -8.91 31.78 -29.24
N SER B 106 -7.82 32.54 -29.24
CA SER B 106 -6.58 32.03 -28.63
C SER B 106 -6.72 31.83 -27.13
N ARG B 107 -7.80 32.29 -26.53
CA ARG B 107 -7.96 32.22 -25.09
C ARG B 107 -9.20 31.45 -24.67
N VAL B 108 -10.05 31.04 -25.61
CA VAL B 108 -11.29 30.33 -25.33
C VAL B 108 -11.40 29.19 -26.34
N ALA B 109 -11.36 27.95 -25.85
CA ALA B 109 -11.38 26.79 -26.72
C ALA B 109 -12.06 25.62 -25.99
N THR B 110 -12.54 24.66 -26.77
CA THR B 110 -13.13 23.45 -26.24
C THR B 110 -12.06 22.41 -25.92
N VAL B 111 -12.44 21.51 -25.02
CA VAL B 111 -11.64 20.33 -24.69
C VAL B 111 -12.41 19.09 -25.14
N SER B 112 -11.67 18.10 -25.66
CA SER B 112 -12.27 16.89 -26.19
C SER B 112 -12.86 16.05 -25.06
N LEU B 113 -13.94 15.41 -25.36
CA LEU B 113 -14.43 14.34 -24.52
C LEU B 113 -13.61 13.08 -24.78
N PRO B 114 -13.48 12.22 -23.78
CA PRO B 114 -12.58 11.06 -23.91
C PRO B 114 -13.09 9.96 -24.83
N ARG B 115 -12.17 9.37 -25.58
CA ARG B 115 -12.50 8.23 -26.43
C ARG B 115 -12.71 6.99 -25.60
N SER B 116 -12.01 6.90 -24.49
CA SER B 116 -12.19 5.83 -23.52
C SER B 116 -11.43 6.27 -22.27
N CYS B 117 -11.50 5.45 -21.21
CA CYS B 117 -11.07 5.91 -19.91
C CYS B 117 -9.54 5.90 -19.83
N ALA B 118 -9.01 6.70 -18.90
CA ALA B 118 -7.57 6.82 -18.75
C ALA B 118 -7.03 5.78 -17.80
N ALA B 119 -5.84 5.25 -18.12
CA ALA B 119 -5.23 4.22 -17.29
C ALA B 119 -4.59 4.83 -16.05
N ALA B 120 -4.48 4.03 -14.99
CA ALA B 120 -3.75 4.45 -13.80
C ALA B 120 -2.36 4.92 -14.20
N GLY B 121 -1.91 6.01 -13.58
CA GLY B 121 -0.61 6.56 -13.88
C GLY B 121 -0.57 7.58 -15.01
N THR B 122 -1.66 7.77 -15.74
CA THR B 122 -1.71 8.81 -16.74
C THR B 122 -1.58 10.17 -16.06
N GLU B 123 -0.68 11.01 -16.56
CA GLU B 123 -0.51 12.36 -16.02
C GLU B 123 -1.59 13.26 -16.58
N CYS B 124 -2.17 14.09 -15.71
CA CYS B 124 -3.32 14.94 -16.00
C CYS B 124 -3.02 16.33 -15.49
N LEU B 125 -3.82 17.29 -15.94
CA LEU B 125 -3.72 18.67 -15.51
C LEU B 125 -5.05 19.07 -14.85
N ILE B 126 -4.98 19.53 -13.59
CA ILE B 126 -6.15 19.96 -12.83
C ILE B 126 -6.04 21.47 -12.63
N SER B 127 -7.16 22.19 -12.76
CA SER B 127 -7.07 23.64 -12.62
C SER B 127 -8.30 24.22 -11.92
N GLY B 128 -8.09 25.41 -11.38
CA GLY B 128 -9.21 26.18 -10.86
C GLY B 128 -8.75 27.30 -9.95
N TRP B 129 -9.76 28.02 -9.47
CA TRP B 129 -9.58 29.16 -8.58
C TRP B 129 -9.97 28.83 -7.15
N GLY B 130 -9.86 27.56 -6.76
CA GLY B 130 -10.22 27.15 -5.41
C GLY B 130 -9.16 27.48 -4.37
N ASN B 131 -9.49 27.15 -3.13
CA ASN B 131 -8.61 27.41 -2.01
C ASN B 131 -7.23 26.80 -2.25
N THR B 132 -6.17 27.55 -1.87
CA THR B 132 -4.80 27.07 -2.07
C THR B 132 -4.16 26.60 -0.77
N LYS B 133 -4.89 26.59 0.34
CA LYS B 133 -4.35 26.14 1.61
C LYS B 133 -5.09 24.90 2.09
N SER B 134 -4.33 23.92 2.59
CA SER B 134 -4.89 22.74 3.24
C SER B 134 -5.26 23.02 4.69
N SER B 135 -4.76 24.12 5.26
CA SER B 135 -5.19 24.61 6.56
C SER B 135 -5.52 26.08 6.38
N GLY B 136 -6.76 26.45 6.64
CA GLY B 136 -7.18 27.81 6.40
C GLY B 136 -7.69 28.03 4.98
N SER B 137 -7.82 29.30 4.63
CA SER B 137 -8.45 29.70 3.37
C SER B 137 -7.62 30.82 2.73
N SER B 138 -7.16 30.57 1.51
CA SER B 138 -6.52 31.59 0.66
C SER B 138 -7.01 31.36 -0.76
N TYR B 139 -7.80 32.29 -1.29
CA TYR B 139 -8.39 32.07 -2.59
C TYR B 139 -7.68 32.93 -3.62
N PRO B 140 -7.21 32.36 -4.71
CA PRO B 140 -6.34 33.10 -5.63
C PRO B 140 -7.12 33.90 -6.66
N SER B 141 -6.42 34.89 -7.23
CA SER B 141 -6.92 35.64 -8.36
C SER B 141 -6.57 34.96 -9.68
N LEU B 142 -5.36 34.41 -9.80
CA LEU B 142 -4.91 33.80 -11.03
C LEU B 142 -5.20 32.30 -11.01
N LEU B 143 -5.59 31.79 -12.16
CA LEU B 143 -5.92 30.37 -12.29
C LEU B 143 -4.74 29.52 -11.86
N GLN B 144 -5.02 28.52 -11.02
CA GLN B 144 -4.01 27.61 -10.53
C GLN B 144 -4.08 26.28 -11.28
N CYS B 145 -2.91 25.66 -11.39
CA CYS B 145 -2.69 24.44 -12.16
C CYS B 145 -1.97 23.41 -11.29
N LEU B 146 -2.25 22.14 -11.57
CA LEU B 146 -1.59 21.05 -10.84
C LEU B 146 -1.50 19.83 -11.75
N LYS B 147 -0.28 19.33 -11.92
CA LYS B 147 -0.07 18.06 -12.62
C LYS B 147 -0.28 16.93 -11.61
N ALA B 148 -1.05 15.91 -12.00
CA ALA B 148 -1.35 14.83 -11.07
C ALA B 148 -1.70 13.57 -11.83
N PRO B 149 -1.34 12.39 -11.32
CA PRO B 149 -1.69 11.15 -12.03
C PRO B 149 -2.98 10.50 -11.56
N VAL B 150 -3.62 9.81 -12.51
CA VAL B 150 -4.75 8.97 -12.15
C VAL B 150 -4.26 7.86 -11.22
N LEU B 151 -5.02 7.58 -10.15
CA LEU B 151 -4.67 6.52 -9.21
C LEU B 151 -5.46 5.25 -9.53
N SER B 152 -4.89 4.11 -9.14
CA SER B 152 -5.60 2.85 -9.32
C SER B 152 -6.91 2.83 -8.54
N ASP B 153 -7.87 2.09 -9.08
CA ASP B 153 -9.13 1.90 -8.38
C ASP B 153 -8.89 1.29 -7.00
N SER B 154 -7.97 0.36 -6.88
CA SER B 154 -7.76 -0.24 -5.57
C SER B 154 -7.22 0.79 -4.58
N SER B 155 -6.30 1.65 -5.01
CA SER B 155 -5.77 2.68 -4.11
C SER B 155 -6.86 3.69 -3.74
N CYS B 156 -7.68 4.08 -4.72
CA CYS B 156 -8.83 4.94 -4.44
C CYS B 156 -9.75 4.30 -3.41
N LYS B 157 -10.05 3.02 -3.58
CA LYS B 157 -11.00 2.35 -2.68
C LYS B 157 -10.41 2.18 -1.28
N SER B 158 -9.10 1.93 -1.19
CA SER B 158 -8.44 1.86 0.10
C SER B 158 -8.50 3.19 0.84
N SER B 159 -8.41 4.31 0.11
CA SER B 159 -8.43 5.59 0.77
C SER B 159 -9.81 5.96 1.24
N TYR B 160 -10.86 5.51 0.54
CA TYR B 160 -12.24 5.88 0.83
C TYR B 160 -13.13 4.64 0.87
N PRO B 161 -12.93 3.75 1.85
CA PRO B 161 -13.68 2.49 1.87
C PRO B 161 -15.18 2.71 1.72
N GLY B 162 -15.77 1.96 0.78
CA GLY B 162 -17.19 1.97 0.56
C GLY B 162 -17.76 3.14 -0.20
N GLN B 163 -17.00 4.22 -0.42
CA GLN B 163 -17.53 5.47 -0.96
C GLN B 163 -17.22 5.71 -2.43
N ILE B 164 -16.39 4.89 -3.05
CA ILE B 164 -16.00 5.06 -4.46
C ILE B 164 -16.87 4.17 -5.32
N THR B 165 -17.70 4.76 -6.17
CA THR B 165 -18.51 4.01 -7.11
C THR B 165 -17.73 3.85 -8.41
N GLY B 166 -18.29 3.09 -9.34
CA GLY B 166 -17.73 3.01 -10.67
C GLY B 166 -17.70 4.32 -11.41
N ASN B 167 -18.37 5.35 -10.91
CA ASN B 167 -18.40 6.63 -11.60
C ASN B 167 -17.43 7.64 -11.01
N MET B 168 -16.45 7.16 -10.26
CA MET B 168 -15.51 8.01 -9.56
C MET B 168 -14.11 7.49 -9.80
N ILE B 169 -13.17 8.41 -9.92
CA ILE B 169 -11.75 8.12 -9.99
C ILE B 169 -11.01 9.04 -9.01
N CYS B 170 -9.93 8.53 -8.43
CA CYS B 170 -9.03 9.34 -7.63
C CYS B 170 -7.86 9.79 -8.50
N VAL B 171 -7.50 11.06 -8.36
CA VAL B 171 -6.36 11.62 -9.08
C VAL B 171 -5.61 12.46 -8.07
N GLY B 172 -4.29 12.29 -8.03
CA GLY B 172 -3.52 13.03 -7.06
C GLY B 172 -2.38 12.23 -6.43
N PHE B 173 -2.15 12.49 -5.16
CA PHE B 173 -0.96 12.01 -4.47
C PHE B 173 -1.29 11.52 -3.07
N LEU B 174 -0.90 10.29 -2.77
CA LEU B 174 -1.21 9.71 -1.45
C LEU B 174 -0.43 10.38 -0.34
N GLU B 175 0.75 10.95 -0.64
CA GLU B 175 1.57 11.56 0.41
C GLU B 175 1.01 12.89 0.89
N GLY B 176 -0.05 13.40 0.26
CA GLY B 176 -0.60 14.69 0.62
C GLY B 176 0.17 15.82 -0.02
N GLY B 177 -0.33 17.05 0.20
CA GLY B 177 0.34 18.27 -0.20
C GLY B 177 -0.11 18.86 -1.53
N LYS B 178 -0.72 18.06 -2.41
CA LYS B 178 -1.15 18.52 -3.73
C LYS B 178 -2.53 17.97 -4.04
N ASP B 179 -3.50 18.85 -4.32
CA ASP B 179 -4.90 18.44 -4.43
C ASP B 179 -5.73 19.63 -4.91
N SER B 180 -6.90 19.32 -5.43
CA SER B 180 -7.91 20.37 -5.62
C SER B 180 -8.62 20.60 -4.29
N CYS B 181 -9.47 21.62 -4.25
CA CYS B 181 -10.07 22.04 -2.99
C CYS B 181 -11.38 22.76 -3.29
N GLN B 182 -12.03 23.20 -2.21
CA GLN B 182 -13.27 23.95 -2.31
C GLN B 182 -13.09 25.13 -3.28
N GLY B 183 -14.05 25.31 -4.19
CA GLY B 183 -13.96 26.32 -5.22
C GLY B 183 -13.34 25.86 -6.51
N ASP B 184 -12.63 24.74 -6.49
CA ASP B 184 -12.25 24.04 -7.71
C ASP B 184 -13.35 23.11 -8.24
N SER B 185 -14.36 22.84 -7.41
CA SER B 185 -15.44 21.90 -7.75
C SER B 185 -16.03 22.22 -9.10
N GLY B 186 -16.28 21.15 -9.88
CA GLY B 186 -16.83 21.29 -11.21
C GLY B 186 -15.78 21.49 -12.28
N GLY B 187 -14.53 21.81 -11.91
CA GLY B 187 -13.50 22.08 -12.89
C GLY B 187 -12.88 20.82 -13.47
N PRO B 188 -11.98 21.03 -14.43
CA PRO B 188 -11.45 19.93 -15.26
C PRO B 188 -10.25 19.20 -14.68
N VAL B 189 -10.17 17.93 -15.06
CA VAL B 189 -8.99 17.10 -15.03
C VAL B 189 -8.82 16.63 -16.47
N VAL B 190 -7.75 17.09 -17.14
CA VAL B 190 -7.54 16.80 -18.55
C VAL B 190 -6.27 15.99 -18.72
N CYS B 191 -6.36 14.90 -19.47
CA CYS B 191 -5.24 13.99 -19.62
C CYS B 191 -5.12 13.66 -21.10
N ASN B 192 -3.93 13.88 -21.67
CA ASN B 192 -3.71 13.60 -23.10
C ASN B 192 -4.80 14.24 -23.97
N GLY B 193 -5.13 15.48 -23.66
CA GLY B 193 -6.06 16.22 -24.47
C GLY B 193 -7.51 15.84 -24.30
N GLN B 194 -7.87 15.05 -23.27
CA GLN B 194 -9.25 14.63 -23.07
C GLN B 194 -9.73 14.93 -21.65
N LEU B 195 -10.96 15.40 -21.53
CA LEU B 195 -11.54 15.66 -20.21
C LEU B 195 -11.88 14.32 -19.55
N GLN B 196 -11.12 13.92 -18.52
CA GLN B 196 -11.40 12.64 -17.86
C GLN B 196 -12.03 12.76 -16.48
N GLY B 197 -11.93 13.92 -15.83
CA GLY B 197 -12.46 14.07 -14.48
C GLY B 197 -13.08 15.44 -14.29
N ILE B 198 -13.99 15.50 -13.32
CA ILE B 198 -14.63 16.73 -12.86
C ILE B 198 -14.37 16.78 -11.37
N VAL B 199 -13.81 17.88 -10.90
CA VAL B 199 -13.56 18.00 -9.47
C VAL B 199 -14.85 17.76 -8.70
N SER B 200 -14.86 16.79 -7.78
CA SER B 200 -16.08 16.37 -7.11
C SER B 200 -15.96 16.50 -5.59
N TRP B 201 -15.10 15.72 -4.92
CA TRP B 201 -15.09 15.75 -3.45
C TRP B 201 -13.79 15.16 -2.94
N GLY B 202 -13.61 15.25 -1.64
CA GLY B 202 -12.49 14.61 -0.95
C GLY B 202 -12.66 14.90 0.52
N TYR B 203 -11.78 14.32 1.33
CA TYR B 203 -11.73 14.61 2.76
C TYR B 203 -10.73 15.75 2.96
N GLY B 204 -11.23 16.90 3.38
CA GLY B 204 -10.34 18.04 3.44
C GLY B 204 -9.77 18.32 2.07
N CYS B 205 -8.55 18.84 2.05
CA CYS B 205 -7.79 19.07 0.83
C CYS B 205 -6.35 18.71 1.13
N ALA B 206 -5.74 17.94 0.23
CA ALA B 206 -4.30 17.68 0.27
C ALA B 206 -3.87 16.96 1.54
N GLN B 207 -4.74 16.10 2.06
CA GLN B 207 -4.40 15.31 3.23
C GLN B 207 -3.85 13.94 2.82
N LYS B 208 -2.99 13.39 3.68
CA LYS B 208 -2.34 12.12 3.38
C LYS B 208 -3.40 11.04 3.22
N ASN B 209 -3.24 10.22 2.19
CA ASN B 209 -4.10 9.06 1.97
C ASN B 209 -5.55 9.45 1.75
N LYS B 210 -5.81 10.69 1.36
CA LYS B 210 -7.15 11.15 0.97
C LYS B 210 -7.05 12.00 -0.29
N PRO B 211 -6.80 11.37 -1.41
CA PRO B 211 -6.66 12.11 -2.67
C PRO B 211 -8.00 12.62 -3.15
N GLY B 212 -7.96 13.52 -4.12
CA GLY B 212 -9.18 14.03 -4.68
C GLY B 212 -9.97 12.94 -5.36
N VAL B 213 -11.30 13.04 -5.26
CA VAL B 213 -12.23 12.18 -5.97
C VAL B 213 -12.91 13.00 -7.06
N TYR B 214 -13.03 12.42 -8.25
CA TYR B 214 -13.41 13.11 -9.47
C TYR B 214 -14.47 12.29 -10.20
N THR B 215 -15.43 12.96 -10.82
CA THR B 215 -16.42 12.26 -11.62
C THR B 215 -15.75 11.68 -12.83
N LYS B 216 -16.03 10.43 -13.10
CA LYS B 216 -15.37 9.69 -14.17
C LYS B 216 -16.07 9.95 -15.51
N VAL B 217 -15.59 11.01 -16.20
CA VAL B 217 -16.30 11.56 -17.36
C VAL B 217 -16.49 10.53 -18.47
N CYS B 218 -15.57 9.56 -18.60
CA CYS B 218 -15.68 8.57 -19.66
C CYS B 218 -16.87 7.62 -19.49
N ASN B 219 -17.63 7.68 -18.38
CA ASN B 219 -18.86 6.91 -18.31
C ASN B 219 -20.08 7.71 -18.78
N TYR B 220 -19.85 8.94 -19.27
CA TYR B 220 -20.97 9.85 -19.53
C TYR B 220 -20.99 10.40 -20.96
N VAL B 221 -20.11 9.92 -21.82
CA VAL B 221 -20.02 10.55 -23.16
C VAL B 221 -21.32 10.40 -23.94
N ASN B 222 -21.96 9.24 -23.88
CA ASN B 222 -23.22 9.07 -24.60
C ASN B 222 -24.30 10.00 -24.07
N TRP B 223 -24.41 10.11 -22.73
CA TRP B 223 -25.39 11.02 -22.13
C TRP B 223 -25.09 12.45 -22.56
N ILE B 224 -23.82 12.84 -22.55
CA ILE B 224 -23.48 14.21 -22.93
C ILE B 224 -23.87 14.47 -24.38
N GLN B 225 -23.48 13.57 -25.27
CA GLN B 225 -23.78 13.73 -26.68
C GLN B 225 -25.27 13.77 -26.94
N GLN B 226 -26.04 12.89 -26.29
CA GLN B 226 -27.49 12.89 -26.49
C GLN B 226 -28.11 14.17 -25.97
N THR B 227 -27.65 14.63 -24.80
CA THR B 227 -28.19 15.87 -24.25
C THR B 227 -27.93 17.04 -25.21
N ILE B 228 -26.71 17.11 -25.74
CA ILE B 228 -26.37 18.19 -26.65
C ILE B 228 -27.21 18.11 -27.91
N ALA B 229 -27.43 16.90 -28.41
CA ALA B 229 -28.19 16.74 -29.66
C ALA B 229 -29.65 17.10 -29.47
N ALA B 230 -30.20 16.81 -28.30
CA ALA B 230 -31.63 16.97 -28.05
C ALA B 230 -32.01 18.36 -27.59
N ASN B 231 -31.09 19.07 -26.92
CA ASN B 231 -31.43 20.32 -26.25
C ASN B 231 -30.84 21.44 -27.08
N ILE C 9 14.96 -14.19 22.38
CA ILE C 9 13.53 -13.93 22.72
C ILE C 9 13.53 -12.87 23.83
N VAL C 10 12.94 -11.71 23.52
CA VAL C 10 12.75 -10.61 24.46
C VAL C 10 11.35 -10.72 25.09
N GLY C 11 11.28 -10.66 26.41
CA GLY C 11 9.99 -10.60 27.08
C GLY C 11 9.23 -11.91 27.10
N GLY C 12 9.92 -13.03 26.94
CA GLY C 12 9.33 -14.34 27.03
C GLY C 12 9.52 -14.96 28.38
N TYR C 13 9.59 -16.27 28.39
CA TYR C 13 9.77 -17.06 29.60
C TYR C 13 10.64 -18.27 29.28
N THR C 14 11.25 -18.83 30.31
CA THR C 14 12.08 -20.00 30.11
C THR C 14 11.14 -21.19 29.86
N CYS C 15 11.32 -21.82 28.70
CA CYS C 15 10.53 -22.98 28.38
C CYS C 15 10.84 -24.05 29.42
N ALA C 16 9.88 -24.91 29.71
CA ALA C 16 10.24 -26.10 30.47
C ALA C 16 11.22 -26.92 29.63
N ALA C 17 12.12 -27.64 30.30
CA ALA C 17 13.16 -28.36 29.58
C ALA C 17 12.56 -29.35 28.59
N ASN C 18 13.00 -29.22 27.33
CA ASN C 18 12.66 -30.12 26.24
C ASN C 18 11.19 -30.05 25.88
N SER C 19 10.50 -28.95 26.27
CA SER C 19 9.07 -28.79 26.00
C SER C 19 8.80 -28.33 24.58
N ILE C 20 9.85 -27.91 23.86
CA ILE C 20 9.82 -27.54 22.43
C ILE C 20 10.71 -28.54 21.69
N PRO C 21 10.28 -29.81 21.55
CA PRO C 21 11.24 -30.86 21.22
C PRO C 21 11.69 -30.83 19.76
N TYR C 22 11.09 -30.00 18.93
CA TYR C 22 11.48 -29.79 17.54
C TYR C 22 12.49 -28.68 17.36
N GLN C 23 12.78 -27.94 18.42
CA GLN C 23 13.74 -26.85 18.34
C GLN C 23 15.16 -27.42 18.33
N VAL C 24 15.96 -26.98 17.36
CA VAL C 24 17.36 -27.33 17.28
C VAL C 24 18.20 -26.07 17.41
N SER C 25 19.44 -26.26 17.80
CA SER C 25 20.48 -25.24 17.75
C SER C 25 21.44 -25.61 16.64
N LEU C 26 21.77 -24.64 15.82
CA LEU C 26 22.80 -24.80 14.81
C LEU C 26 24.11 -24.28 15.39
N ASN C 27 25.14 -25.12 15.39
CA ASN C 27 26.39 -24.88 16.08
C ASN C 27 27.57 -24.99 15.12
N SER C 28 28.47 -24.02 15.16
CA SER C 28 29.70 -24.05 14.36
C SER C 28 30.93 -23.75 15.22
N GLY C 29 30.91 -24.20 16.48
CA GLY C 29 31.86 -23.79 17.48
C GLY C 29 31.10 -23.18 18.65
N SER C 30 30.06 -22.43 18.33
CA SER C 30 29.10 -21.98 19.30
C SER C 30 27.73 -21.98 18.63
N HIS C 31 26.69 -21.82 19.43
CA HIS C 31 25.34 -21.61 18.91
C HIS C 31 25.28 -20.34 18.06
N PHE C 32 24.65 -20.42 16.89
CA PHE C 32 24.50 -19.23 16.07
C PHE C 32 23.12 -19.05 15.43
N CYS C 33 22.28 -20.07 15.39
CA CYS C 33 20.95 -19.95 14.82
C CYS C 33 20.13 -21.11 15.33
N GLY C 34 18.83 -20.98 15.15
CA GLY C 34 17.88 -22.02 15.43
C GLY C 34 17.47 -22.77 14.18
N GLY C 35 16.63 -23.77 14.39
CA GLY C 35 16.01 -24.52 13.32
C GLY C 35 14.95 -25.41 13.92
N SER C 36 14.24 -26.11 13.03
CA SER C 36 13.10 -26.94 13.38
C SER C 36 13.20 -28.29 12.69
N LEU C 37 13.03 -29.34 13.46
CA LEU C 37 13.04 -30.70 12.92
C LEU C 37 11.67 -31.07 12.35
N ILE C 38 11.63 -31.34 11.05
CA ILE C 38 10.37 -31.64 10.34
C ILE C 38 10.19 -33.08 9.97
N ASN C 39 11.24 -33.89 10.04
CA ASN C 39 11.15 -35.36 9.93
C ASN C 39 12.45 -35.86 10.55
N SER C 40 12.64 -37.17 10.61
CA SER C 40 13.80 -37.65 11.39
C SER C 40 15.14 -37.26 10.76
N GLN C 41 15.15 -36.84 9.48
CA GLN C 41 16.40 -36.55 8.81
C GLN C 41 16.55 -35.11 8.35
N TRP C 42 15.54 -34.25 8.50
CA TRP C 42 15.57 -32.93 7.90
C TRP C 42 15.16 -31.80 8.86
N VAL C 43 15.93 -30.70 8.81
CA VAL C 43 15.70 -29.49 9.58
C VAL C 43 15.42 -28.32 8.65
N VAL C 44 14.46 -27.50 9.02
CA VAL C 44 14.15 -26.23 8.35
C VAL C 44 14.77 -25.09 9.13
N SER C 45 15.46 -24.19 8.44
CA SER C 45 16.06 -22.99 9.06
C SER C 45 15.98 -21.85 8.06
N ALA C 46 16.74 -20.80 8.31
CA ALA C 46 16.77 -19.63 7.46
C ALA C 46 18.02 -19.65 6.60
N ALA C 47 17.88 -19.30 5.32
CA ALA C 47 19.07 -19.27 4.47
C ALA C 47 20.12 -18.27 4.95
N HIS C 48 19.72 -17.20 5.64
CA HIS C 48 20.74 -16.24 6.09
C HIS C 48 21.59 -16.83 7.22
N CYS C 49 21.19 -17.98 7.74
CA CYS C 49 22.01 -18.75 8.69
C CYS C 49 22.98 -19.70 8.03
N TYR C 50 23.09 -19.66 6.71
CA TYR C 50 23.95 -20.63 6.03
C TYR C 50 25.38 -20.57 6.53
N LYS C 51 25.96 -21.76 6.76
CA LYS C 51 27.42 -21.96 6.85
C LYS C 51 27.74 -23.27 6.13
N SER C 52 29.02 -23.44 5.73
CA SER C 52 29.39 -24.61 4.93
C SER C 52 29.51 -25.89 5.77
N ARG C 53 29.68 -25.75 7.08
CA ARG C 53 29.74 -26.86 8.01
C ARG C 53 28.90 -26.50 9.24
N ILE C 54 27.97 -27.38 9.62
CA ILE C 54 27.05 -27.12 10.71
C ILE C 54 26.87 -28.41 11.50
N GLN C 55 26.93 -28.30 12.81
CA GLN C 55 26.52 -29.39 13.70
C GLN C 55 25.15 -29.03 14.25
N VAL C 56 24.20 -29.93 14.05
CA VAL C 56 22.84 -29.73 14.55
C VAL C 56 22.78 -30.32 15.95
N ARG C 57 22.31 -29.55 16.90
CA ARG C 57 22.20 -30.01 18.29
C ARG C 57 20.73 -30.06 18.66
N LEU C 58 20.23 -31.27 18.82
CA LEU C 58 18.85 -31.57 19.19
C LEU C 58 18.79 -31.93 20.66
N GLY C 59 17.58 -31.84 21.22
CA GLY C 59 17.41 -32.22 22.64
C GLY C 59 18.08 -31.28 23.60
N GLU C 60 18.32 -30.03 23.20
CA GLU C 60 18.96 -29.04 24.05
C GLU C 60 17.96 -28.28 24.91
N HIS C 61 18.37 -28.05 26.18
CA HIS C 61 17.72 -27.01 26.97
C HIS C 61 18.74 -25.95 27.37
N ASN C 62 19.67 -26.29 28.28
CA ASN C 62 20.86 -25.47 28.50
C ASN C 62 21.89 -25.77 27.41
N ILE C 63 22.19 -24.77 26.58
CA ILE C 63 23.11 -25.01 25.47
C ILE C 63 24.56 -25.00 25.90
N ASP C 64 24.80 -24.65 27.16
CA ASP C 64 26.15 -24.57 27.70
C ASP C 64 26.53 -25.76 28.56
N VAL C 65 25.60 -26.65 28.88
CA VAL C 65 25.81 -27.75 29.82
C VAL C 65 25.21 -29.01 29.24
N LEU C 66 25.94 -30.13 29.32
CA LEU C 66 25.36 -31.41 28.95
C LEU C 66 24.39 -31.86 30.01
N GLU C 67 23.17 -32.15 29.60
CA GLU C 67 22.10 -32.56 30.50
C GLU C 67 21.54 -33.94 30.21
N GLY C 68 21.97 -34.60 29.13
CA GLY C 68 21.67 -36.00 28.92
C GLY C 68 20.67 -36.33 27.86
N ASN C 69 20.09 -35.34 27.20
CA ASN C 69 19.11 -35.57 26.14
C ASN C 69 19.59 -35.05 24.80
N GLU C 70 20.81 -34.52 24.74
CA GLU C 70 21.35 -33.97 23.49
C GLU C 70 21.65 -35.04 22.47
N GLN C 71 21.44 -34.69 21.19
CA GLN C 71 21.99 -35.40 20.05
C GLN C 71 22.75 -34.37 19.24
N PHE C 72 24.02 -34.67 18.94
CA PHE C 72 24.86 -33.79 18.12
C PHE C 72 25.06 -34.54 16.82
N ILE C 73 24.50 -34.01 15.74
CA ILE C 73 24.49 -34.70 14.43
C ILE C 73 24.95 -33.70 13.38
N ASN C 74 25.99 -34.06 12.64
CA ASN C 74 26.49 -33.15 11.63
C ASN C 74 25.54 -33.07 10.45
N ALA C 75 25.44 -31.89 9.88
CA ALA C 75 24.67 -31.73 8.64
C ALA C 75 25.42 -32.41 7.51
N ALA C 76 24.75 -33.29 6.79
CA ALA C 76 25.32 -33.88 5.60
C ALA C 76 25.05 -33.03 4.36
N LYS C 77 23.91 -32.34 4.34
CA LYS C 77 23.53 -31.46 3.24
C LYS C 77 22.94 -30.18 3.80
N ILE C 78 23.38 -29.05 3.25
CA ILE C 78 22.94 -27.74 3.68
C ILE C 78 22.49 -27.02 2.40
N ILE C 79 21.19 -26.84 2.25
CA ILE C 79 20.54 -26.48 0.98
C ILE C 79 19.73 -25.21 1.16
N THR C 80 20.12 -24.12 0.46
CA THR C 80 19.40 -22.87 0.52
C THR C 80 18.53 -22.71 -0.71
N HIS C 81 17.45 -21.95 -0.53
CA HIS C 81 16.59 -21.62 -1.65
C HIS C 81 17.44 -21.02 -2.77
N PRO C 82 17.29 -21.47 -4.00
CA PRO C 82 18.18 -21.01 -5.07
C PRO C 82 18.11 -19.51 -5.32
N ASN C 83 16.99 -18.87 -5.00
CA ASN C 83 16.80 -17.44 -5.24
C ASN C 83 16.69 -16.66 -3.92
N PHE C 84 17.27 -17.20 -2.85
CA PHE C 84 17.48 -16.40 -1.65
C PHE C 84 18.28 -15.15 -1.98
N ASN C 85 17.83 -14.01 -1.49
CA ASN C 85 18.55 -12.77 -1.70
C ASN C 85 18.98 -12.22 -0.33
N GLY C 86 20.29 -12.04 -0.15
CA GLY C 86 20.80 -11.65 1.16
C GLY C 86 20.57 -10.20 1.53
N ASN C 87 20.26 -9.37 0.53
CA ASN C 87 19.93 -7.96 0.76
C ASN C 87 18.49 -7.78 1.20
N THR C 88 17.54 -8.38 0.46
CA THR C 88 16.12 -8.24 0.77
C THR C 88 15.64 -9.29 1.76
N LEU C 89 16.39 -10.38 1.93
CA LEU C 89 16.00 -11.54 2.73
C LEU C 89 14.76 -12.25 2.18
N ASP C 90 14.44 -12.04 0.89
CA ASP C 90 13.36 -12.80 0.28
C ASP C 90 13.81 -14.24 0.09
N ASN C 91 12.86 -15.15 0.24
CA ASN C 91 13.11 -16.59 0.20
C ASN C 91 14.12 -17.04 1.26
N ASP C 92 13.94 -16.59 2.51
CA ASP C 92 14.86 -16.85 3.63
C ASP C 92 14.57 -18.22 4.26
N ILE C 93 14.97 -19.26 3.52
CA ILE C 93 14.66 -20.64 3.90
C ILE C 93 15.81 -21.54 3.47
N MET C 94 16.15 -22.50 4.33
CA MET C 94 17.21 -23.45 4.13
C MET C 94 16.76 -24.79 4.70
N LEU C 95 17.20 -25.86 4.06
CA LEU C 95 16.97 -27.24 4.51
C LEU C 95 18.30 -27.89 4.84
N ILE C 96 18.36 -28.59 5.97
CA ILE C 96 19.52 -29.38 6.32
C ILE C 96 19.12 -30.84 6.40
N LYS C 97 19.89 -31.71 5.78
CA LYS C 97 19.72 -33.16 5.92
C LYS C 97 20.78 -33.65 6.89
N LEU C 98 20.33 -34.36 7.91
CA LEU C 98 21.23 -34.88 8.91
C LEU C 98 22.06 -36.05 8.41
N SER C 99 23.29 -36.15 8.89
CA SER C 99 24.12 -37.29 8.49
C SER C 99 23.60 -38.64 8.98
N SER C 100 22.85 -38.68 10.06
CA SER C 100 22.20 -39.89 10.54
C SER C 100 20.85 -39.42 11.05
N PRO C 101 19.82 -40.27 11.04
CA PRO C 101 18.52 -39.82 11.52
C PRO C 101 18.59 -39.50 13.00
N ALA C 102 17.87 -38.47 13.39
CA ALA C 102 17.69 -38.21 14.81
C ALA C 102 16.88 -39.34 15.39
N THR C 103 17.16 -39.67 16.66
CA THR C 103 16.34 -40.61 17.43
C THR C 103 15.19 -39.82 18.01
N LEU C 104 13.97 -40.20 17.68
CA LEU C 104 12.79 -39.47 18.10
C LEU C 104 12.26 -40.06 19.41
N ASN C 105 11.96 -39.17 20.33
CA ASN C 105 11.49 -39.54 21.68
C ASN C 105 10.69 -38.36 22.21
N SER C 106 10.41 -38.33 23.51
CA SER C 106 9.59 -37.25 24.01
C SER C 106 10.34 -35.91 24.03
N ARG C 107 11.67 -35.95 23.95
CA ARG C 107 12.47 -34.72 24.00
C ARG C 107 13.05 -34.30 22.65
N VAL C 108 12.96 -35.13 21.64
CA VAL C 108 13.43 -34.82 20.28
C VAL C 108 12.33 -35.32 19.34
N ALA C 109 11.57 -34.40 18.79
CA ALA C 109 10.34 -34.75 18.09
C ALA C 109 10.15 -33.78 16.93
N THR C 110 9.37 -34.21 15.95
CA THR C 110 9.15 -33.46 14.74
C THR C 110 7.95 -32.53 14.88
N VAL C 111 7.97 -31.46 14.07
CA VAL C 111 6.82 -30.57 13.94
C VAL C 111 6.35 -30.61 12.48
N SER C 112 5.07 -30.39 12.29
CA SER C 112 4.42 -30.52 10.98
C SER C 112 4.61 -29.23 10.20
N LEU C 113 4.80 -29.37 8.89
CA LEU C 113 4.60 -28.25 7.99
C LEU C 113 3.14 -27.80 8.01
N PRO C 114 2.88 -26.58 7.59
CA PRO C 114 1.51 -26.05 7.67
C PRO C 114 0.63 -26.62 6.57
N ARG C 115 -0.64 -26.85 6.92
CA ARG C 115 -1.65 -27.30 5.97
C ARG C 115 -2.18 -26.11 5.18
N SER C 116 -2.28 -24.96 5.82
CA SER C 116 -2.62 -23.69 5.19
C SER C 116 -1.86 -22.61 5.94
N CYS C 117 -1.75 -21.46 5.31
CA CYS C 117 -1.21 -20.32 5.96
C CYS C 117 -2.04 -19.95 7.18
N ALA C 118 -1.40 -19.29 8.14
CA ALA C 118 -2.05 -18.85 9.37
C ALA C 118 -2.84 -17.56 9.17
N ALA C 119 -4.05 -17.53 9.72
CA ALA C 119 -4.86 -16.32 9.71
C ALA C 119 -4.33 -15.30 10.70
N ALA C 120 -4.55 -14.02 10.39
CA ALA C 120 -4.21 -12.98 11.34
C ALA C 120 -4.92 -13.24 12.67
N GLY C 121 -4.19 -13.04 13.76
CA GLY C 121 -4.69 -13.23 15.10
C GLY C 121 -4.38 -14.58 15.69
N THR C 122 -3.99 -15.55 14.86
CA THR C 122 -3.61 -16.85 15.37
C THR C 122 -2.42 -16.71 16.31
N GLU C 123 -2.51 -17.36 17.46
CA GLU C 123 -1.43 -17.35 18.44
C GLU C 123 -0.41 -18.42 18.12
N CYS C 124 0.85 -18.07 18.29
CA CYS C 124 1.96 -18.93 17.95
C CYS C 124 3.01 -18.91 19.05
N LEU C 125 3.81 -19.95 19.08
CA LEU C 125 4.92 -20.08 20.03
C LEU C 125 6.24 -19.93 19.26
N ILE C 126 7.02 -18.93 19.68
CA ILE C 126 8.32 -18.59 19.09
C ILE C 126 9.38 -18.94 20.13
N SER C 127 10.48 -19.56 19.73
CA SER C 127 11.44 -20.00 20.72
C SER C 127 12.87 -19.83 20.20
N GLY C 128 13.83 -19.76 21.14
CA GLY C 128 15.22 -19.71 20.73
C GLY C 128 16.15 -19.27 21.86
N TRP C 129 17.44 -19.30 21.54
CA TRP C 129 18.52 -18.88 22.44
C TRP C 129 19.11 -17.54 22.03
N GLY C 130 18.31 -16.71 21.38
CA GLY C 130 18.78 -15.41 20.97
C GLY C 130 18.76 -14.39 22.09
N ASN C 131 19.14 -13.18 21.72
CA ASN C 131 19.23 -12.06 22.64
C ASN C 131 17.90 -11.86 23.35
N THR C 132 17.96 -11.61 24.68
CA THR C 132 16.76 -11.42 25.49
C THR C 132 16.52 -9.96 25.84
N LYS C 133 17.34 -9.05 25.30
CA LYS C 133 17.25 -7.63 25.62
C LYS C 133 16.80 -6.79 24.42
N SER C 134 15.89 -5.84 24.66
CA SER C 134 15.43 -4.92 23.62
C SER C 134 16.45 -3.85 23.28
N SER C 135 17.44 -3.70 24.15
CA SER C 135 18.53 -2.76 23.95
C SER C 135 19.78 -3.36 24.60
N GLY C 136 20.91 -3.28 23.90
CA GLY C 136 22.07 -4.03 24.30
C GLY C 136 21.88 -5.53 24.04
N SER C 137 22.71 -6.35 24.68
CA SER C 137 22.62 -7.79 24.45
C SER C 137 22.89 -8.63 25.68
N SER C 138 22.11 -9.70 25.82
CA SER C 138 22.38 -10.75 26.77
C SER C 138 21.87 -12.03 26.13
N TYR C 139 22.66 -13.11 26.23
CA TYR C 139 22.29 -14.34 25.57
C TYR C 139 22.10 -15.44 26.60
N PRO C 140 20.98 -16.14 26.58
CA PRO C 140 20.63 -17.05 27.66
C PRO C 140 21.25 -18.42 27.45
N SER C 141 21.41 -19.13 28.55
CA SER C 141 21.76 -20.55 28.47
C SER C 141 20.53 -21.42 28.21
N LEU C 142 19.39 -21.05 28.75
CA LEU C 142 18.20 -21.89 28.73
C LEU C 142 17.24 -21.42 27.63
N LEU C 143 16.62 -22.35 26.92
CA LEU C 143 15.74 -21.99 25.82
C LEU C 143 14.60 -21.09 26.30
N GLN C 144 14.34 -20.03 25.54
CA GLN C 144 13.26 -19.11 25.83
C GLN C 144 12.08 -19.33 24.88
N CYS C 145 10.88 -19.01 25.39
CA CYS C 145 9.59 -19.19 24.73
C CYS C 145 8.79 -17.88 24.78
N LEU C 146 7.98 -17.63 23.75
CA LEU C 146 7.15 -16.45 23.67
C LEU C 146 5.89 -16.79 22.89
N LYS C 147 4.72 -16.43 23.43
CA LYS C 147 3.45 -16.59 22.73
C LYS C 147 3.09 -15.24 22.09
N ALA C 148 2.83 -15.24 20.79
CA ALA C 148 2.48 -14.00 20.12
C ALA C 148 1.63 -14.26 18.90
N PRO C 149 0.81 -13.31 18.47
CA PRO C 149 -0.08 -13.55 17.32
C PRO C 149 0.46 -13.11 15.97
N VAL C 150 -0.02 -13.79 14.92
CA VAL C 150 0.21 -13.36 13.55
C VAL C 150 -0.50 -12.03 13.33
N LEU C 151 0.20 -11.08 12.72
CA LEU C 151 -0.38 -9.79 12.36
C LEU C 151 -0.84 -9.78 10.91
N SER C 152 -1.80 -8.91 10.64
CA SER C 152 -2.31 -8.80 9.29
C SER C 152 -1.21 -8.34 8.34
N ASP C 153 -1.33 -8.72 7.07
CA ASP C 153 -0.41 -8.26 6.05
C ASP C 153 -0.39 -6.75 5.96
N SER C 154 -1.56 -6.10 6.04
CA SER C 154 -1.58 -4.63 5.99
C SER C 154 -0.85 -4.03 7.18
N SER C 155 -0.99 -4.63 8.38
CA SER C 155 -0.25 -4.14 9.54
C SER C 155 1.25 -4.34 9.37
N CYS C 156 1.64 -5.50 8.85
CA CYS C 156 3.05 -5.79 8.57
C CYS C 156 3.64 -4.78 7.61
N LYS C 157 2.94 -4.53 6.51
CA LYS C 157 3.42 -3.63 5.46
C LYS C 157 3.49 -2.17 5.94
N SER C 158 2.53 -1.73 6.76
CA SER C 158 2.65 -0.38 7.32
C SER C 158 3.82 -0.26 8.29
N SER C 159 4.15 -1.35 9.00
CA SER C 159 5.31 -1.34 9.89
C SER C 159 6.63 -1.25 9.14
N TYR C 160 6.71 -1.88 7.96
CA TYR C 160 7.94 -1.95 7.18
C TYR C 160 7.66 -1.56 5.74
N PRO C 161 7.40 -0.27 5.50
CA PRO C 161 7.10 0.17 4.14
C PRO C 161 8.13 -0.27 3.12
N GLY C 162 7.65 -0.91 2.07
CA GLY C 162 8.47 -1.27 0.94
C GLY C 162 9.34 -2.50 1.13
N GLN C 163 9.21 -3.21 2.25
CA GLN C 163 10.15 -4.30 2.54
C GLN C 163 9.52 -5.66 2.74
N ILE C 164 8.18 -5.76 2.74
CA ILE C 164 7.48 -7.01 3.01
C ILE C 164 7.08 -7.63 1.68
N THR C 165 7.70 -8.76 1.34
CA THR C 165 7.30 -9.50 0.15
C THR C 165 6.19 -10.50 0.51
N GLY C 166 5.70 -11.17 -0.54
CA GLY C 166 4.69 -12.21 -0.39
C GLY C 166 5.17 -13.39 0.40
N ASN C 167 6.44 -13.47 0.68
CA ASN C 167 7.03 -14.58 1.40
C ASN C 167 7.36 -14.24 2.84
N MET C 168 6.73 -13.21 3.41
CA MET C 168 7.03 -12.76 4.76
C MET C 168 5.73 -12.54 5.52
N ILE C 169 5.75 -12.84 6.81
CA ILE C 169 4.67 -12.50 7.73
C ILE C 169 5.26 -11.79 8.94
N CYS C 170 4.42 -11.03 9.63
CA CYS C 170 4.79 -10.42 10.90
C CYS C 170 4.02 -11.07 12.03
N VAL C 171 4.70 -11.27 13.16
CA VAL C 171 4.15 -11.91 14.34
C VAL C 171 4.66 -11.07 15.51
N GLY C 172 3.79 -10.74 16.44
CA GLY C 172 4.22 -9.97 17.57
C GLY C 172 3.22 -8.96 18.04
N PHE C 173 3.71 -7.86 18.61
CA PHE C 173 2.86 -6.89 19.24
C PHE C 173 3.30 -5.52 18.76
N LEU C 174 2.36 -4.70 18.33
CA LEU C 174 2.73 -3.37 17.86
C LEU C 174 3.29 -2.45 18.95
N GLU C 175 2.94 -2.67 20.23
CA GLU C 175 3.53 -1.85 21.28
C GLU C 175 4.98 -2.21 21.58
N GLY C 176 5.49 -3.28 20.98
CA GLY C 176 6.84 -3.74 21.29
C GLY C 176 6.87 -4.55 22.58
N GLY C 177 8.07 -4.63 23.16
CA GLY C 177 8.31 -5.25 24.44
C GLY C 177 8.56 -6.74 24.40
N LYS C 178 7.93 -7.46 23.46
CA LYS C 178 8.06 -8.91 23.33
C LYS C 178 8.31 -9.22 21.86
N ASP C 179 9.37 -10.00 21.55
CA ASP C 179 9.76 -10.26 20.17
C ASP C 179 10.86 -11.30 20.17
N SER C 180 11.16 -11.85 18.99
CA SER C 180 12.39 -12.62 18.78
C SER C 180 13.54 -11.65 18.45
N CYS C 181 14.75 -12.17 18.34
CA CYS C 181 15.90 -11.27 18.15
C CYS C 181 17.03 -12.06 17.49
N GLN C 182 18.13 -11.38 17.23
CA GLN C 182 19.30 -12.05 16.70
C GLN C 182 19.70 -13.25 17.58
N GLY C 183 20.09 -14.34 16.93
CA GLY C 183 20.37 -15.61 17.56
C GLY C 183 19.15 -16.52 17.64
N ASP C 184 17.97 -15.97 17.52
CA ASP C 184 16.77 -16.78 17.32
C ASP C 184 16.59 -17.15 15.86
N SER C 185 17.23 -16.40 14.95
CA SER C 185 17.12 -16.57 13.52
C SER C 185 17.18 -18.03 13.10
N GLY C 186 16.30 -18.41 12.16
CA GLY C 186 16.20 -19.77 11.71
C GLY C 186 15.26 -20.64 12.51
N GLY C 187 14.88 -20.21 13.73
CA GLY C 187 14.03 -20.99 14.61
C GLY C 187 12.56 -20.89 14.28
N PRO C 188 11.78 -21.59 15.09
CA PRO C 188 10.37 -21.85 14.77
C PRO C 188 9.40 -20.80 15.27
N VAL C 189 8.35 -20.64 14.48
CA VAL C 189 7.09 -20.05 14.87
C VAL C 189 6.06 -21.14 14.61
N VAL C 190 5.45 -21.65 15.68
CA VAL C 190 4.56 -22.78 15.59
C VAL C 190 3.19 -22.37 16.10
N CYS C 191 2.18 -22.62 15.28
CA CYS C 191 0.81 -22.20 15.56
C CYS C 191 -0.06 -23.43 15.34
N ASN C 192 -0.86 -23.81 16.33
CA ASN C 192 -1.75 -24.96 16.13
C ASN C 192 -1.01 -26.15 15.54
N GLY C 193 0.16 -26.43 16.09
CA GLY C 193 0.96 -27.59 15.73
C GLY C 193 1.61 -27.53 14.37
N GLN C 194 1.77 -26.34 13.77
CA GLN C 194 2.25 -26.22 12.41
C GLN C 194 3.33 -25.15 12.38
N LEU C 195 4.42 -25.44 11.67
CA LEU C 195 5.53 -24.52 11.50
C LEU C 195 5.13 -23.48 10.45
N GLN C 196 4.63 -22.36 10.90
CA GLN C 196 4.14 -21.31 10.01
C GLN C 196 5.22 -20.30 9.67
N GLY C 197 6.20 -20.11 10.53
CA GLY C 197 7.20 -19.10 10.30
C GLY C 197 8.58 -19.57 10.69
N ILE C 198 9.58 -18.90 10.10
CA ILE C 198 10.99 -19.02 10.43
C ILE C 198 11.48 -17.64 10.86
N VAL C 199 12.12 -17.55 12.04
CA VAL C 199 12.69 -16.28 12.50
C VAL C 199 13.62 -15.74 11.42
N SER C 200 13.34 -14.53 10.91
CA SER C 200 14.08 -13.99 9.77
C SER C 200 14.72 -12.65 10.10
N TRP C 201 13.96 -11.57 10.33
CA TRP C 201 14.50 -10.23 10.51
C TRP C 201 13.52 -9.34 11.23
N GLY C 202 13.99 -8.13 11.51
CA GLY C 202 13.19 -7.09 12.14
C GLY C 202 14.10 -5.90 12.32
N TYR C 203 13.51 -4.75 12.65
CA TYR C 203 14.29 -3.55 12.94
C TYR C 203 14.52 -3.53 14.44
N GLY C 204 15.75 -3.78 14.85
CA GLY C 204 15.95 -3.89 16.27
C GLY C 204 15.29 -5.13 16.84
N CYS C 205 14.95 -5.09 18.12
CA CYS C 205 14.16 -6.16 18.69
C CYS C 205 13.20 -5.55 19.69
N ALA C 206 11.95 -6.00 19.64
CA ALA C 206 10.92 -5.60 20.59
C ALA C 206 10.65 -4.09 20.56
N GLN C 207 10.93 -3.41 19.43
CA GLN C 207 10.65 -1.98 19.34
C GLN C 207 9.22 -1.74 18.93
N LYS C 208 8.69 -0.59 19.36
CA LYS C 208 7.34 -0.20 18.97
C LYS C 208 7.21 -0.12 17.44
N ASN C 209 6.10 -0.66 16.91
CA ASN C 209 5.79 -0.58 15.48
C ASN C 209 6.82 -1.28 14.60
N LYS C 210 7.56 -2.23 15.18
CA LYS C 210 8.58 -3.00 14.47
C LYS C 210 8.47 -4.44 14.95
N PRO C 211 7.40 -5.12 14.57
CA PRO C 211 7.26 -6.53 14.96
C PRO C 211 8.26 -7.41 14.23
N GLY C 212 8.41 -8.64 14.69
CA GLY C 212 9.30 -9.54 13.97
C GLY C 212 8.74 -9.92 12.61
N VAL C 213 9.67 -10.11 11.66
CA VAL C 213 9.35 -10.60 10.33
C VAL C 213 9.90 -12.01 10.16
N TYR C 214 9.06 -12.89 9.57
CA TYR C 214 9.27 -14.34 9.55
C TYR C 214 9.03 -14.84 8.13
N THR C 215 9.83 -15.80 7.71
CA THR C 215 9.59 -16.45 6.42
C THR C 215 8.27 -17.20 6.47
N LYS C 216 7.48 -17.04 5.41
CA LYS C 216 6.12 -17.58 5.33
C LYS C 216 6.22 -18.99 4.81
N VAL C 217 6.27 -19.96 5.74
CA VAL C 217 6.60 -21.34 5.40
C VAL C 217 5.60 -21.96 4.43
N CYS C 218 4.33 -21.58 4.55
CA CYS C 218 3.32 -22.20 3.68
C CYS C 218 3.65 -21.99 2.19
N ASN C 219 4.40 -20.94 1.85
CA ASN C 219 4.72 -20.74 0.45
C ASN C 219 5.77 -21.70 -0.07
N TYR C 220 6.37 -22.51 0.78
CA TYR C 220 7.52 -23.33 0.40
C TYR C 220 7.32 -24.81 0.60
N VAL C 221 6.10 -25.26 0.95
CA VAL C 221 5.95 -26.68 1.24
C VAL C 221 6.24 -27.51 0.01
N ASN C 222 5.92 -27.02 -1.19
CA ASN C 222 6.20 -27.81 -2.39
C ASN C 222 7.68 -27.84 -2.70
N TRP C 223 8.36 -26.72 -2.53
CA TRP C 223 9.81 -26.73 -2.69
C TRP C 223 10.49 -27.68 -1.70
N ILE C 224 9.99 -27.72 -0.46
CA ILE C 224 10.54 -28.65 0.54
C ILE C 224 10.36 -30.10 0.10
N GLN C 225 9.15 -30.48 -0.34
CA GLN C 225 8.98 -31.89 -0.71
C GLN C 225 9.84 -32.25 -1.91
N GLN C 226 9.93 -31.33 -2.88
CA GLN C 226 10.72 -31.60 -4.06
C GLN C 226 12.20 -31.72 -3.72
N THR C 227 12.67 -30.91 -2.79
CA THR C 227 14.08 -30.95 -2.43
C THR C 227 14.39 -32.25 -1.67
N ILE C 228 13.50 -32.64 -0.75
CA ILE C 228 13.66 -33.90 -0.05
C ILE C 228 13.67 -35.05 -1.04
N ALA C 229 12.74 -35.03 -2.02
CA ALA C 229 12.65 -36.14 -2.95
C ALA C 229 13.91 -36.29 -3.78
N ALA C 230 14.62 -35.19 -4.03
CA ALA C 230 15.83 -35.19 -4.84
C ALA C 230 17.06 -35.53 -4.03
N ASN C 231 16.89 -35.76 -2.73
CA ASN C 231 18.03 -35.90 -1.83
C ASN C 231 17.91 -37.07 -0.87
N ILE D 9 2.14 -14.55 48.67
CA ILE D 9 3.24 -15.50 48.35
C ILE D 9 4.32 -15.26 49.40
N VAL D 10 4.60 -16.27 50.25
CA VAL D 10 5.67 -16.20 51.25
C VAL D 10 6.93 -16.81 50.64
N GLY D 11 8.06 -16.09 50.68
CA GLY D 11 9.32 -16.67 50.24
C GLY D 11 9.55 -16.65 48.75
N GLY D 12 8.77 -15.85 48.02
CA GLY D 12 8.90 -15.71 46.58
C GLY D 12 9.78 -14.55 46.18
N TYR D 13 9.55 -14.05 44.97
CA TYR D 13 10.29 -12.93 44.41
C TYR D 13 9.31 -12.08 43.61
N THR D 14 9.67 -10.83 43.34
CA THR D 14 8.83 -9.95 42.53
C THR D 14 8.97 -10.34 41.06
N CYS D 15 7.85 -10.73 40.47
CA CYS D 15 7.82 -11.05 39.05
C CYS D 15 8.23 -9.83 38.21
N ALA D 16 8.81 -10.09 37.05
CA ALA D 16 9.06 -9.02 36.10
C ALA D 16 7.75 -8.57 35.48
N ALA D 17 7.71 -7.32 35.06
CA ALA D 17 6.50 -6.71 34.49
C ALA D 17 5.96 -7.54 33.35
N ASN D 18 4.62 -7.77 33.44
CA ASN D 18 3.78 -8.74 32.72
CA ASN D 18 3.79 -8.75 32.72
C ASN D 18 4.50 -9.95 32.15
N SER D 19 5.33 -10.52 32.98
CA SER D 19 5.85 -11.82 32.71
C SER D 19 4.83 -12.88 33.07
N ILE D 20 3.72 -12.50 33.73
CA ILE D 20 2.64 -13.42 34.09
C ILE D 20 1.36 -12.82 33.50
N PRO D 21 1.22 -12.80 32.17
CA PRO D 21 0.16 -12.00 31.57
C PRO D 21 -1.24 -12.59 31.73
N TYR D 22 -1.36 -13.84 32.17
CA TYR D 22 -2.63 -14.48 32.47
C TYR D 22 -3.10 -14.24 33.91
N GLN D 23 -2.29 -13.64 34.77
CA GLN D 23 -2.70 -13.38 36.15
C GLN D 23 -3.70 -12.24 36.20
N VAL D 24 -4.78 -12.43 36.96
CA VAL D 24 -5.75 -11.37 37.20
C VAL D 24 -5.90 -11.17 38.70
N SER D 25 -6.38 -9.97 39.05
CA SER D 25 -6.75 -9.62 40.42
C SER D 25 -8.27 -9.50 40.45
N LEU D 26 -8.91 -10.18 41.40
CA LEU D 26 -10.34 -10.01 41.66
C LEU D 26 -10.50 -8.93 42.71
N ASN D 27 -11.35 -7.97 42.40
CA ASN D 27 -11.51 -6.76 43.18
C ASN D 27 -12.97 -6.50 43.50
N SER D 28 -13.23 -6.12 44.74
CA SER D 28 -14.57 -5.80 45.20
C SER D 28 -14.58 -4.47 45.95
N GLY D 29 -13.70 -3.55 45.54
CA GLY D 29 -13.32 -2.37 46.29
C GLY D 29 -11.86 -2.43 46.66
N SER D 30 -11.41 -3.63 47.00
CA SER D 30 -10.00 -3.92 47.15
C SER D 30 -9.72 -5.29 46.56
N HIS D 31 -8.44 -5.54 46.28
CA HIS D 31 -8.01 -6.87 45.90
C HIS D 31 -8.40 -7.86 46.98
N PHE D 32 -9.00 -8.99 46.58
CA PHE D 32 -9.32 -10.03 47.55
C PHE D 32 -8.94 -11.44 47.10
N CYS D 33 -8.69 -11.69 45.80
CA CYS D 33 -8.38 -13.04 45.32
C CYS D 33 -7.67 -12.89 43.96
N GLY D 34 -7.02 -13.96 43.52
CA GLY D 34 -6.48 -14.03 42.18
C GLY D 34 -7.37 -14.84 41.26
N GLY D 35 -6.92 -14.95 40.01
CA GLY D 35 -7.57 -15.75 38.99
C GLY D 35 -6.66 -15.84 37.79
N SER D 36 -7.09 -16.57 36.79
CA SER D 36 -6.31 -16.84 35.60
C SER D 36 -7.18 -16.64 34.37
N LEU D 37 -6.70 -15.88 33.37
CA LEU D 37 -7.42 -15.72 32.11
C LEU D 37 -7.16 -16.95 31.25
N ILE D 38 -8.23 -17.62 30.87
CA ILE D 38 -8.14 -18.84 30.07
C ILE D 38 -8.79 -18.69 28.71
N ASN D 39 -9.48 -17.59 28.47
CA ASN D 39 -10.18 -17.33 27.22
C ASN D 39 -10.32 -15.82 27.21
N SER D 40 -10.48 -15.19 26.04
CA SER D 40 -10.60 -13.74 26.08
C SER D 40 -11.78 -13.27 26.91
N GLN D 41 -12.79 -14.12 27.13
N GLN D 41 -12.76 -14.14 27.15
CA GLN D 41 -13.96 -13.73 27.92
CA GLN D 41 -13.97 -13.77 27.91
C GLN D 41 -14.12 -14.49 29.25
C GLN D 41 -14.11 -14.48 29.25
N TRP D 42 -13.16 -15.30 29.66
CA TRP D 42 -13.34 -16.15 30.84
C TRP D 42 -12.10 -16.20 31.71
N VAL D 43 -12.33 -16.11 33.02
CA VAL D 43 -11.36 -16.27 34.10
C VAL D 43 -11.76 -17.45 34.97
N VAL D 44 -10.79 -18.25 35.30
CA VAL D 44 -10.98 -19.32 36.27
C VAL D 44 -10.36 -18.93 37.61
N SER D 45 -11.06 -19.25 38.69
CA SER D 45 -10.60 -18.90 40.03
C SER D 45 -11.13 -19.99 40.99
N ALA D 46 -11.06 -19.73 42.31
CA ALA D 46 -11.56 -20.66 43.31
C ALA D 46 -12.99 -20.28 43.69
N ALA D 47 -13.84 -21.28 43.86
CA ALA D 47 -15.21 -21.01 44.29
C ALA D 47 -15.32 -20.38 45.67
N HIS D 48 -14.37 -20.61 46.56
CA HIS D 48 -14.43 -19.93 47.85
C HIS D 48 -14.18 -18.43 47.74
N CYS D 49 -13.73 -17.93 46.58
CA CYS D 49 -13.60 -16.51 46.32
C CYS D 49 -14.90 -15.92 45.77
N TYR D 50 -15.99 -16.70 45.69
CA TYR D 50 -17.24 -16.16 45.19
C TYR D 50 -17.70 -14.89 45.92
N LYS D 51 -18.09 -13.86 45.12
CA LYS D 51 -18.89 -12.76 45.61
C LYS D 51 -19.92 -12.50 44.54
N SER D 52 -21.03 -11.83 44.91
CA SER D 52 -22.09 -11.65 43.93
C SER D 52 -21.70 -10.68 42.83
N ARG D 53 -20.76 -9.76 43.09
CA ARG D 53 -20.23 -8.85 42.09
C ARG D 53 -18.71 -8.93 42.19
N ILE D 54 -18.04 -9.03 41.05
CA ILE D 54 -16.57 -9.10 41.03
C ILE D 54 -16.11 -8.25 39.86
N GLN D 55 -15.09 -7.43 40.07
CA GLN D 55 -14.38 -6.74 39.00
C GLN D 55 -13.05 -7.44 38.77
N VAL D 56 -12.83 -7.85 37.53
CA VAL D 56 -11.58 -8.48 37.15
C VAL D 56 -10.62 -7.40 36.66
N ARG D 57 -9.39 -7.42 37.17
CA ARG D 57 -8.35 -6.46 36.82
C ARG D 57 -7.20 -7.20 36.16
N LEU D 58 -7.03 -6.94 34.85
CA LEU D 58 -6.03 -7.56 34.02
C LEU D 58 -4.91 -6.58 33.74
N GLY D 59 -3.76 -7.10 33.35
CA GLY D 59 -2.66 -6.22 33.03
C GLY D 59 -2.04 -5.53 34.20
N GLU D 60 -2.20 -6.03 35.41
CA GLU D 60 -1.70 -5.37 36.58
C GLU D 60 -0.29 -5.86 36.92
N HIS D 61 0.50 -4.93 37.42
CA HIS D 61 1.72 -5.29 38.13
C HIS D 61 1.67 -4.73 39.54
N ASN D 62 1.62 -3.40 39.68
CA ASN D 62 1.39 -2.77 40.98
C ASN D 62 -0.11 -2.58 41.12
N ILE D 63 -0.74 -3.30 42.07
CA ILE D 63 -2.19 -3.20 42.21
C ILE D 63 -2.66 -1.94 42.91
N ASP D 64 -1.75 -1.13 43.45
CA ASP D 64 -2.11 0.09 44.14
C ASP D 64 -1.88 1.34 43.29
N VAL D 65 -1.27 1.20 42.13
CA VAL D 65 -0.87 2.30 41.26
C VAL D 65 -1.37 2.04 39.84
N LEU D 66 -1.92 3.08 39.22
CA LEU D 66 -2.30 3.02 37.81
C LEU D 66 -1.05 3.25 36.98
N GLU D 67 -0.62 2.22 36.26
CA GLU D 67 0.60 2.29 35.46
C GLU D 67 0.32 2.47 33.98
N GLY D 68 -0.90 2.19 33.52
CA GLY D 68 -1.35 2.50 32.19
C GLY D 68 -1.84 1.33 31.36
N ASN D 69 -1.53 0.10 31.77
CA ASN D 69 -1.85 -1.06 30.95
C ASN D 69 -3.04 -1.84 31.47
N GLU D 70 -3.71 -1.33 32.50
CA GLU D 70 -4.76 -2.10 33.13
C GLU D 70 -6.01 -2.17 32.26
N GLN D 71 -6.73 -3.27 32.43
CA GLN D 71 -8.09 -3.40 31.91
C GLN D 71 -8.92 -3.83 33.12
N PHE D 72 -9.95 -3.07 33.46
CA PHE D 72 -10.88 -3.44 34.54
C PHE D 72 -12.19 -3.88 33.89
N ILE D 73 -12.64 -5.10 34.16
CA ILE D 73 -13.79 -5.67 33.48
C ILE D 73 -14.68 -6.33 34.53
N ASN D 74 -15.86 -5.74 34.77
CA ASN D 74 -16.82 -6.36 35.65
C ASN D 74 -17.34 -7.69 35.12
N ALA D 75 -17.65 -8.61 36.04
CA ALA D 75 -18.14 -9.90 35.64
C ALA D 75 -19.58 -9.78 35.17
N ALA D 76 -19.90 -10.53 34.11
CA ALA D 76 -21.25 -10.76 33.66
C ALA D 76 -21.87 -12.05 34.21
N LYS D 77 -21.08 -13.08 34.44
CA LYS D 77 -21.56 -14.35 34.98
C LYS D 77 -20.51 -14.82 35.95
N ILE D 78 -20.95 -15.44 37.02
CA ILE D 78 -20.04 -16.05 38.00
C ILE D 78 -20.64 -17.41 38.33
N ILE D 79 -19.94 -18.48 37.95
CA ILE D 79 -20.48 -19.84 37.96
C ILE D 79 -19.56 -20.70 38.83
N THR D 80 -20.02 -21.05 40.02
CA THR D 80 -19.29 -22.01 40.85
C THR D 80 -19.53 -23.46 40.43
N HIS D 81 -18.52 -24.32 40.64
CA HIS D 81 -18.66 -25.71 40.26
C HIS D 81 -19.91 -26.26 40.94
N PRO D 82 -20.70 -27.07 40.24
CA PRO D 82 -21.90 -27.61 40.88
C PRO D 82 -21.64 -28.44 42.12
N ASN D 83 -20.50 -29.12 42.21
CA ASN D 83 -20.20 -30.00 43.33
C ASN D 83 -19.26 -29.33 44.33
N PHE D 84 -19.07 -28.02 44.26
CA PHE D 84 -18.29 -27.33 45.29
C PHE D 84 -18.92 -27.54 46.66
N ASN D 85 -18.08 -27.83 47.65
CA ASN D 85 -18.46 -27.84 49.05
C ASN D 85 -17.65 -26.83 49.84
N GLY D 86 -18.32 -25.82 50.41
CA GLY D 86 -17.64 -24.74 51.13
C GLY D 86 -16.98 -25.13 52.45
N ASN D 87 -17.26 -26.34 52.94
CA ASN D 87 -16.67 -26.80 54.20
C ASN D 87 -15.47 -27.68 53.96
N THR D 88 -15.52 -28.57 52.99
CA THR D 88 -14.35 -29.35 52.69
C THR D 88 -13.45 -28.71 51.63
N LEU D 89 -13.98 -27.73 50.90
CA LEU D 89 -13.36 -27.11 49.73
C LEU D 89 -13.10 -28.08 48.60
N ASP D 90 -13.79 -29.20 48.60
CA ASP D 90 -13.77 -30.05 47.40
C ASP D 90 -14.39 -29.32 46.21
N ASN D 91 -13.78 -29.52 45.03
CA ASN D 91 -14.21 -28.85 43.79
C ASN D 91 -14.18 -27.33 43.94
N ASP D 92 -13.06 -26.81 44.43
CA ASP D 92 -12.93 -25.38 44.66
C ASP D 92 -12.51 -24.65 43.37
N ILE D 93 -13.49 -24.48 42.48
CA ILE D 93 -13.26 -23.88 41.16
C ILE D 93 -14.51 -23.13 40.77
N MET D 94 -14.30 -22.01 40.08
CA MET D 94 -15.36 -21.12 39.62
C MET D 94 -14.92 -20.48 38.31
N LEU D 95 -15.87 -20.25 37.45
CA LEU D 95 -15.66 -19.56 36.18
C LEU D 95 -16.35 -18.20 36.21
N ILE D 96 -15.63 -17.17 35.73
CA ILE D 96 -16.13 -15.80 35.67
C ILE D 96 -16.14 -15.44 34.19
N LYS D 97 -17.32 -15.08 33.69
CA LYS D 97 -17.43 -14.55 32.33
C LYS D 97 -17.33 -13.03 32.43
N LEU D 98 -16.38 -12.47 31.69
CA LEU D 98 -16.18 -11.04 31.63
C LEU D 98 -17.30 -10.38 30.84
N SER D 99 -17.70 -9.18 31.26
CA SER D 99 -18.79 -8.45 30.61
C SER D 99 -18.41 -7.91 29.25
N SER D 100 -17.14 -7.90 28.92
CA SER D 100 -16.68 -7.76 27.53
C SER D 100 -15.35 -8.48 27.40
N PRO D 101 -14.91 -8.81 26.19
CA PRO D 101 -13.62 -9.52 26.07
C PRO D 101 -12.44 -8.67 26.53
N ALA D 102 -11.48 -9.35 27.15
CA ALA D 102 -10.21 -8.71 27.36
C ALA D 102 -9.55 -8.46 26.02
N THR D 103 -8.74 -7.40 25.97
CA THR D 103 -7.90 -7.14 24.79
C THR D 103 -6.58 -7.85 24.98
N LEU D 104 -6.30 -8.86 24.20
CA LEU D 104 -5.07 -9.62 24.33
C LEU D 104 -3.92 -8.84 23.71
N ASN D 105 -2.81 -8.75 24.43
CA ASN D 105 -1.69 -7.95 24.02
C ASN D 105 -0.45 -8.42 24.77
N SER D 106 0.60 -7.60 24.82
CA SER D 106 1.83 -8.03 25.50
C SER D 106 1.69 -8.07 27.01
N ARG D 107 0.61 -7.53 27.56
CA ARG D 107 0.39 -7.48 29.00
C ARG D 107 -0.73 -8.40 29.46
N VAL D 108 -1.53 -8.94 28.55
CA VAL D 108 -2.75 -9.68 28.87
C VAL D 108 -2.83 -10.85 27.90
N ALA D 109 -2.80 -12.07 28.44
CA ALA D 109 -2.76 -13.24 27.60
C ALA D 109 -3.47 -14.36 28.31
N THR D 110 -3.98 -15.33 27.54
CA THR D 110 -4.55 -16.52 28.13
C THR D 110 -3.49 -17.55 28.43
N VAL D 111 -3.79 -18.44 29.38
CA VAL D 111 -2.97 -19.61 29.70
C VAL D 111 -3.75 -20.84 29.31
N SER D 112 -3.06 -21.85 28.77
CA SER D 112 -3.71 -23.06 28.30
CA SER D 112 -3.73 -23.04 28.30
C SER D 112 -4.21 -23.91 29.48
N LEU D 113 -5.30 -24.60 29.25
CA LEU D 113 -5.74 -25.64 30.16
C LEU D 113 -4.89 -26.88 29.94
N PRO D 114 -4.83 -27.77 30.93
CA PRO D 114 -3.92 -28.89 30.83
C PRO D 114 -4.42 -29.97 29.91
N ARG D 115 -3.48 -30.57 29.17
CA ARG D 115 -3.83 -31.71 28.35
C ARG D 115 -4.05 -32.95 29.21
N SER D 116 -3.34 -33.02 30.34
CA SER D 116 -3.49 -34.08 31.33
C SER D 116 -2.75 -33.61 32.58
N CYS D 117 -2.82 -34.41 33.64
CA CYS D 117 -2.34 -33.94 34.94
C CYS D 117 -0.83 -33.90 35.00
N ALA D 118 -0.33 -33.12 35.95
CA ALA D 118 1.10 -32.98 36.16
C ALA D 118 1.67 -34.02 37.10
N ALA D 119 2.85 -34.53 36.74
CA ALA D 119 3.50 -35.55 37.54
C ALA D 119 4.09 -34.91 38.79
N ALA D 120 4.20 -35.71 39.86
CA ALA D 120 4.93 -35.25 41.03
C ALA D 120 6.33 -34.87 40.58
N GLY D 121 6.83 -33.77 41.12
CA GLY D 121 8.13 -33.29 40.82
C GLY D 121 8.13 -32.22 39.76
N THR D 122 7.06 -32.06 39.02
CA THR D 122 7.02 -31.04 37.96
C THR D 122 7.13 -29.67 38.60
N GLU D 123 8.01 -28.83 38.05
CA GLU D 123 8.19 -27.47 38.56
C GLU D 123 7.12 -26.56 37.99
N CYS D 124 6.58 -25.72 38.87
CA CYS D 124 5.49 -24.82 38.53
C CYS D 124 5.76 -23.43 39.07
N LEU D 125 5.00 -22.48 38.54
CA LEU D 125 5.09 -21.08 38.93
CA LEU D 125 5.08 -21.08 38.94
C LEU D 125 3.75 -20.69 39.55
N ILE D 126 3.79 -20.20 40.77
CA ILE D 126 2.63 -19.77 41.52
C ILE D 126 2.76 -18.27 41.73
N SER D 127 1.66 -17.55 41.62
CA SER D 127 1.78 -16.09 41.69
C SER D 127 0.57 -15.46 42.34
N GLY D 128 0.76 -14.26 42.87
CA GLY D 128 -0.32 -13.50 43.45
C GLY D 128 0.15 -12.36 44.31
N TRP D 129 -0.84 -11.64 44.82
CA TRP D 129 -0.65 -10.44 45.63
C TRP D 129 -1.06 -10.71 47.08
N GLY D 130 -1.07 -11.99 47.47
CA GLY D 130 -1.38 -12.36 48.84
C GLY D 130 -0.26 -12.02 49.84
N ASN D 131 -0.53 -12.36 51.08
CA ASN D 131 0.36 -12.08 52.20
C ASN D 131 1.74 -12.66 51.94
N THR D 132 2.77 -11.92 52.29
CA THR D 132 4.15 -12.39 52.14
C THR D 132 4.79 -12.84 53.45
N LYS D 133 4.05 -12.78 54.56
CA LYS D 133 4.55 -13.21 55.85
C LYS D 133 3.81 -14.43 56.36
N SER D 134 4.54 -15.33 57.02
CA SER D 134 3.96 -16.51 57.63
C SER D 134 3.55 -16.28 59.08
N SER D 135 3.95 -15.18 59.70
CA SER D 135 3.52 -14.86 61.05
C SER D 135 2.53 -13.70 61.08
N GLY D 136 2.93 -12.52 60.66
CA GLY D 136 2.05 -11.38 60.64
C GLY D 136 1.39 -11.19 59.28
N SER D 137 1.16 -9.92 58.94
CA SER D 137 0.52 -9.53 57.68
C SER D 137 1.38 -8.51 56.97
N SER D 138 1.72 -8.80 55.72
CA SER D 138 2.35 -7.81 54.84
C SER D 138 1.85 -8.10 53.43
N TYR D 139 1.07 -7.19 52.88
CA TYR D 139 0.53 -7.37 51.55
C TYR D 139 1.29 -6.52 50.55
N PRO D 140 1.70 -7.11 49.42
CA PRO D 140 2.55 -6.40 48.46
C PRO D 140 1.78 -5.58 47.45
N SER D 141 2.44 -4.53 46.96
CA SER D 141 1.92 -3.82 45.80
C SER D 141 2.21 -4.58 44.52
N LEU D 142 3.39 -5.18 44.42
CA LEU D 142 3.88 -5.79 43.20
C LEU D 142 3.63 -7.30 43.20
N LEU D 143 3.21 -7.83 42.05
CA LEU D 143 2.89 -9.26 41.94
C LEU D 143 4.11 -10.11 42.31
N GLN D 144 3.87 -11.16 43.10
CA GLN D 144 4.91 -12.04 43.59
C GLN D 144 4.81 -13.40 42.90
N CYS D 145 5.97 -14.05 42.79
CA CYS D 145 6.15 -15.29 42.05
C CYS D 145 6.86 -16.28 42.95
N LEU D 146 6.61 -17.56 42.74
CA LEU D 146 7.26 -18.63 43.48
C LEU D 146 7.37 -19.84 42.59
N LYS D 147 8.56 -20.39 42.44
CA LYS D 147 8.74 -21.68 41.77
C LYS D 147 8.55 -22.79 42.80
N ALA D 148 7.72 -23.75 42.49
CA ALA D 148 7.45 -24.80 43.48
C ALA D 148 7.10 -26.06 42.73
N PRO D 149 7.40 -27.24 43.32
CA PRO D 149 7.11 -28.50 42.64
C PRO D 149 5.82 -29.16 43.11
N VAL D 150 5.19 -29.91 42.23
CA VAL D 150 4.07 -30.76 42.61
C VAL D 150 4.58 -31.81 43.58
N LEU D 151 3.84 -32.01 44.66
CA LEU D 151 4.15 -33.03 45.68
C LEU D 151 3.35 -34.29 45.43
N SER D 152 3.93 -35.41 45.85
CA SER D 152 3.25 -36.68 45.69
C SER D 152 1.93 -36.67 46.44
N ASP D 153 0.97 -37.45 45.93
CA ASP D 153 -0.31 -37.60 46.61
C ASP D 153 -0.12 -38.19 48.02
N SER D 154 0.80 -39.14 48.17
CA SER D 154 1.01 -39.72 49.50
C SER D 154 1.51 -38.64 50.47
N SER D 155 2.44 -37.79 50.02
CA SER D 155 2.96 -36.73 50.86
C SER D 155 1.87 -35.73 51.25
N CYS D 156 1.02 -35.38 50.29
CA CYS D 156 -0.09 -34.48 50.53
C CYS D 156 -1.03 -35.05 51.59
N LYS D 157 -1.41 -36.32 51.41
CA LYS D 157 -2.34 -36.94 52.36
C LYS D 157 -1.72 -37.10 53.73
N SER D 158 -0.41 -37.38 53.81
CA SER D 158 0.24 -37.43 55.11
C SER D 158 0.20 -36.07 55.79
N SER D 159 0.30 -35.00 54.99
CA SER D 159 0.31 -33.67 55.57
C SER D 159 -1.07 -33.27 56.07
N TYR D 160 -2.13 -33.77 55.45
CA TYR D 160 -3.50 -33.37 55.77
C TYR D 160 -4.37 -34.61 55.85
N PRO D 161 -4.18 -35.44 56.87
CA PRO D 161 -4.95 -36.69 56.95
C PRO D 161 -6.44 -36.47 56.76
N GLY D 162 -7.05 -37.29 55.90
CA GLY D 162 -8.49 -37.27 55.73
C GLY D 162 -9.06 -36.10 54.93
N GLN D 163 -8.28 -35.10 54.60
CA GLN D 163 -8.82 -33.87 54.02
C GLN D 163 -8.48 -33.68 52.54
N ILE D 164 -7.69 -34.56 51.94
CA ILE D 164 -7.28 -34.44 50.55
C ILE D 164 -8.16 -35.34 49.72
N THR D 165 -8.90 -34.74 48.81
CA THR D 165 -9.66 -35.54 47.87
C THR D 165 -8.90 -35.72 46.56
N GLY D 166 -9.48 -36.50 45.65
CA GLY D 166 -8.96 -36.65 44.32
C GLY D 166 -8.92 -35.36 43.52
N ASN D 167 -9.57 -34.30 43.97
CA ASN D 167 -9.62 -33.02 43.29
C ASN D 167 -8.62 -32.01 43.83
N MET D 168 -7.65 -32.44 44.62
CA MET D 168 -6.69 -31.57 45.26
C MET D 168 -5.29 -32.09 45.04
N ILE D 169 -4.33 -31.17 44.86
CA ILE D 169 -2.92 -31.52 44.84
C ILE D 169 -2.20 -30.57 45.80
N CYS D 170 -1.12 -31.05 46.36
CA CYS D 170 -0.22 -30.21 47.11
C CYS D 170 0.94 -29.82 46.21
N VAL D 171 1.34 -28.57 46.32
CA VAL D 171 2.47 -28.01 45.58
C VAL D 171 3.24 -27.17 46.58
N GLY D 172 4.56 -27.30 46.60
CA GLY D 172 5.34 -26.58 47.58
C GLY D 172 6.46 -27.35 48.20
N PHE D 173 6.67 -27.08 49.48
CA PHE D 173 7.88 -27.48 50.18
C PHE D 173 7.50 -27.93 51.59
N LEU D 174 7.76 -29.19 51.93
CA LEU D 174 7.38 -29.66 53.25
C LEU D 174 8.19 -28.99 54.37
N GLU D 175 9.37 -28.47 54.04
CA GLU D 175 10.21 -27.84 55.03
C GLU D 175 9.68 -26.50 55.48
N GLY D 176 8.67 -25.95 54.79
CA GLY D 176 8.13 -24.65 55.13
C GLY D 176 8.93 -23.49 54.56
N GLY D 177 8.41 -22.28 54.77
CA GLY D 177 9.05 -21.05 54.36
C GLY D 177 8.73 -20.53 52.96
N LYS D 178 8.11 -21.34 52.10
CA LYS D 178 7.77 -20.94 50.73
C LYS D 178 6.40 -21.51 50.40
N ASP D 179 5.42 -20.63 50.18
CA ASP D 179 4.03 -21.05 50.02
C ASP D 179 3.21 -19.89 49.46
N SER D 180 2.02 -20.20 48.98
CA SER D 180 0.99 -19.18 48.76
C SER D 180 0.28 -18.94 50.09
N CYS D 181 -0.56 -17.91 50.13
CA CYS D 181 -1.16 -17.49 51.38
C CYS D 181 -2.46 -16.76 51.08
N GLN D 182 -3.11 -16.28 52.15
CA GLN D 182 -4.36 -15.54 51.98
C GLN D 182 -4.16 -14.35 51.04
N GLY D 183 -5.13 -14.14 50.16
CA GLY D 183 -4.99 -13.16 49.11
C GLY D 183 -4.44 -13.70 47.81
N ASP D 184 -3.76 -14.85 47.85
CA ASP D 184 -3.40 -15.57 46.63
C ASP D 184 -4.50 -16.48 46.13
N SER D 185 -5.48 -16.78 47.00
CA SER D 185 -6.53 -17.74 46.67
C SER D 185 -7.10 -17.43 45.31
N GLY D 186 -7.40 -18.49 44.56
CA GLY D 186 -7.93 -18.35 43.24
C GLY D 186 -6.92 -18.24 42.14
N GLY D 187 -5.67 -17.89 42.47
CA GLY D 187 -4.67 -17.62 41.46
C GLY D 187 -4.04 -18.89 40.92
N PRO D 188 -3.11 -18.69 40.01
CA PRO D 188 -2.58 -19.76 39.18
C PRO D 188 -1.39 -20.52 39.73
N VAL D 189 -1.39 -21.81 39.38
CA VAL D 189 -0.21 -22.69 39.39
C VAL D 189 -0.05 -23.18 37.96
N VAL D 190 1.01 -22.75 37.28
CA VAL D 190 1.22 -23.05 35.87
C VAL D 190 2.51 -23.84 35.76
N CYS D 191 2.45 -24.95 35.05
CA CYS D 191 3.58 -25.85 34.86
C CYS D 191 3.61 -26.19 33.39
N ASN D 192 4.77 -26.02 32.76
CA ASN D 192 4.92 -26.33 31.34
C ASN D 192 3.80 -25.70 30.50
N GLY D 193 3.55 -24.41 30.73
CA GLY D 193 2.59 -23.66 29.95
C GLY D 193 1.15 -24.03 30.17
N GLN D 194 0.83 -24.76 31.23
CA GLN D 194 -0.52 -25.26 31.47
C GLN D 194 -0.96 -24.95 32.90
N LEU D 195 -2.18 -24.50 33.04
CA LEU D 195 -2.76 -24.21 34.35
C LEU D 195 -3.11 -25.54 35.01
N GLN D 196 -2.33 -25.94 36.01
CA GLN D 196 -2.56 -27.19 36.73
C GLN D 196 -3.18 -27.02 38.11
N GLY D 197 -3.04 -25.86 38.73
CA GLY D 197 -3.59 -25.68 40.06
C GLY D 197 -4.22 -24.33 40.20
N ILE D 198 -5.11 -24.25 41.20
CA ILE D 198 -5.72 -23.01 41.66
C ILE D 198 -5.49 -22.93 43.17
N VAL D 199 -4.96 -21.79 43.63
CA VAL D 199 -4.68 -21.63 45.05
C VAL D 199 -5.99 -21.87 45.80
N SER D 200 -5.98 -22.82 46.74
CA SER D 200 -7.20 -23.18 47.45
C SER D 200 -7.11 -23.02 48.97
N TRP D 201 -6.25 -23.77 49.66
CA TRP D 201 -6.25 -23.72 51.12
C TRP D 201 -4.93 -24.23 51.66
N GLY D 202 -4.80 -24.07 52.97
CA GLY D 202 -3.68 -24.63 53.71
C GLY D 202 -3.81 -24.29 55.19
N TYR D 203 -3.02 -24.98 56.02
CA TYR D 203 -3.00 -24.65 57.44
C TYR D 203 -1.96 -23.54 57.62
N GLY D 204 -2.43 -22.36 57.98
CA GLY D 204 -1.51 -21.22 57.97
C GLY D 204 -0.88 -21.02 56.61
N CYS D 205 0.36 -20.49 56.59
CA CYS D 205 1.11 -20.31 55.35
C CYS D 205 2.57 -20.63 55.58
N ALA D 206 3.15 -21.42 54.70
CA ALA D 206 4.57 -21.72 54.72
C ALA D 206 5.03 -22.42 55.99
N GLN D 207 4.11 -23.15 56.63
CA GLN D 207 4.41 -23.90 57.84
C GLN D 207 4.97 -25.27 57.51
N LYS D 208 5.78 -25.81 58.42
CA LYS D 208 6.38 -27.11 58.17
C LYS D 208 5.31 -28.19 58.06
N ASN D 209 5.48 -29.06 57.08
CA ASN D 209 4.61 -30.20 56.86
C ASN D 209 3.17 -29.83 56.57
N LYS D 210 2.93 -28.61 56.09
CA LYS D 210 1.60 -28.15 55.72
C LYS D 210 1.70 -27.35 54.42
N PRO D 211 2.03 -28.03 53.32
CA PRO D 211 2.18 -27.34 52.03
C PRO D 211 0.83 -26.82 51.54
N GLY D 212 0.88 -25.97 50.53
CA GLY D 212 -0.36 -25.48 49.97
C GLY D 212 -1.13 -26.57 49.26
N VAL D 213 -2.46 -26.46 49.36
CA VAL D 213 -3.38 -27.38 48.70
C VAL D 213 -4.07 -26.58 47.59
N TYR D 214 -4.19 -27.20 46.43
CA TYR D 214 -4.60 -26.53 45.19
C TYR D 214 -5.65 -27.37 44.49
N THR D 215 -6.59 -26.69 43.86
CA THR D 215 -7.60 -27.41 43.06
C THR D 215 -6.93 -28.03 41.86
N LYS D 216 -7.22 -29.30 41.60
CA LYS D 216 -6.55 -30.07 40.55
C LYS D 216 -7.27 -29.79 39.23
N VAL D 217 -6.75 -28.82 38.48
CA VAL D 217 -7.45 -28.29 37.31
C VAL D 217 -7.67 -29.34 36.25
N CYS D 218 -6.75 -30.30 36.10
CA CYS D 218 -6.92 -31.35 35.11
C CYS D 218 -8.11 -32.25 35.33
N ASN D 219 -8.88 -32.08 36.40
CA ASN D 219 -10.13 -32.81 36.54
C ASN D 219 -11.34 -32.04 36.06
N TYR D 220 -11.14 -30.89 35.46
CA TYR D 220 -12.25 -29.98 35.16
C TYR D 220 -12.28 -29.46 33.72
N VAL D 221 -11.38 -29.90 32.84
CA VAL D 221 -11.32 -29.27 31.52
C VAL D 221 -12.61 -29.44 30.75
N ASN D 222 -13.23 -30.61 30.85
CA ASN D 222 -14.48 -30.82 30.10
CA ASN D 222 -14.48 -30.81 30.11
C ASN D 222 -15.57 -29.90 30.62
N TRP D 223 -15.68 -29.74 31.94
CA TRP D 223 -16.66 -28.84 32.49
C TRP D 223 -16.38 -27.40 32.12
N ILE D 224 -15.11 -27.01 32.11
CA ILE D 224 -14.77 -25.65 31.71
C ILE D 224 -15.18 -25.42 30.26
N GLN D 225 -14.82 -26.36 29.38
CA GLN D 225 -15.12 -26.17 27.95
C GLN D 225 -16.60 -26.13 27.73
N GLN D 226 -17.34 -27.03 28.37
CA GLN D 226 -18.79 -27.06 28.28
C GLN D 226 -19.39 -25.74 28.71
N THR D 227 -18.92 -25.24 29.85
CA THR D 227 -19.45 -23.98 30.37
C THR D 227 -19.20 -22.81 29.40
N ILE D 228 -17.98 -22.71 28.86
CA ILE D 228 -17.68 -21.66 27.90
C ILE D 228 -18.58 -21.81 26.68
N ALA D 229 -18.82 -23.04 26.20
CA ALA D 229 -19.59 -23.21 24.97
C ALA D 229 -21.04 -22.82 25.20
N ALA D 230 -21.59 -23.11 26.37
CA ALA D 230 -23.01 -22.93 26.64
C ALA D 230 -23.37 -21.52 27.09
N ASN D 231 -22.44 -20.82 27.74
CA ASN D 231 -22.75 -19.57 28.40
C ASN D 231 -22.23 -18.45 27.57
C1 BEN E . 7.68 29.61 -41.65
C2 BEN E . 7.88 28.23 -41.62
C3 BEN E . 9.06 27.68 -42.05
C4 BEN E . 10.11 28.50 -42.48
C5 BEN E . 9.93 29.88 -42.50
C6 BEN E . 8.72 30.43 -42.08
C BEN E . 6.40 30.22 -41.20
N1 BEN E . 6.26 31.41 -40.76
N2 BEN E . 5.32 29.40 -41.16
H2 BEN E . 7.21 27.67 -41.30
H3 BEN E . 9.17 26.76 -42.07
H4 BEN E . 10.92 28.13 -42.73
H5 BEN E . 10.61 30.44 -42.80
H6 BEN E . 8.62 31.35 -42.09
HN1 BEN E . 7.02 31.87 -40.81
HN21 BEN E . 4.54 29.73 -40.88
HN22 BEN E . 5.36 28.56 -41.44
C1 PG5 F . 17.53 23.30 -22.44
O1 PG5 F . 17.88 23.24 -23.81
C2 PG5 F . 16.93 22.55 -24.57
C3 PG5 F . 16.92 23.12 -25.96
O2 PG5 F . 16.63 22.13 -26.92
C4 PG5 F . 17.39 22.24 -28.09
C5 PG5 F . 17.02 21.10 -29.01
O3 PG5 F . 17.61 21.27 -30.27
C6 PG5 F . 18.88 20.70 -30.40
C7 PG5 F . 18.77 19.24 -30.78
O4 PG5 F . 19.03 19.02 -32.14
C8 PG5 F . 19.83 17.88 -32.29
H11 PG5 F . 18.25 23.64 -21.89
H12 PG5 F . 17.31 22.42 -22.08
H13 PG5 F . 16.77 23.87 -22.27
H21 PG5 F . 16.05 22.62 -24.17
H22 PG5 F . 17.15 21.60 -24.60
H31 PG5 F . 17.78 23.52 -26.12
H32 PG5 F . 16.26 23.84 -25.98
H41 PG5 F . 18.34 22.19 -27.89
H42 PG5 F . 17.24 23.08 -28.53
H51 PG5 F . 16.05 21.06 -29.06
H52 PG5 F . 17.30 20.26 -28.60
H61 PG5 F . 19.38 20.77 -29.56
H62 PG5 F . 19.41 21.17 -31.06
H71 PG5 F . 17.88 18.95 -30.54
H72 PG5 F . 19.39 18.74 -30.23
H81 PG5 F . 19.94 17.71 -33.24
H82 PG5 F . 19.38 17.14 -31.85
H83 PG5 F . 20.68 18.06 -31.87
C1 PG6 G . -10.50 29.15 -50.45
O1 PG6 G . -11.39 30.19 -50.17
C2 PG6 G . -12.52 29.82 -49.41
C3 PG6 G . -13.18 31.05 -48.81
O2 PG6 G . -13.69 30.76 -47.53
C4 PG6 G . -14.04 31.90 -46.79
C5 PG6 G . -13.19 32.01 -45.54
O3 PG6 G . -12.93 33.37 -45.21
C6 PG6 G . -11.90 33.90 -46.00
C7 PG6 G . -11.87 35.40 -46.04
O4 PG6 G . -11.48 35.74 -47.34
C8 PG6 G . -11.33 37.12 -47.56
C9 PG6 G . -9.85 37.47 -47.57
O5 PG6 G . -9.63 38.68 -48.24
C10 PG6 G . -9.43 38.52 -49.63
C11 PG6 G . -8.91 39.81 -50.21
O6 PG6 G . -8.81 39.71 -51.62
C12 PG6 G . -7.59 39.21 -52.07
H11 PG6 G . -9.92 29.35 -51.22
H12 PG6 G . -10.95 28.31 -50.65
H13 PG6 G . -9.90 28.96 -49.70
H21 PG6 G . -12.25 29.22 -48.69
H22 PG6 G . -13.15 29.34 -49.95
H31 PG6 G . -13.88 31.33 -49.42
H32 PG6 G . -12.53 31.76 -48.78
H41 PG6 G . -14.98 31.88 -46.55
H42 PG6 G . -13.91 32.70 -47.33
H51 PG6 G . -12.38 31.52 -45.68
H52 PG6 G . -13.67 31.56 -44.81
H61 PG6 G . -12.00 33.57 -46.91
H62 PG6 G . -11.05 33.58 -45.68
H71 PG6 G . -11.26 35.73 -45.37
H72 PG6 G . -12.75 35.75 -45.81
H81 PG6 G . -11.78 37.63 -46.88
H82 PG6 G . -11.72 37.38 -48.41
H91 PG6 G . -9.37 36.74 -47.98
H92 PG6 G . -9.56 37.52 -46.64
H101 PG6 G . -10.26 38.28 -50.06
H102 PG6 G . -8.80 37.81 -49.80
H111 PG6 G . -8.03 39.99 -49.81
H112 PG6 G . -9.50 40.53 -49.94
H121 PG6 G . -7.59 38.25 -51.92
H122 PG6 G . -6.88 39.64 -51.58
H123 PG6 G . -7.51 39.40 -53.02
C1 PG5 H . 19.96 25.93 -33.58
O1 PG5 H . 20.32 26.02 -34.94
C2 PG5 H . 19.31 25.52 -35.76
C3 PG5 H . 19.78 25.50 -37.20
O2 PG5 H . 18.75 25.08 -38.05
C4 PG5 H . 18.44 23.71 -38.00
C5 PG5 H . 19.55 22.94 -38.67
O3 PG5 H . 20.24 22.17 -37.72
C6 PG5 H . 21.57 21.89 -38.16
C7 PG5 H . 21.51 20.90 -39.30
O4 PG5 H . 22.76 20.34 -39.59
C8 PG5 H . 23.68 21.25 -40.13
H11 PG5 H . 20.58 26.43 -33.01
H12 PG5 H . 19.98 25.02 -33.25
H13 PG5 H . 19.08 26.28 -33.40
H21 PG5 H . 18.52 26.08 -35.71
H22 PG5 H . 19.04 24.63 -35.50
H31 PG5 H . 20.55 24.90 -37.25
H32 PG5 H . 20.10 26.38 -37.43
H41 PG5 H . 17.61 23.53 -38.45
H42 PG5 H . 18.35 23.41 -37.09
H51 PG5 H . 20.13 23.56 -39.12
H52 PG5 H . 19.16 22.38 -39.37
H61 PG5 H . 22.11 21.53 -37.44
H62 PG5 H . 22.00 22.70 -38.46
H71 PG5 H . 21.15 21.36 -40.08
H72 PG5 H . 20.86 20.21 -39.06
H81 PG5 H . 24.09 21.73 -39.39
H82 PG5 H . 23.19 21.86 -40.71
H83 PG5 H . 24.33 20.75 -40.63
C1 PG5 I . 23.29 18.02 -50.34
O1 PG5 I . 23.97 17.69 -49.15
C2 PG5 I . 23.43 18.30 -48.03
C3 PG5 I . 24.37 18.20 -46.85
O2 PG5 I . 25.07 19.41 -46.68
C4 PG5 I . 24.39 20.34 -45.89
C5 PG5 I . 25.04 20.37 -44.54
O3 PG5 I . 24.15 19.83 -43.58
C6 PG5 I . 24.74 18.87 -42.74
C7 PG5 I . 24.92 17.57 -43.50
O4 PG5 I . 25.16 16.52 -42.59
C8 PG5 I . 26.34 16.64 -41.85
H11 PG5 I . 23.71 17.64 -51.12
H12 PG5 I . 23.24 18.97 -50.47
H13 PG5 I . 22.38 17.68 -50.33
H21 PG5 I . 22.58 17.89 -47.81
H22 PG5 I . 23.25 19.23 -48.22
H31 PG5 I . 24.97 17.45 -47.00
H32 PG5 I . 23.84 17.98 -46.07
H41 PG5 I . 23.45 20.12 -45.79
H42 PG5 I . 24.42 21.22 -46.29
H51 PG5 I . 25.28 21.28 -44.32
H52 PG5 I . 25.87 19.86 -44.57
H61 PG5 I . 24.19 18.72 -41.96
H62 PG5 I . 25.60 19.18 -42.41
H71 PG5 I . 25.66 17.69 -44.11
H72 PG5 I . 24.13 17.42 -44.02
H81 PG5 I . 26.16 17.23 -41.09
H82 PG5 I . 27.02 17.02 -42.43
H83 PG5 I . 26.60 15.76 -41.55
C1 PEG J . 23.58 11.77 -37.42
O1 PEG J . 22.69 10.92 -38.11
C2 PEG J . 23.77 11.31 -36.01
O2 PEG J . 23.75 12.42 -35.14
C3 PEG J . 24.49 12.23 -33.96
C4 PEG J . 23.70 12.72 -32.78
O4 PEG J . 22.97 11.64 -32.23
H11 PEG J . 23.23 12.68 -37.41
H12 PEG J . 24.43 11.80 -37.86
HO1 PEG J . 23.05 10.15 -38.14
H21 PEG J . 24.61 10.83 -35.95
H22 PEG J . 23.08 10.68 -35.78
H31 PEG J . 25.33 12.71 -34.01
H32 PEG J . 24.71 11.30 -33.85
H41 PEG J . 23.13 13.44 -33.08
H42 PEG J . 24.33 13.09 -32.15
HO4 PEG J . 23.51 11.00 -32.08
C1 PEG K . 1.27 25.46 -22.20
O1 PEG K . 1.86 24.20 -22.01
C2 PEG K . 0.87 25.62 -23.65
O2 PEG K . 0.31 26.89 -23.84
C3 PEG K . -0.28 27.04 -25.12
C4 PEG K . -1.67 26.43 -25.16
O4 PEG K . -2.51 27.20 -25.99
H11 PEG K . 1.87 26.17 -21.97
H12 PEG K . 0.47 25.56 -21.64
HO1 PEG K . 2.34 24.24 -21.30
H21 PEG K . 0.24 24.92 -23.87
H22 PEG K . 1.65 25.48 -24.19
H31 PEG K . 0.26 26.62 -25.79
H32 PEG K . -0.36 27.98 -25.34
H41 PEG K . -1.99 26.37 -24.25
H42 PEG K . -1.57 25.51 -25.49
HO4 PEG K . -2.11 27.35 -26.71
C1 PEG L . 10.36 32.41 -48.66
O1 PEG L . 11.40 33.00 -47.89
C2 PEG L . 10.48 32.85 -50.09
O2 PEG L . 10.70 34.24 -50.16
C3 PEG L . 11.22 34.66 -51.39
C4 PEG L . 10.13 34.68 -52.43
O4 PEG L . 10.23 35.87 -53.20
H11 PEG L . 9.49 32.65 -48.32
H12 PEG L . 10.42 31.44 -48.62
HO1 PEG L . 11.23 32.85 -47.07
H21 PEG L . 9.66 32.60 -50.57
H22 PEG L . 11.21 32.35 -50.52
H31 PEG L . 11.94 34.07 -51.68
H32 PEG L . 11.61 35.54 -51.31
H41 PEG L . 9.28 34.61 -51.97
H42 PEG L . 10.23 33.88 -52.97
HO4 PEG L . 11.04 35.97 -53.44
C1 PEG M . -1.28 24.40 -65.22
O1 PEG M . -2.22 23.41 -65.53
C2 PEG M . -1.53 24.98 -63.86
O2 PEG M . -1.11 26.33 -63.82
C3 PEG M . 0.26 26.47 -63.53
C4 PEG M . 0.76 27.81 -63.99
O4 PEG M . 1.81 27.62 -64.93
H11 PEG M . -1.30 25.11 -65.88
H12 PEG M . -0.37 24.03 -65.25
HO1 PEG M . -2.09 23.14 -66.32
H21 PEG M . -1.06 24.44 -63.20
H22 PEG M . -2.48 24.90 -63.66
H31 PEG M . 0.77 25.77 -63.97
H32 PEG M . 0.42 26.37 -62.58
H41 PEG M . 1.05 28.31 -63.20
H42 PEG M . 0.02 28.30 -64.36
HO4 PEG M . 1.53 27.05 -65.50
CA CA N . 14.42 11.00 -27.94
C1 MLI O . 23.40 30.52 -48.01
C2 MLI O . 24.35 30.78 -49.18
C3 MLI O . 23.27 31.72 -47.04
O6 MLI O . 23.86 30.74 -50.34
O7 MLI O . 25.55 30.99 -48.91
O8 MLI O . 22.13 32.07 -46.68
O9 MLI O . 24.34 32.27 -46.69
H11 MLI O . 23.70 29.75 -47.49
H12 MLI O . 22.51 30.30 -48.34
C1 PEG P . -7.51 8.28 -38.03
O1 PEG P . -6.20 8.73 -37.76
C2 PEG P . -8.19 9.10 -39.10
O2 PEG P . -9.51 9.45 -38.71
C3 PEG P . -9.72 10.83 -38.53
C4 PEG P . -8.90 11.37 -37.38
O4 PEG P . -9.19 10.70 -36.19
H11 PEG P . -8.06 8.32 -37.22
H12 PEG P . -7.52 7.35 -38.31
HO1 PEG P . -5.80 8.82 -38.51
H21 PEG P . -8.19 8.60 -39.92
H22 PEG P . -7.65 9.89 -39.27
H31 PEG P . -10.65 11.01 -38.35
H32 PEG P . -9.49 11.32 -39.34
H41 PEG P . -9.07 12.33 -37.32
H42 PEG P . -7.95 11.28 -37.63
HO4 PEG P . -9.27 9.87 -36.37
C1 PEG Q . -11.39 3.99 -41.58
O1 PEG Q . -10.03 3.87 -41.26
C2 PEG Q . -11.58 4.11 -43.08
O2 PEG Q . -12.90 3.73 -43.40
C3 PEG Q . -13.00 2.59 -44.24
C4 PEG Q . -12.97 2.99 -45.70
O4 PEG Q . -13.49 2.03 -46.62
H11 PEG Q . -11.77 4.78 -41.16
H12 PEG Q . -11.90 3.23 -41.26
HO1 PEG Q . -9.58 4.33 -41.81
H21 PEG Q . -10.93 3.56 -43.53
H22 PEG Q . -11.40 5.03 -43.34
H31 PEG Q . -13.84 2.12 -44.06
H32 PEG Q . -12.29 1.97 -44.06
H41 PEG Q . -12.03 3.19 -45.89
H42 PEG Q . -13.45 3.82 -45.75
HO4 PEG Q . -13.30 1.25 -46.33
C1 PEG R . 4.36 61.52 -33.23
O1 PEG R . 5.69 61.42 -32.78
C2 PEG R . 4.20 60.93 -34.61
O2 PEG R . 4.63 61.88 -35.55
C3 PEG R . 4.07 61.67 -36.82
C4 PEG R . 4.99 62.26 -37.87
O4 PEG R . 6.25 62.49 -37.27
H11 PEG R . 4.07 62.44 -33.25
H12 PEG R . 3.76 61.05 -32.63
HO1 PEG R . 5.98 60.63 -32.96
H21 PEG R . 3.27 60.69 -34.74
H22 PEG R . 4.71 60.11 -34.66
H31 PEG R . 3.19 62.08 -36.89
H32 PEG R . 3.94 60.72 -36.98
H41 PEG R . 4.57 63.06 -38.22
H42 PEG R . 5.03 61.63 -38.61
HO4 PEG R . 6.39 61.89 -36.69
O1 PG4 S . -0.76 -3.25 -47.37
C1 PG4 S . -0.66 -1.93 -46.91
C2 PG4 S . 0.71 -1.69 -46.32
O2 PG4 S . 1.06 -2.77 -45.48
C3 PG4 S . 2.44 -3.04 -45.47
C4 PG4 S . 2.67 -4.39 -44.83
O3 PG4 S . 2.43 -5.39 -45.78
C5 PG4 S . 3.09 -6.58 -45.46
C6 PG4 S . 2.93 -7.56 -46.58
O4 PG4 S . 2.18 -8.69 -46.22
C7 PG4 S . 1.75 -9.25 -47.42
C8 PG4 S . 1.20 -10.60 -47.46
HO1 PG4 S . -1.57 -3.38 -47.62
H11 PG4 S . -1.33 -1.73 -46.24
H12 PG4 S . -0.78 -1.28 -47.64
H21 PG4 S . 0.70 -0.86 -45.82
H22 PG4 S . 1.35 -1.59 -47.04
H31 PG4 S . 2.91 -2.35 -44.96
H32 PG4 S . 2.79 -3.03 -46.36
H41 PG4 S . 2.09 -4.47 -44.05
H42 PG4 S . 3.59 -4.41 -44.50
H51 PG4 S . 2.75 -6.96 -44.65
H52 PG4 S . 4.04 -6.41 -45.31
H61 PG4 S . 3.82 -7.82 -46.88
H62 PG4 S . 2.52 -7.09 -47.32
H71 PG4 S . 2.49 -9.23 -48.04
H72 PG4 S . 1.07 -8.65 -47.79
H81 PG4 S . 0.25 -10.50 -47.56
H82 PG4 S . 1.32 -10.99 -46.61
O1 PG4 T . 8.39 -8.04 -49.49
C1 PG4 T . 7.22 -7.80 -50.23
C2 PG4 T . 7.56 -7.67 -51.70
O2 PG4 T . 7.40 -6.33 -52.12
C3 PG4 T . 8.61 -5.64 -52.37
C4 PG4 T . 9.49 -5.67 -51.15
O3 PG4 T . 9.97 -4.38 -50.79
C5 PG4 T . 10.69 -4.39 -49.58
C6 PG4 T . 9.78 -4.23 -48.38
O4 PG4 T . 8.63 -5.02 -48.55
C7 PG4 T . 7.42 -4.33 -48.66
C8 PG4 T . 7.39 -3.28 -49.73
O5 PG4 T . 7.03 -3.82 -50.97
HO1 PG4 T . 8.34 -7.61 -48.76
H11 PG4 T . 6.78 -6.99 -49.93
H12 PG4 T . 6.58 -8.52 -50.12
H21 PG4 T . 6.98 -8.26 -52.20
H22 PG4 T . 8.47 -7.98 -51.83
H31 PG4 T . 8.43 -4.72 -52.62
H32 PG4 T . 9.09 -6.04 -53.11
H41 PG4 T . 10.24 -6.27 -51.33
H42 PG4 T . 8.99 -6.05 -50.42
H51 PG4 T . 11.34 -3.67 -49.58
H52 PG4 T . 11.18 -5.22 -49.49
H61 PG4 T . 9.56 -3.30 -48.27
H62 PG4 T . 10.27 -4.49 -47.58
H72 PG4 T . 6.72 -4.97 -48.89
H81 PG4 T . 8.29 -2.88 -49.75
H82 PG4 T . 6.79 -2.59 -49.43
HO5 PG4 T . 6.37 -4.33 -50.85
O1 PG4 U . 12.55 24.76 -19.97
C1 PG4 U . 13.22 25.34 -21.05
C2 PG4 U . 13.92 24.26 -21.84
O2 PG4 U . 14.05 24.62 -23.20
C3 PG4 U . 12.89 24.34 -23.94
C4 PG4 U . 12.85 22.88 -24.32
O3 PG4 U . 11.53 22.40 -24.21
C5 PG4 U . 11.47 21.09 -23.75
C6 PG4 U . 11.98 20.99 -22.33
O4 PG4 U . 11.30 19.94 -21.65
C7 PG4 U . 11.92 19.49 -20.47
C8 PG4 U . 12.59 18.17 -20.73
O5 PG4 U . 11.80 17.12 -20.21
HO1 PG4 U . 12.07 25.37 -19.60
H11 PG4 U . 13.89 25.99 -20.76
H12 PG4 U . 12.61 25.82 -21.64
H21 PG4 U . 13.41 23.44 -21.75
H22 PG4 U . 14.79 24.10 -21.44
H31 PG4 U . 12.85 24.89 -24.74
H32 PG4 U . 12.09 24.57 -23.44
H41 PG4 U . 13.46 22.40 -23.74
H42 PG4 U . 13.20 22.79 -25.22
H51 PG4 U . 11.99 20.50 -24.31
H52 PG4 U . 10.55 20.77 -23.78
H61 PG4 U . 11.85 21.83 -21.89
H62 PG4 U . 12.94 20.82 -22.36
H71 PG4 U . 11.27 19.40 -19.76
H72 PG4 U . 12.57 20.14 -20.16
H81 PG4 U . 13.47 18.20 -20.33
H82 PG4 U . 12.73 18.08 -21.69
HO5 PG4 U . 11.01 17.19 -20.54
O1 PG4 V . 16.91 18.39 -54.47
C1 PG4 V . 17.26 19.75 -54.45
C2 PG4 V . 16.10 20.59 -53.95
O2 PG4 V . 16.15 20.79 -52.56
C3 PG4 V . 17.01 21.83 -52.14
C4 PG4 V . 16.95 22.10 -50.67
O3 PG4 V . 18.19 21.88 -50.02
C5 PG4 V . 18.40 22.72 -48.90
C6 PG4 V . 18.46 21.88 -47.66
O4 PG4 V . 18.64 22.67 -46.51
C7 PG4 V . 19.90 22.48 -45.94
C8 PG4 V . 20.96 23.11 -46.81
O5 PG4 V . 22.21 23.03 -46.16
HO1 PG4 V . 16.16 18.32 -54.87
H11 PG4 V . 17.51 20.07 -55.33
H12 PG4 V . 18.03 19.91 -53.87
H21 PG4 V . 15.28 20.15 -54.22
H22 PG4 V . 16.13 21.44 -54.42
H31 PG4 V . 16.79 22.65 -52.62
H32 PG4 V . 17.92 21.60 -52.37
H41 PG4 V . 16.27 21.52 -50.29
H42 PG4 V . 16.65 23.01 -50.54
H51 PG4 V . 17.68 23.37 -48.82
H52 PG4 V . 19.22 23.23 -49.00
H61 PG4 V . 19.19 21.25 -47.76
H62 PG4 V . 17.64 21.36 -47.60
H71 PG4 V . 20.08 21.53 -45.84
H72 PG4 V . 19.94 22.87 -45.06
H81 PG4 V . 20.69 24.01 -47.00
H82 PG4 V . 20.96 22.63 -47.67
HO5 PG4 V . 22.07 22.83 -45.34
C1 PEG W . 15.82 6.87 -20.31
O1 PEG W . 15.57 8.17 -20.76
C2 PEG W . 14.75 5.93 -20.81
O2 PEG W . 13.54 6.07 -20.11
C3 PEG W . 13.07 4.94 -19.41
C4 PEG W . 13.92 4.58 -18.22
O4 PEG W . 13.56 3.28 -17.82
H11 PEG W . 15.84 6.84 -19.34
H12 PEG W . 16.69 6.55 -20.61
HO1 PEG W . 14.73 8.29 -20.79
H21 PEG W . 15.10 5.03 -20.73
H22 PEG W . 14.63 6.09 -21.76
H31 PEG W . 13.03 4.18 -20.01
H32 PEG W . 12.17 5.10 -19.11
H41 PEG W . 13.77 5.24 -17.53
H42 PEG W . 14.85 4.64 -18.48
HO4 PEG W . 12.82 3.07 -18.20
C1 BEN X . -11.82 18.39 -2.80
C2 BEN X . -12.30 18.84 -4.00
C3 BEN X . -13.47 19.57 -4.02
C4 BEN X . -14.19 19.87 -2.90
C5 BEN X . -13.74 19.41 -1.67
C6 BEN X . -12.54 18.69 -1.65
C BEN X . -10.54 17.60 -2.83
N1 BEN X . -9.93 17.30 -1.74
N2 BEN X . -10.04 17.18 -4.02
H2 BEN X . -11.85 18.66 -4.79
H3 BEN X . -13.79 19.86 -4.85
H4 BEN X . -14.97 20.39 -2.95
H5 BEN X . -14.21 19.57 -0.89
H6 BEN X . -12.23 18.40 -0.83
HN1 BEN X . -10.36 17.64 -1.04
HN21 BEN X . -9.29 16.71 -4.04
HN22 BEN X . -10.44 17.35 -4.80
C1 PMA Y . -22.32 4.47 -20.35
C2 PMA Y . -23.27 5.52 -20.58
C3 PMA Y . -22.78 3.27 -19.82
C4 PMA Y . -25.06 4.02 -19.77
C5 PMA Y . -24.13 3.03 -19.55
C6 PMA Y . -24.62 5.25 -20.29
C7 PMA Y . -26.51 3.72 -19.41
C8 PMA Y . -24.50 1.68 -19.00
C9 PMA Y . -20.80 4.51 -20.59
C10 PMA Y . -22.88 6.90 -21.16
O1 PMA Y . -20.12 3.75 -19.88
O2 PMA Y . -20.30 5.27 -21.45
O3 PMA Y . -21.86 6.94 -21.88
O4 PMA Y . -23.60 7.88 -20.88
O5 PMA Y . -26.86 3.94 -18.21
O6 PMA Y . -27.23 3.19 -20.26
O7 PMA Y . -23.88 1.38 -17.99
O8 PMA Y . -25.32 1.01 -19.67
H3 PMA Y . -22.17 2.59 -19.65
H6 PMA Y . -25.24 5.92 -20.43
C1 BEN Z . -19.53 36.84 -26.20
C2 BEN Z . -19.87 37.54 -25.06
C3 BEN Z . -19.13 38.65 -24.69
C4 BEN Z . -18.06 39.06 -25.50
C5 BEN Z . -17.72 38.33 -26.62
C6 BEN Z . -18.46 37.24 -27.02
C BEN Z . -20.32 35.66 -26.58
N1 BEN Z . -19.84 34.60 -27.10
N2 BEN Z . -21.63 35.71 -26.42
H2 BEN Z . -20.58 37.27 -24.53
H3 BEN Z . -19.35 39.13 -23.92
H4 BEN Z . -17.58 39.81 -25.27
H5 BEN Z . -16.99 38.60 -27.13
H6 BEN Z . -18.24 36.78 -27.79
HN1 BEN Z . -18.96 34.66 -27.18
HN21 BEN Z . -22.00 36.43 -26.07
HN22 BEN Z . -22.14 35.01 -26.64
C1 BEN AA . -11.90 15.92 7.36
C2 BEN AA . -11.95 14.98 6.35
C3 BEN AA . -13.15 14.63 5.78
C4 BEN AA . -14.34 15.20 6.20
C5 BEN AA . -14.31 16.13 7.22
C6 BEN AA . -13.09 16.49 7.77
C BEN AA . -10.60 16.32 7.97
N1 BEN AA . -10.45 17.08 9.00
N2 BEN AA . -9.49 15.85 7.33
H2 BEN AA . -11.16 14.57 6.04
H3 BEN AA . -13.17 13.99 5.11
H4 BEN AA . -15.15 14.96 5.82
H5 BEN AA . -15.09 16.52 7.52
H6 BEN AA . -13.07 17.13 8.44
HN1 BEN AA . -11.23 17.35 9.34
HN21 BEN AA . -8.69 16.05 7.64
HN22 BEN AA . -9.53 15.31 6.61
C1 PG5 BA . -22.76 33.27 -33.07
O1 PG5 BA . -21.94 32.20 -33.48
C2 PG5 BA . -22.71 31.11 -33.89
C3 PG5 BA . -22.03 29.76 -33.72
O2 PG5 BA . -20.65 29.85 -33.73
C4 PG5 BA . -20.20 30.36 -32.52
C5 PG5 BA . -19.18 31.41 -32.81
O3 PG5 BA . -18.34 31.35 -31.72
C6 PG5 BA . -17.35 30.35 -31.81
C7 PG5 BA . -16.33 30.60 -32.89
O4 PG5 BA . -16.11 29.39 -33.57
C8 PG5 BA . -14.96 29.43 -34.37
H11 PG5 BA . -22.24 34.03 -32.76
H12 PG5 BA . -23.35 33.01 -32.34
H13 PG5 BA . -23.33 33.59 -33.80
H21 PG5 BA . -22.93 31.22 -34.83
H22 PG5 BA . -23.54 31.10 -33.41
H31 PG5 BA . -22.35 29.18 -34.43
H32 PG5 BA . -22.36 29.38 -32.88
H41 PG5 BA . -19.81 29.66 -31.97
H42 PG5 BA . -20.93 30.73 -32.00
H51 PG5 BA . -19.62 32.28 -32.92
H52 PG5 BA . -18.73 31.21 -33.65
H61 PG5 BA . -17.78 29.50 -31.99
H62 PG5 BA . -16.89 30.27 -30.96
H71 PG5 BA . -15.52 30.94 -32.48
H72 PG5 BA . -16.66 31.30 -33.47
H81 PG5 BA . -14.20 29.19 -33.82
H82 PG5 BA . -14.86 30.34 -34.71
H83 PG5 BA . -15.07 28.80 -35.10
C1 PEG CA . -20.94 25.35 -4.26
O1 PEG CA . -21.09 26.71 -3.92
C2 PEG CA . -22.13 24.91 -5.06
O2 PEG CA . -23.33 25.21 -4.39
C3 PEG CA . -24.46 24.77 -5.12
C4 PEG CA . -25.14 23.61 -4.44
O4 PEG CA . -25.95 22.90 -5.37
H11 PEG CA . -20.86 24.79 -3.47
H12 PEG CA . -20.14 25.21 -4.78
HO1 PEG CA . -20.48 26.91 -3.36
H21 PEG CA . -22.05 23.97 -5.24
H22 PEG CA . -22.10 25.37 -5.93
H31 PEG CA . -24.20 24.51 -6.02
H32 PEG CA . -25.09 25.50 -5.23
H41 PEG CA . -25.67 23.97 -3.70
H42 PEG CA . -24.45 23.06 -4.06
HO4 PEG CA . -26.41 23.47 -5.80
C1 PG5 DA . -15.14 12.67 -30.84
O1 PG5 DA . -15.34 11.56 -29.98
C2 PG5 DA . -14.87 11.79 -28.67
C3 PG5 DA . -15.57 10.90 -27.67
O2 PG5 DA . -16.08 9.72 -28.26
C4 PG5 DA . -16.34 8.68 -27.34
C5 PG5 DA . -16.97 7.52 -28.04
O3 PG5 DA . -16.12 7.08 -29.08
C6 PG5 DA . -16.76 6.23 -30.01
C7 PG5 DA . -16.65 6.85 -31.38
O4 PG5 DA . -17.69 6.37 -32.20
C8 PG5 DA . -17.39 6.51 -33.55
H11 PG5 DA . -15.34 12.45 -31.76
H12 PG5 DA . -14.22 12.98 -30.82
H13 PG5 DA . -15.69 13.42 -30.59
H21 PG5 DA . -15.00 12.71 -28.42
H22 PG5 DA . -13.91 11.61 -28.63
H31 PG5 DA . -16.28 11.42 -27.27
H32 PG5 DA . -14.94 10.69 -26.96
H41 PG5 DA . -16.92 9.00 -26.63
H42 PG5 DA . -15.51 8.40 -26.91
H51 PG5 DA . -17.83 7.79 -28.39
H52 PG5 DA . -17.13 6.82 -27.40
H61 PG5 DA . -17.69 6.10 -29.77
H62 PG5 DA . -16.35 5.35 -30.01
H71 PG5 DA . -15.78 6.62 -31.74
H72 PG5 DA . -16.68 7.81 -31.28
H81 PG5 DA . -16.77 5.81 -33.80
H82 PG5 DA . -17.01 7.38 -33.69
H83 PG5 DA . -18.22 6.42 -34.05
C1 PEG EA . -27.19 -0.89 -27.59
O1 PEG EA . -28.38 -1.06 -26.87
C2 PEG EA . -25.97 -0.84 -26.70
O2 PEG EA . -24.90 -0.21 -27.37
C3 PEG EA . -24.00 0.47 -26.53
C4 PEG EA . -23.32 1.62 -27.23
O4 PEG EA . -22.46 2.31 -26.33
H11 PEG EA . -27.22 -0.05 -28.09
H12 PEG EA . -27.07 -1.59 -28.24
HO1 PEG EA . -29.03 -1.08 -27.42
H21 PEG EA . -25.74 -1.74 -26.44
H22 PEG EA . -26.20 -0.37 -25.89
H31 PEG EA . -23.33 -0.14 -26.20
H32 PEG EA . -24.47 0.82 -25.75
H41 PEG EA . -24.01 2.20 -27.59
H42 PEG EA . -22.83 1.25 -27.98
HO4 PEG EA . -22.93 2.57 -25.67
C1 PEG FA . -7.08 20.03 -25.42
O1 PEG FA . -8.43 19.66 -25.56
C2 PEG FA . -6.77 20.39 -23.99
O2 PEG FA . -5.61 19.71 -23.54
C3 PEG FA . -4.77 20.49 -22.75
C4 PEG FA . -5.12 20.29 -21.29
O4 PEG FA . -4.42 21.20 -20.48
H11 PEG FA . -6.88 20.80 -25.97
H12 PEG FA . -6.49 19.32 -25.69
HO1 PEG FA . -8.53 18.89 -25.20
H21 PEG FA . -7.54 20.16 -23.44
H22 PEG FA . -6.66 21.35 -23.93
H31 PEG FA . -4.85 21.43 -22.98
H32 PEG FA . -3.84 20.25 -22.89
H41 PEG FA . -4.92 19.37 -21.08
H42 PEG FA . -6.08 20.40 -21.22
HO4 PEG FA . -3.89 21.64 -20.97
C1 PEG GA . 5.39 23.15 -8.95
O1 PEG GA . 4.80 24.25 -8.24
C2 PEG GA . 6.43 23.66 -9.90
O2 PEG GA . 5.89 23.76 -11.19
C3 PEG GA . 6.67 24.53 -12.07
C4 PEG GA . 5.82 24.97 -13.25
O4 PEG GA . 5.70 23.90 -14.18
H11 PEG GA . 4.71 22.66 -9.44
H12 PEG GA . 5.80 22.53 -8.33
HO1 PEG GA . 4.12 23.95 -7.82
H21 PEG GA . 7.19 23.05 -9.88
H22 PEG GA . 6.76 24.52 -9.59
H31 PEG GA . 7.44 24.02 -12.39
H32 PEG GA . 7.03 25.31 -11.63
H41 PEG GA . 6.26 25.75 -13.64
H42 PEG GA . 4.97 25.26 -12.91
HO4 PEG GA . 5.40 23.23 -13.77
C1 PG5 HA . 0.00 36.56 -8.75
O1 PG5 HA . 0.64 35.54 -8.04
C2 PG5 HA . 1.82 35.09 -8.66
C3 PG5 HA . 1.54 33.80 -9.37
O2 PG5 HA . 2.54 33.48 -10.31
C4 PG5 HA . 3.67 32.87 -9.71
C5 PG5 HA . 4.64 32.49 -10.81
O3 PG5 HA . 3.94 32.38 -12.03
C6 PG5 HA . 4.35 33.27 -13.04
C7 PG5 HA . 3.17 33.57 -13.91
O4 PG5 HA . 3.48 33.32 -15.27
C8 PG5 HA . 3.59 31.96 -15.55
H11 PG5 HA . -0.92 36.70 -8.45
H12 PG5 HA . -0.05 36.39 -9.70
H13 PG5 HA . 0.44 37.42 -8.65
H21 PG5 HA . 2.53 34.96 -8.02
H22 PG5 HA . 2.14 35.75 -9.31
H31 PG5 HA . 0.67 33.88 -9.80
H32 PG5 HA . 1.45 33.10 -8.70
H41 PG5 HA . 3.40 32.09 -9.21
H42 PG5 HA . 4.10 33.47 -9.09
H51 PG5 HA . 5.07 31.65 -10.56
H52 PG5 HA . 5.33 33.16 -10.85
H61 PG5 HA . 5.07 32.89 -13.57
H62 PG5 HA . 4.69 34.08 -12.65
H71 PG5 HA . 2.92 34.50 -13.77
H72 PG5 HA . 2.42 33.04 -13.62
H81 PG5 HA . 3.41 31.84 -16.50
H82 PG5 HA . 2.94 31.48 -15.02
H83 PG5 HA . 4.49 31.69 -15.34
C1 PEG IA . -28.25 16.04 -33.93
O1 PEG IA . -26.94 16.43 -33.60
C2 PEG IA . -29.25 17.01 -33.30
O2 PEG IA . -28.83 18.33 -33.50
C3 PEG IA . -29.51 19.25 -32.69
C4 PEG IA . -28.54 19.88 -31.71
O4 PEG IA . -29.23 20.49 -30.64
H11 PEG IA . -28.44 15.14 -33.62
H12 PEG IA . -28.38 16.04 -34.89
HO1 PEG IA . -26.41 15.82 -33.88
H21 PEG IA . -29.32 16.79 -32.36
H22 PEG IA . -30.12 16.84 -33.70
H31 PEG IA . -30.22 18.81 -32.20
H32 PEG IA . -29.93 19.94 -33.23
H41 PEG IA . -28.00 20.52 -32.21
H42 PEG IA . -27.94 19.19 -31.41
HO4 PEG IA . -30.06 20.49 -30.82
C1 PEG JA . -18.20 19.29 -33.92
O1 PEG JA . -18.37 20.64 -33.55
C2 PEG JA . -18.87 18.42 -32.89
O2 PEG JA . -18.65 18.95 -31.59
C3 PEG JA . -17.96 18.07 -30.75
C4 PEG JA . -17.79 18.67 -29.37
O4 PEG JA . -19.04 18.83 -28.74
H11 PEG JA . -17.27 19.05 -33.99
H12 PEG JA . -18.60 19.11 -34.79
HO1 PEG JA . -17.90 21.12 -34.09
H21 PEG JA . -18.51 17.52 -32.96
H22 PEG JA . -19.82 18.36 -33.09
H31 PEG JA . -17.09 17.86 -31.11
H32 PEG JA . -18.44 17.22 -30.67
H41 PEG JA . -17.34 19.52 -29.49
H42 PEG JA . -17.19 18.09 -28.88
HO4 PEG JA . -19.64 18.82 -29.34
C1 PEG KA . -9.89 46.37 -20.64
O1 PEG KA . -9.22 46.22 -19.42
C2 PEG KA . -9.27 45.47 -21.68
O2 PEG KA . -9.82 45.66 -22.96
C3 PEG KA . -11.18 45.36 -23.05
C4 PEG KA . -12.01 46.63 -23.12
O4 PEG KA . -13.30 46.41 -22.61
H11 PEG KA . -9.85 47.29 -20.96
H12 PEG KA . -10.83 46.14 -20.55
HO1 PEG KA . -9.49 46.82 -18.88
H21 PEG KA . -9.38 44.55 -21.39
H22 PEG KA . -8.31 45.64 -21.68
H31 PEG KA . -11.46 44.84 -22.29
H32 PEG KA . -11.36 44.82 -23.83
H41 PEG KA . -12.03 46.90 -24.06
H42 PEG KA . -11.53 47.31 -22.64
HO4 PEG KA . -13.23 46.26 -21.77
C1 PEG LA . -7.94 41.34 -5.07
O1 PEG LA . -9.25 41.56 -4.62
C2 PEG LA . -7.63 42.20 -6.28
O2 PEG LA . -8.69 43.09 -6.53
C3 PEG LA . -8.37 44.02 -7.53
C4 PEG LA . -9.59 44.34 -8.34
O4 PEG LA . -10.67 44.66 -7.49
H11 PEG LA . -7.80 40.41 -5.31
H12 PEG LA . -7.29 41.54 -4.37
HO1 PEG LA . -9.43 41.00 -4.03
H21 PEG LA . -7.47 41.61 -7.03
H22 PEG LA . -6.79 42.67 -6.11
H31 PEG LA . -7.67 43.67 -8.12
H32 PEG LA . -8.02 44.83 -7.15
H41 PEG LA . -9.79 43.58 -8.92
H42 PEG LA . -9.37 45.08 -8.94
HO4 PEG LA . -10.65 44.10 -6.84
C1 PEG MA . 1.26 30.07 -4.39
O1 PEG MA . 2.44 29.34 -4.68
C2 PEG MA . 0.32 30.04 -5.57
O2 PEG MA . 0.35 31.27 -6.27
C3 PEG MA . -0.74 32.08 -5.93
C4 PEG MA . -0.76 33.35 -6.75
O4 PEG MA . -2.06 33.89 -6.78
H11 PEG MA . 1.46 30.99 -4.17
H12 PEG MA . 0.80 29.70 -3.62
HO1 PEG MA . 2.95 29.40 -4.00
H21 PEG MA . -0.57 29.84 -5.25
H22 PEG MA . 0.59 29.31 -6.14
H31 PEG MA . -0.71 32.30 -4.99
H32 PEG MA . -1.58 31.61 -6.08
H41 PEG MA . -0.42 33.14 -7.63
H42 PEG MA . -0.12 33.97 -6.34
HO4 PEG MA . -2.42 33.75 -6.02
C1 PEG NA . 4.02 28.34 -14.36
C1 PEG NA . 3.88 28.39 -14.42
O1 PEG NA . 3.81 28.73 -15.69
O1 PEG NA . 3.57 28.92 -15.69
C2 PEG NA . 4.75 29.43 -13.61
C2 PEG NA . 4.63 29.42 -13.60
O2 PEG NA . 4.96 29.06 -12.27
O2 PEG NA . 4.77 28.99 -12.26
C3 PEG NA . 3.82 29.26 -11.47
C3 PEG NA . 3.62 29.27 -11.49
C4 PEG NA . 4.15 29.09 -10.00
C4 PEG NA . 3.92 29.14 -10.02
O4 PEG NA . 3.10 29.65 -9.24
O4 PEG NA . 5.19 28.58 -9.81
H11 PEG NA . 4.55 27.53 -14.32
H11 PEG NA . 4.42 27.59 -14.50
H12 PEG NA . 3.19 28.15 -13.91
H12 PEG NA . 3.08 28.14 -13.95
HO1 PEG NA . 3.36 28.12 -16.08
HO1 PEG NA . 3.09 28.36 -16.10
H21 PEG NA . 4.22 30.24 -13.68
H21 PEG NA . 4.15 30.26 -13.66
H22 PEG NA . 5.59 29.62 -14.06
H22 PEG NA . 5.49 29.56 -14.02
H31 PEG NA . 3.12 28.64 -11.72
H31 PEG NA . 2.90 28.67 -11.73
H32 PEG NA . 3.47 30.16 -11.61
H32 PEG NA . 3.30 30.17 -11.67
H41 PEG NA . 5.00 29.52 -9.83
H41 PEG NA . 3.21 28.61 -9.63
H42 PEG NA . 4.27 28.14 -9.85
H42 PEG NA . 3.84 30.03 -9.63
HO4 PEG NA . 3.36 29.66 -8.42
HO4 PEG NA . 5.38 28.66 -8.97
C1 PEG OA . -11.76 -3.31 -3.63
O1 PEG OA . -10.56 -2.91 -4.25
C2 PEG OA . -11.59 -3.35 -2.13
O2 PEG OA . -10.78 -2.28 -1.70
C3 PEG OA . -10.36 -2.42 -0.36
C4 PEG OA . -10.35 -1.08 0.31
O4 PEG OA . -11.67 -0.68 0.61
H11 PEG OA . -12.04 -4.20 -3.94
H12 PEG OA . -12.48 -2.70 -3.84
HO1 PEG OA . -10.04 -2.61 -3.65
H21 PEG OA . -11.20 -4.21 -1.89
H22 PEG OA . -12.46 -3.32 -1.72
H31 PEG OA . -9.48 -2.81 -0.33
H32 PEG OA . -10.96 -3.03 0.11
H41 PEG OA . -9.90 -0.46 -0.27
H42 PEG OA . -9.80 -1.17 1.12
HO4 PEG OA . -12.13 -0.75 -0.09
C1 PEG PA . -11.03 -2.01 3.49
O1 PEG PA . -12.33 -1.72 3.04
C2 PEG PA . -10.32 -0.74 3.92
O2 PEG PA . -10.71 -0.34 5.21
C3 PEG PA . -9.77 0.54 5.79
C4 PEG PA . -10.47 1.64 6.55
O4 PEG PA . -9.74 2.85 6.49
H11 PEG PA . -10.51 -2.44 2.78
H12 PEG PA . -11.05 -2.62 4.24
HO1 PEG PA . -12.66 -2.43 2.71
H21 PEG PA . -10.50 -0.05 3.26
H22 PEG PA . -9.36 -0.92 3.87
H31 PEG PA . -9.21 0.93 5.11
H32 PEG PA . -9.19 0.05 6.39
H41 PEG PA . -10.58 1.33 7.46
H42 PEG PA . -11.35 1.73 6.17
HO4 PEG PA . -9.01 2.74 6.92
CA CA QA . -10.53 38.57 -15.74
C1 MLI RA . 4.99 32.12 -18.86
C2 MLI RA . 5.00 30.91 -19.79
C3 MLI RA . 3.74 33.01 -19.03
O6 MLI RA . 5.13 31.14 -21.03
O7 MLI RA . 4.89 29.77 -19.27
O8 MLI RA . 3.24 33.51 -18.00
O9 MLI RA . 3.29 33.16 -20.19
H11 MLI RA . 5.78 32.67 -19.03
H12 MLI RA . 5.05 31.83 -17.94
C1 PEG SA . -1.23 15.07 5.73
O1 PEG SA . -1.99 16.11 6.29
C2 PEG SA . 0.15 15.03 6.35
O2 PEG SA . 1.11 14.73 5.36
C3 PEG SA . 2.36 14.43 5.91
C4 PEG SA . 3.33 15.54 5.60
O4 PEG SA . 4.26 15.65 6.67
H11 PEG SA . -1.13 15.19 4.77
H12 PEG SA . -1.65 14.21 5.86
HO1 PEG SA . -2.76 16.10 5.92
H21 PEG SA . 0.15 14.36 7.05
H22 PEG SA . 0.33 15.88 6.77
H31 PEG SA . 2.70 13.60 5.55
H32 PEG SA . 2.31 14.31 6.87
H41 PEG SA . 2.82 16.35 5.48
H42 PEG SA . 3.77 15.34 4.76
HO4 PEG SA . 4.64 14.90 6.75
C1 PEG TA . -15.41 -5.57 6.99
O1 PEG TA . -16.00 -4.88 5.90
C2 PEG TA . -14.97 -4.61 8.06
O2 PEG TA . -14.13 -3.59 7.58
C3 PEG TA . -13.56 -2.87 8.64
C4 PEG TA . -12.16 -3.40 8.84
O4 PEG TA . -11.29 -2.81 7.89
H11 PEG TA . -14.64 -6.08 6.70
H12 PEG TA . -16.04 -6.20 7.38
HO1 PEG TA . -16.18 -5.46 5.30
H21 PEG TA . -14.53 -5.11 8.76
H22 PEG TA . -15.78 -4.22 8.47
H31 PEG TA . -14.08 -2.98 9.46
H32 PEG TA . -13.55 -1.91 8.46
H41 PEG TA . -12.19 -4.36 8.77
H42 PEG TA . -11.90 -3.20 9.75
HO4 PEG TA . -11.67 -2.86 7.13
C1 PEG UA . -25.70 9.52 -29.78
O1 PEG UA . -24.39 9.49 -29.27
C2 PEG UA . -26.48 10.68 -29.21
O2 PEG UA . -27.80 10.29 -28.89
C3 PEG UA . -28.74 10.72 -29.84
C4 PEG UA . -30.10 10.10 -29.56
O4 PEG UA . -30.96 10.27 -30.67
H11 PEG UA . -26.17 8.69 -29.57
H12 PEG UA . -25.69 9.59 -30.75
HO1 PEG UA . -24.01 8.78 -29.55
H21 PEG UA . -26.47 11.41 -29.86
H22 PEG UA . -26.01 11.00 -28.42
H31 PEG UA . -28.46 10.48 -30.74
H32 PEG UA . -28.83 11.69 -29.82
H41 PEG UA . -30.45 10.52 -28.76
H42 PEG UA . -29.94 9.16 -29.35
HO4 PEG UA . -30.58 9.92 -31.36
C1 PEG VA . -28.39 7.51 -19.88
O1 PEG VA . -28.01 7.97 -18.60
C2 PEG VA . -27.84 8.38 -20.97
O2 PEG VA . -27.91 7.72 -22.21
C3 PEG VA . -27.17 8.28 -23.26
C4 PEG VA . -27.63 7.69 -24.57
O4 PEG VA . -26.63 7.76 -25.57
H11 PEG VA . -29.36 7.48 -19.96
H12 PEG VA . -28.08 6.59 -20.02
HO1 PEG VA . -27.96 8.81 -18.62
H21 PEG VA . -26.93 8.62 -20.75
H22 PEG VA . -28.35 9.21 -20.98
H31 PEG VA . -26.22 8.09 -23.14
H32 PEG VA . -27.25 9.24 -23.27
H41 PEG VA . -28.44 8.18 -24.82
H42 PEG VA . -27.91 6.78 -24.40
HO4 PEG VA . -26.34 6.98 -25.71
C1 PEG WA . -16.03 36.70 -33.50
O1 PEG WA . -15.53 37.63 -32.57
C2 PEG WA . -16.89 37.45 -34.49
O2 PEG WA . -17.53 36.65 -35.46
C3 PEG WA . -16.67 35.77 -36.17
C4 PEG WA . -15.44 36.47 -36.71
O4 PEG WA . -15.23 36.13 -38.05
H11 PEG WA . -16.56 36.01 -33.08
H12 PEG WA . -15.31 36.25 -33.97
HO1 PEG WA . -15.40 38.37 -32.97
H21 PEG WA . -16.32 38.11 -34.92
H22 PEG WA . -17.54 37.95 -33.98
H31 PEG WA . -17.15 35.38 -36.91
H32 PEG WA . -16.40 35.05 -35.59
H41 PEG WA . -14.69 36.18 -36.15
HO4 PEG WA . -15.92 36.37 -38.49
C1 PG5 XA . -11.99 41.27 -38.80
O1 PG5 XA . -12.05 41.34 -37.39
C2 PG5 XA . -11.04 40.60 -36.78
C3 PG5 XA . -11.60 39.73 -35.67
O2 PG5 XA . -12.28 40.54 -34.74
C4 PG5 XA . -12.55 39.90 -33.52
C5 PG5 XA . -12.22 40.83 -32.37
O3 PG5 XA . -11.53 40.10 -31.38
C6 PG5 XA . -10.92 40.91 -30.40
C7 PG5 XA . -9.64 41.51 -30.93
O4 PG5 XA . -9.60 42.88 -30.61
C8 PG5 XA . -8.51 43.21 -29.81
H11 PG5 XA . -12.61 41.89 -39.22
H12 PG5 XA . -12.19 40.39 -39.15
H13 PG5 XA . -11.10 41.51 -39.13
H21 PG5 XA . -10.36 41.19 -36.41
H22 PG5 XA . -10.58 40.03 -37.42
H31 PG5 XA . -10.87 39.25 -35.25
H32 PG5 XA . -12.20 39.07 -36.06
H41 PG5 XA . -12.05 39.08 -33.43
H42 PG5 XA . -13.50 39.65 -33.47
H51 PG5 XA . -13.04 41.20 -32.03
H52 PG5 XA . -11.69 41.56 -32.71
H61 PG5 XA . -10.71 40.39 -29.61
H62 PG5 XA . -11.52 41.62 -30.13
H71 PG5 XA . -9.60 41.37 -31.89
H72 PG5 XA . -8.89 41.04 -30.55
H81 PG5 XA . -8.61 44.14 -29.54
H82 PG5 XA . -7.70 43.09 -30.32
H83 PG5 XA . -8.53 42.63 -29.03
O1 PG4 YA . -5.43 -5.21 -8.57
C1 PG4 YA . -4.64 -4.66 -7.55
C2 PG4 YA . -5.34 -4.77 -6.23
O2 PG4 YA . -4.47 -5.23 -5.23
C3 PG4 YA . -3.59 -4.25 -4.75
C4 PG4 YA . -4.11 -3.71 -3.44
O3 PG4 YA . -4.81 -2.51 -3.70
C5 PG4 YA . -4.96 -1.70 -2.56
C6 PG4 YA . -4.13 -0.45 -2.75
O4 PG4 YA . -4.27 0.38 -1.63
C7 PG4 YA . -3.06 0.99 -1.20
C8 PG4 YA . -2.62 2.06 -2.16
O5 PG4 YA . -1.21 2.16 -2.13
HO1 PG4 YA . -5.01 -5.16 -9.30
H11 PG4 YA . -4.43 -3.73 -7.72
H12 PG4 YA . -3.78 -5.13 -7.48
H21 PG4 YA . -6.10 -5.36 -6.33
H22 PG4 YA . -5.71 -3.90 -6.01
H31 PG4 YA . -3.50 -3.53 -5.39
H32 PG4 YA . -2.70 -4.62 -4.62
H41 PG4 YA . -3.36 -3.56 -2.84
H42 PG4 YA . -4.67 -4.38 -3.02
H51 PG4 YA . -4.67 -2.16 -1.76
H52 PG4 YA . -5.89 -1.46 -2.42
H61 PG4 YA . -4.43 0.00 -3.56
H62 PG4 YA . -3.21 -0.71 -2.89
H71 PG4 YA . -2.37 0.31 -1.12
H72 PG4 YA . -3.18 1.38 -0.32
H81 PG4 YA . -3.05 2.89 -1.90
H82 PG4 YA . -2.96 1.83 -3.04
HO5 PG4 YA . -0.97 2.26 -1.32
O1 PG4 ZA . -14.92 3.18 -30.65
C1 PG4 ZA . -14.20 3.67 -29.55
C2 PG4 ZA . -13.19 4.71 -29.90
O2 PG4 ZA . -12.26 4.79 -28.83
C3 PG4 ZA . -10.98 4.19 -29.07
C4 PG4 ZA . -10.51 3.76 -27.68
O3 PG4 ZA . -9.35 4.36 -27.13
C5 PG4 ZA . -8.76 3.66 -26.07
C6 PG4 ZA . -7.83 2.55 -26.49
O4 PG4 ZA . -6.56 2.58 -25.95
C7 PG4 ZA . -5.83 3.75 -26.21
C8 PG4 ZA . -4.43 3.56 -25.72
O5 PG4 ZA . -3.84 2.45 -26.34
HO1 PG4 ZA . -15.45 2.58 -30.37
H11 PG4 ZA . -13.73 2.93 -29.12
H12 PG4 ZA . -14.79 4.05 -28.89
H21 PG4 ZA . -13.64 5.55 -30.05
H22 PG4 ZA . -12.75 4.47 -30.73
H31 PG4 ZA . -10.36 4.81 -29.47
H32 PG4 ZA . -11.05 3.42 -29.66
H41 PG4 ZA . -10.39 2.80 -27.73
H42 PG4 ZA . -11.27 3.92 -27.08
H51 PG4 ZA . -9.45 3.28 -25.52
H52 PG4 ZA . -8.25 4.27 -25.52
H61 PG4 ZA . -7.78 2.58 -27.46
H62 PG4 ZA . -8.27 1.72 -26.25
H71 PG4 ZA . -6.24 4.51 -25.78
H72 PG4 ZA . -5.83 3.94 -27.17
H81 PG4 ZA . -4.47 3.47 -24.75
H82 PG4 ZA . -3.95 4.38 -25.89
HO5 PG4 ZA . -4.37 1.79 -26.26
O1 PG4 AB . -27.35 6.48 -29.90
C1 PG4 AB . -26.07 6.15 -30.42
C2 PG4 AB . -25.17 5.74 -29.29
O2 PG4 AB . -25.85 4.81 -28.50
C3 PG4 AB . -25.31 4.58 -27.23
C4 PG4 AB . -26.01 3.37 -26.64
O3 PG4 AB . -25.25 2.87 -25.57
C5 PG4 AB . -25.32 3.58 -24.36
C6 PG4 AB . -26.77 3.70 -23.99
O4 PG4 AB . -26.92 3.80 -22.61
C7 PG4 AB . -27.62 4.98 -22.29
C8 PG4 AB . -29.05 4.93 -22.76
O5 PG4 AB . -29.60 3.64 -22.53
HO1 PG4 AB . -27.47 6.01 -29.19
H11 PG4 AB . -25.68 6.90 -30.88
H12 PG4 AB . -26.13 5.43 -31.05
H21 PG4 AB . -24.92 6.52 -28.77
H22 PG4 AB . -24.34 5.38 -29.64
H31 PG4 AB . -25.43 5.35 -26.65
H32 PG4 AB . -24.36 4.43 -27.29
H41 PG4 AB . -26.10 2.71 -27.34
H42 PG4 AB . -26.89 3.63 -26.36
H51 PG4 AB . -24.93 4.47 -24.46
H52 PG4 AB . -24.83 3.14 -23.66
H61 PG4 AB . -27.23 2.91 -24.33
H62 PG4 AB . -27.14 4.46 -24.45
H71 PG4 AB . -27.17 5.75 -22.68
H72 PG4 AB . -27.61 5.11 -21.32
H81 PG4 AB . -29.04 5.16 -23.71
H82 PG4 AB . -29.53 5.63 -22.30
HO5 PG4 AB . -29.20 3.09 -23.05
C1 PEG BB . 0.68 -8.15 -10.57
O1 PEG BB . 0.14 -9.11 -11.43
C2 PEG BB . 0.73 -6.82 -11.28
O2 PEG BB . 1.03 -5.77 -10.38
C3 PEG BB . 2.40 -5.59 -10.15
C4 PEG BB . 2.61 -5.04 -8.75
O4 PEG BB . 3.90 -4.47 -8.64
H11 PEG BB . 1.58 -8.39 -10.28
H12 PEG BB . 0.15 -8.05 -9.76
HO1 PEG BB . 0.30 -8.87 -12.23
H21 PEG BB . -0.12 -6.68 -11.73
H22 PEG BB . 1.40 -6.88 -11.98
H31 PEG BB . 2.78 -4.99 -10.80
H32 PEG BB . 2.87 -6.43 -10.24
H41 PEG BB . 2.48 -5.77 -8.13
H42 PEG BB . 1.91 -4.40 -8.58
HO4 PEG BB . 4.27 -4.50 -9.40
C1 BEN CB . 14.51 -10.05 14.71
C2 BEN CB . 14.77 -11.42 14.66
C3 BEN CB . 15.96 -11.87 14.10
C4 BEN CB . 16.94 -10.99 13.66
C5 BEN CB . 16.68 -9.64 13.75
C6 BEN CB . 15.51 -9.17 14.32
C BEN CB . 13.28 -9.48 15.34
N1 BEN CB . 13.10 -8.29 15.83
N2 BEN CB . 12.22 -10.34 15.38
H2 BEN CB . 14.15 -12.03 15.00
H3 BEN CB . 16.09 -12.78 14.00
H4 BEN CB . 17.74 -11.31 13.32
H5 BEN CB . 17.31 -9.02 13.43
H6 BEN CB . 15.39 -8.26 14.44
HN1 BEN CB . 13.83 -7.80 15.80
HN21 BEN CB . 11.45 -10.09 15.77
HN22 BEN CB . 12.27 -11.18 15.06
C1 BEN DB . 25.80 -37.25 22.26
C2 BEN DB . 25.52 -36.60 23.44
C3 BEN DB . 26.25 -35.46 23.85
C4 BEN DB . 27.24 -35.03 22.99
C5 BEN DB . 27.52 -35.67 21.83
C6 BEN DB . 26.77 -36.77 21.40
C BEN DB . 25.01 -38.40 21.85
N1 BEN DB . 23.77 -38.46 22.01
N2 BEN DB . 25.71 -39.40 21.30
H2 BEN DB . 24.82 -36.89 23.98
H3 BEN DB . 26.08 -35.04 24.66
H4 BEN DB . 27.75 -34.28 23.22
H5 BEN DB . 28.22 -35.36 21.29
H6 BEN DB . 26.93 -37.17 20.57
HN1 BEN DB . 23.49 -37.73 22.40
HN21 BEN DB . 25.29 -40.14 21.01
HN22 BEN DB . 26.59 -39.34 21.20
N1 EPE EB . 5.51 -8.06 -2.93
C2 EPE EB . 5.07 -7.22 -1.85
C3 EPE EB . 4.20 -8.02 -0.92
N4 EPE EB . 3.05 -8.60 -1.59
C5 EPE EB . 3.42 -9.25 -2.85
C6 EPE EB . 4.35 -8.42 -3.70
C7 EPE EB . 2.40 -9.54 -0.70
C8 EPE EB . 1.67 -10.70 -1.35
O8 EPE EB . 0.75 -10.20 -2.30
C9 EPE EB . 6.54 -7.48 -3.74
C10 EPE EB . 7.86 -8.21 -3.55
S EPE EB . 9.21 -7.55 -4.54
O1S EPE EB . 10.35 -8.43 -4.23
O2S EPE EB . 9.40 -6.16 -4.08
O3S EPE EB . 8.77 -7.63 -5.95
H21 EPE EB . 5.83 -6.86 -1.35
H22 EPE EB . 4.57 -6.46 -2.18
H31 EPE EB . 3.90 -7.43 -0.20
H32 EPE EB . 4.74 -8.71 -0.52
H51 EPE EB . 2.62 -9.44 -3.38
H52 EPE EB . 3.85 -10.10 -2.68
H61 EPE EB . 4.60 -8.94 -4.49
H62 EPE EB . 3.87 -7.64 -4.02
H71 EPE EB . 1.76 -9.04 -0.16
H72 EPE EB . 3.06 -9.89 -0.10
H81 EPE EB . 1.24 -11.22 -0.65
H82 EPE EB . 2.34 -11.28 -1.75
HO8 EPE EB . 0.53 -10.84 -2.82
H91 EPE EB . 6.64 -6.54 -3.51
H92 EPE EB . 6.27 -7.51 -4.67
H101 EPE EB . 7.79 -9.15 -3.79
C1 PEG FB . 18.27 -7.77 9.85
O1 PEG FB . 17.35 -8.15 10.87
C2 PEG FB . 17.73 -6.60 9.06
O2 PEG FB . 18.47 -6.44 7.86
C3 PEG FB . 17.84 -6.99 6.73
C4 PEG FB . 16.91 -5.99 6.09
O4 PEG FB . 16.11 -6.63 5.11
H11 PEG FB . 18.43 -8.51 9.24
H12 PEG FB . 19.13 -7.52 10.23
HO1 PEG FB . 16.83 -7.49 11.01
H21 PEG FB . 17.79 -5.81 9.61
H22 PEG FB . 16.80 -6.75 8.87
H31 PEG FB . 17.35 -7.79 6.97
H32 PEG FB . 18.51 -7.27 6.07
H41 PEG FB . 17.44 -5.28 5.72
H42 PEG FB . 16.37 -5.60 6.80
HO4 PEG FB . 16.29 -7.47 5.14
C1 PG5 GB . 24.43 -16.19 10.80
O1 PG5 GB . 23.68 -15.33 11.63
C2 PG5 GB . 24.49 -14.38 12.28
C3 PG5 GB . 23.66 -13.21 12.73
O2 PG5 GB . 23.99 -12.86 14.06
C4 PG5 GB . 24.58 -11.60 14.20
C5 PG5 GB . 25.75 -11.67 15.13
O3 PG5 GB . 25.52 -10.78 16.21
C6 PG5 GB . 26.51 -10.86 17.20
C7 PG5 GB . 26.27 -12.07 18.08
O4 PG5 GB . 27.46 -12.81 18.23
C8 PG5 GB . 27.50 -13.44 19.47
H11 PG5 GB . 23.94 -17.00 10.58
H12 PG5 GB . 25.26 -16.47 11.21
H13 PG5 GB . 24.66 -15.78 9.95
H21 PG5 GB . 25.19 -14.07 11.68
H22 PG5 GB . 24.93 -14.79 13.04
H31 PG5 GB . 22.73 -13.45 12.65
H32 PG5 GB . 23.81 -12.47 12.12
H41 PG5 GB . 23.92 -10.96 14.53
H42 PG5 GB . 24.87 -11.25 13.34
H51 PG5 GB . 26.55 -11.44 14.65
H52 PG5 GB . 25.85 -12.58 15.44
H61 PG5 GB . 26.52 -10.06 17.75
H62 PG5 GB . 27.39 -10.93 16.80
H71 PG5 GB . 25.56 -12.60 17.68
H72 PG5 GB . 25.93 -11.75 18.94
H81 PG5 GB . 28.23 -14.08 19.45
H82 PG5 GB . 26.66 -13.88 19.61
H83 PG5 GB . 27.66 -12.76 20.14
C1 PG5 HB . -6.15 -7.40 12.00
O1 PG5 HB . -6.71 -8.70 11.90
C2 PG5 HB . -7.38 -8.96 10.70
C3 PG5 HB . -6.42 -9.02 9.54
O2 PG5 HB . -7.01 -9.65 8.43
C4 PG5 HB . -6.25 -10.70 7.84
C5 PG5 HB . -5.37 -10.19 6.73
O3 PG5 HB . -4.23 -11.00 6.54
C6 PG5 HB . -3.38 -10.58 5.52
C7 PG5 HB . -3.77 -11.15 4.18
O4 PG5 HB . -2.64 -11.68 3.52
C8 PG5 HB . -2.21 -12.88 4.07
H11 PG5 HB . -6.07 -7.09 12.92
H12 PG5 HB . -6.67 -6.73 11.53
H13 PG5 HB . -5.25 -7.36 11.62
H21 PG5 HB . -8.04 -8.28 10.53
H22 PG5 HB . -7.86 -9.81 10.76
H31 PG5 HB . -5.63 -9.49 9.82
H32 PG5 HB . -6.15 -8.12 9.32
H41 PG5 HB . -6.83 -11.39 7.50
H42 PG5 HB . -5.69 -11.12 8.52
H51 PG5 HB . -5.12 -9.28 6.94
H52 PG5 HB . -5.90 -10.15 5.91
H61 PG5 HB . -2.47 -10.83 5.70
H62 PG5 HB . -3.39 -9.60 5.45
H71 PG5 HB . -4.20 -10.45 3.65
H72 PG5 HB . -4.44 -11.84 4.32
H81 PG5 HB . -1.55 -13.27 3.48
H82 PG5 HB . -2.98 -13.47 4.16
H83 PG5 HB . -1.82 -12.69 4.93
C1 BEN IB . 29.71 -7.93 26.27
C2 BEN IB . 28.88 -8.94 25.78
C3 BEN IB . 28.75 -9.15 24.41
C4 BEN IB . 29.47 -8.38 23.51
C5 BEN IB . 30.30 -7.38 23.98
C6 BEN IB . 30.42 -7.17 25.35
C BEN IB . 29.85 -7.67 27.72
N1 BEN IB . 30.96 -7.63 28.38
N2 BEN IB . 28.66 -7.46 28.37
H2 BEN IB . 28.39 -9.46 26.37
H3 BEN IB . 28.19 -9.83 24.09
H4 BEN IB . 29.39 -8.53 22.59
H5 BEN IB . 30.80 -6.85 23.39
H6 BEN IB . 30.98 -6.49 25.66
HN1 BEN IB . 31.65 -7.78 27.84
HN21 BEN IB . 28.66 -7.30 29.25
HN22 BEN IB . 27.88 -7.49 27.95
C1 PEG JB . 3.85 -3.79 0.07
O1 PEG JB . 3.16 -4.21 -1.09
C2 PEG JB . 3.54 -2.35 0.41
O2 PEG JB . 4.66 -1.80 1.08
C3 PEG JB . 4.53 -1.59 2.42
C4 PEG JB . 5.41 -2.55 3.21
O4 PEG JB . 6.15 -3.63 2.66
H11 PEG JB . 4.82 -3.87 -0.06
H12 PEG JB . 3.63 -4.34 0.83
HO1 PEG JB . 3.40 -5.00 -1.27
H21 PEG JB . 2.74 -2.33 0.97
H22 PEG JB . 3.32 -1.87 -0.40
H31 PEG JB . 3.61 -1.72 2.69
H32 PEG JB . 4.77 -0.68 2.65
H41 PEG JB . 4.79 -2.88 3.88
H42 PEG JB . 6.01 -1.94 3.67
HO4 PEG JB . 6.71 -3.31 2.11
C1 PEG KB . -5.53 -7.84 4.46
O1 PEG KB . -6.20 -6.92 3.62
C2 PEG KB . -4.55 -7.12 5.37
O2 PEG KB . -5.24 -6.09 6.04
C3 PEG KB . -5.88 -6.52 7.21
C4 PEG KB . -7.37 -6.63 7.08
O4 PEG KB . -7.93 -6.57 8.38
H11 PEG KB . -5.05 -8.50 3.95
H12 PEG KB . -6.17 -8.33 5.02
HO1 PEG KB . -6.88 -6.64 4.04
H21 PEG KB . -3.83 -6.77 4.82
H22 PEG KB . -4.16 -7.76 5.98
H31 PEG KB . -5.67 -5.91 7.94
H32 PEG KB . -5.52 -7.38 7.47
H41 PEG KB . -7.57 -7.46 6.62
H42 PEG KB . -7.67 -5.91 6.51
HO4 PEG KB . -7.31 -6.42 8.93
C1 PEG LB . 31.38 -19.60 6.12
O1 PEG LB . 30.69 -20.81 5.96
C2 PEG LB . 31.10 -18.94 7.46
O2 PEG LB . 31.75 -19.61 8.51
C3 PEG LB . 31.69 -18.90 9.73
C4 PEG LB . 31.96 -19.82 10.89
O4 PEG LB . 31.50 -19.25 12.09
H11 PEG LB . 31.13 -18.97 5.42
H12 PEG LB . 32.34 -19.74 6.05
HO1 PEG LB . 30.85 -21.11 5.18
H21 PEG LB . 30.14 -18.94 7.60
H22 PEG LB . 31.38 -18.01 7.40
H31 PEG LB . 30.81 -18.49 9.83
H32 PEG LB . 32.33 -18.16 9.72
H41 PEG LB . 32.92 -19.98 10.90
H42 PEG LB . 31.53 -20.66 10.69
HO4 PEG LB . 31.64 -18.41 12.07
C1 PEG MB . -2.07 -28.74 17.42
O1 PEG MB . -2.96 -27.76 17.90
C2 PEG MB . -1.14 -29.20 18.51
O2 PEG MB . -0.71 -28.10 19.27
C3 PEG MB . 0.68 -27.93 19.26
C4 PEG MB . 1.04 -26.55 19.74
O4 PEG MB . 0.75 -25.60 18.73
H11 PEG MB . -1.54 -28.40 16.68
H12 PEG MB . -2.55 -29.52 17.08
HO1 PEG MB . -2.60 -27.38 18.58
H21 PEG MB . -0.39 -29.65 18.09
H22 PEG MB . -1.60 -29.85 19.05
H31 PEG MB . 1.04 -28.07 18.38
H32 PEG MB . 1.11 -28.59 19.83
H41 PEG MB . 1.97 -26.54 19.98
H42 PEG MB . 0.54 -26.39 20.56
HO4 PEG MB . -0.08 -25.65 18.56
C1 PEG NB . 27.32 -22.34 22.85
O1 PEG NB . 28.44 -22.84 22.17
C2 PEG NB . 27.52 -20.88 23.18
O2 PEG NB . 26.87 -20.55 24.38
C3 PEG NB . 27.52 -19.56 25.17
C4 PEG NB . 28.86 -19.95 25.76
O4 PEG NB . 29.30 -18.90 26.61
H11 PEG NB . 27.17 -22.83 23.68
H12 PEG NB . 26.51 -22.43 22.33
HO1 PEG NB . 29.12 -22.38 22.40
H21 PEG NB . 27.19 -20.35 22.44
H22 PEG NB . 28.48 -20.71 23.24
H31 PEG NB . 26.94 -19.30 25.90
H32 PEG NB . 27.66 -18.77 24.63
H41 PEG NB . 29.47 -20.13 25.04
H42 PEG NB . 28.74 -20.79 26.24
HO4 PEG NB . 28.75 -18.26 26.54
C1 PEG OB . 21.27 -40.74 5.13
O1 PEG OB . 21.79 -41.42 4.00
C2 PEG OB . 20.78 -41.75 6.13
O2 PEG OB . 21.63 -41.79 7.26
C3 PEG OB . 22.92 -42.25 6.97
C4 PEG OB . 23.62 -42.74 8.22
O4 PEG OB . 22.66 -43.12 9.19
H11 PEG OB . 20.53 -40.17 4.89
H12 PEG OB . 21.95 -40.19 5.54
HO1 PEG OB . 21.16 -41.89 3.68
H21 PEG OB . 20.75 -42.62 5.70
H22 PEG OB . 19.87 -41.52 6.38
H31 PEG OB . 23.45 -41.54 6.57
H32 PEG OB . 22.89 -42.97 6.33
H41 PEG OB . 24.19 -42.01 8.53
H42 PEG OB . 24.21 -43.47 7.97
HO4 PEG OB . 21.98 -43.40 8.78
CA CA PB . 22.80 -29.04 26.82
C1 MLI QB . -5.60 -30.67 12.91
C2 MLI QB . -4.68 -31.90 13.06
C3 MLI QB . -7.10 -30.98 13.09
O6 MLI QB . -4.22 -32.13 14.21
O7 MLI QB . -4.44 -32.57 12.04
O8 MLI QB . -7.72 -30.33 13.96
O9 MLI QB . -7.60 -31.86 12.35
H11 MLI QB . -5.48 -30.27 12.04
H12 MLI QB . -5.36 -29.99 13.56
C1 PEG RB . -4.57 -3.63 10.49
O1 PEG RB . -5.19 -4.89 10.46
C2 PEG RB . -4.31 -3.20 9.07
O2 PEG RB . -4.12 -1.82 8.96
C3 PEG RB . -2.79 -1.44 9.23
C4 PEG RB . -2.39 -0.36 8.27
O4 PEG RB . -2.65 -0.78 6.95
H11 PEG RB . -3.73 -3.66 10.97
H12 PEG RB . -5.12 -2.97 10.93
HO1 PEG RB . -5.30 -5.15 11.25
H21 PEG RB . -5.07 -3.48 8.53
H22 PEG RB . -3.54 -3.69 8.75
H31 PEG RB . -2.19 -2.20 9.13
H32 PEG RB . -2.70 -1.13 10.14
H41 PEG RB . -1.45 -0.16 8.41
H42 PEG RB . -2.88 0.44 8.50
HO4 PEG RB . -3.27 -1.36 6.98
C1 PEG SB . -5.83 -2.99 3.13
O1 PEG SB . -4.55 -2.44 3.32
C2 PEG SB . -6.24 -3.79 4.34
O2 PEG SB . -7.00 -3.03 5.25
C3 PEG SB . -6.27 -2.06 5.95
C4 PEG SB . -7.11 -1.51 7.09
O4 PEG SB . -7.00 -0.09 7.19
H11 PEG SB . -5.86 -3.57 2.36
H12 PEG SB . -6.49 -2.29 2.99
HO1 PEG SB . -4.54 -2.02 4.05
H21 PEG SB . -5.43 -4.12 4.78
H22 PEG SB . -6.73 -4.57 4.04
H31 PEG SB . -6.02 -1.33 5.36
H32 PEG SB . -5.46 -2.44 6.30
H41 PEG SB . -6.81 -1.95 7.89
H42 PEG SB . -8.02 -1.78 6.93
HO4 PEG SB . -7.13 0.23 6.42
C1 PEG TB . 0.89 -16.36 -7.42
O1 PEG TB . 1.05 -17.71 -7.77
C2 PEG TB . 1.25 -16.17 -5.97
O2 PEG TB . 0.22 -16.65 -5.15
C3 PEG TB . 0.25 -16.05 -3.87
C4 PEG TB . -0.29 -17.01 -2.83
O4 PEG TB . -1.70 -16.97 -2.84
H11 PEG TB . -0.03 -16.07 -7.56
H12 PEG TB . 1.44 -15.79 -7.97
HO1 PEG TB . 0.78 -17.81 -8.58
H21 PEG TB . 1.42 -15.22 -5.82
H22 PEG TB . 2.09 -16.64 -5.80
H31 PEG TB . -0.27 -15.24 -3.86
H32 PEG TB . 1.16 -15.81 -3.63
H41 PEG TB . 0.07 -16.75 -1.98
H42 PEG TB . 0.06 -17.88 -3.04
HO4 PEG TB . -1.96 -16.89 -3.65
C1 PEG UB . 19.00 -12.07 -8.67
O1 PEG UB . 18.55 -11.69 -9.94
C2 PEG UB . 18.15 -13.15 -8.07
O2 PEG UB . 17.09 -12.61 -7.31
C3 PEG UB . 16.16 -11.89 -8.08
C4 PEG UB . 14.74 -12.28 -7.74
O4 PEG UB . 14.02 -12.83 -8.85
H11 PEG UB . 19.00 -11.31 -8.06
H12 PEG UB . 19.92 -12.39 -8.71
HO1 PEG UB . 18.92 -10.93 -10.13
H21 PEG UB . 18.73 -13.72 -7.52
H22 PEG UB . 17.82 -13.71 -8.79
H31 PEG UB . 16.31 -12.05 -9.02
H32 PEG UB . 16.27 -10.94 -7.93
H41 PEG UB . 14.31 -11.47 -7.40
H42 PEG UB . 14.79 -12.90 -7.01
HO4 PEG UB . 14.53 -13.38 -9.25
C1 PEG VB . 11.57 0.41 7.40
O1 PEG VB . 10.66 0.76 8.41
C2 PEG VB . 10.80 -0.18 6.23
O2 PEG VB . 11.39 0.19 5.01
C3 PEG VB . 11.11 1.51 4.64
C4 PEG VB . 11.91 1.85 3.42
O4 PEG VB . 13.15 2.35 3.88
H11 PEG VB . 12.22 -0.23 7.71
H12 PEG VB . 12.07 1.18 7.09
HO1 PEG VB . 10.75 1.58 8.58
H21 PEG VB . 9.89 0.12 6.29
H22 PEG VB . 10.79 -1.15 6.33
H31 PEG VB . 11.31 2.13 5.36
H32 PEG VB . 10.16 1.62 4.44
H41 PEG VB . 11.42 2.50 2.90
H42 PEG VB . 12.00 1.06 2.88
HO4 PEG VB . 13.36 1.93 4.58
C1 PEG WB . 8.29 1.25 -3.69
O1 PEG WB . 7.43 1.23 -4.82
C2 PEG WB . 7.85 2.35 -2.76
O2 PEG WB . 8.27 2.08 -1.45
C3 PEG WB . 9.66 2.11 -1.29
C4 PEG WB . 10.06 2.64 0.05
O4 PEG WB . 9.95 1.64 1.04
H11 PEG WB . 9.21 1.40 -3.95
H12 PEG WB . 8.25 0.41 -3.22
HO1 PEG WB . 7.67 0.57 -5.32
H21 PEG WB . 6.88 2.45 -2.82
H22 PEG WB . 8.22 3.19 -3.09
H31 PEG WB . 10.07 2.65 -1.99
H32 PEG WB . 10.03 1.21 -1.40
H41 PEG WB . 9.48 3.40 0.24
H42 PEG WB . 10.96 2.99 -0.03
HO4 PEG WB . 10.46 1.00 0.82
O1 PG4 XB . -12.12 -11.09 8.59
C1 PG4 XB . -10.79 -10.68 8.83
C2 PG4 XB . -10.27 -9.88 7.66
O2 PG4 XB . -9.52 -10.71 6.80
C3 PG4 XB . -9.96 -10.70 5.47
C4 PG4 XB . -9.29 -11.81 4.70
O3 PG4 XB . -7.89 -11.60 4.73
C5 PG4 XB . -7.35 -11.32 3.47
C6 PG4 XB . -7.14 -12.61 2.70
O4 PG4 XB . -6.08 -13.33 3.28
C7 PG4 XB . -5.18 -13.87 2.34
C8 PG4 XB . -5.74 -15.11 1.69
O5 PG4 XB . -4.67 -15.95 1.31
HO1 PG4 XB . -12.42 -11.41 9.31
H11 PG4 XB . -10.21 -11.44 8.97
H12 PG4 XB . -10.73 -10.14 9.62
H21 PG4 XB . -9.74 -9.15 8.00
H22 PG4 XB . -11.03 -9.49 7.19
H31 PG4 XB . -9.76 -9.85 5.05
H32 PG4 XB . -10.93 -10.81 5.42
H41 PG4 XB . -9.63 -11.81 3.80
H42 PG4 XB . -9.53 -12.66 5.10
H51 PG4 XB . -6.49 -10.87 3.55
H52 PG4 XB . -7.93 -10.74 2.96
H61 PG4 XB . -6.98 -12.40 1.77
H62 PG4 XB . -7.98 -13.11 2.71
H71 PG4 XB . -4.34 -14.07 2.77
H72 PG4 XB . -4.99 -13.20 1.64
H81 PG4 XB . -6.28 -14.83 0.94
H82 PG4 XB . -6.34 -15.53 2.33
HO5 PG4 XB . -4.04 -15.46 1.02
O1 PG4 YB . -4.54 -14.08 -6.27
C1 PG4 YB . -5.90 -14.30 -6.53
C2 PG4 YB . -6.22 -15.78 -6.47
O2 PG4 YB . -5.90 -16.32 -5.21
C3 PG4 YB . -6.82 -16.00 -4.19
C4 PG4 YB . -7.01 -17.21 -3.31
O3 PG4 YB . -8.38 -17.43 -3.06
C5 PG4 YB . -8.94 -16.52 -2.14
C6 PG4 YB . -8.97 -17.14 -0.78
O4 PG4 YB . -10.16 -16.81 -0.14
C7 PG4 YB . -10.18 -17.20 1.22
C8 PG4 YB . -11.58 -17.54 1.65
O5 PG4 YB . -11.54 -18.49 2.70
HO1 PG4 YB . -4.35 -14.44 -5.52
H11 PG4 YB . -6.14 -13.97 -7.41
H12 PG4 YB . -6.46 -13.84 -5.89
H21 PG4 YB . -5.73 -16.23 -7.18
H22 PG4 YB . -7.16 -15.89 -6.67
H31 PG4 YB . -7.67 -15.74 -4.58
H32 PG4 YB . -6.52 -15.26 -3.66
H41 PG4 YB . -6.52 -17.08 -2.49
H42 PG4 YB . -6.61 -17.98 -3.76
H51 PG4 YB . -9.83 -16.27 -2.40
H52 PG4 YB . -8.41 -15.71 -2.11
H61 PG4 YB . -8.19 -16.84 -0.27
H62 PG4 YB . -8.86 -18.11 -0.87
H71 PG4 YB . -9.83 -16.50 1.78
H72 PG4 YB . -9.61 -17.97 1.36
H81 PG4 YB . -12.06 -17.87 0.87
H82 PG4 YB . -12.02 -16.72 1.92
HO5 PG4 YB . -11.09 -19.15 2.42
O1 PG4 ZB . 14.97 -13.89 31.78
C1 PG4 ZB . 15.81 -13.36 30.76
C2 PG4 ZB . 17.12 -14.11 30.77
O2 PG4 ZB . 16.97 -15.46 31.16
C3 PG4 ZB . 18.17 -16.19 31.07
C4 PG4 ZB . 17.93 -17.68 31.24
O3 PG4 ZB . 19.04 -18.50 30.90
C5 PG4 ZB . 20.03 -18.40 31.86
C6 PG4 ZB . 21.13 -17.59 31.23
O4 PG4 ZB . 21.41 -16.46 32.04
C7 PG4 ZB . 21.56 -15.29 31.28
C8 PG4 ZB . 22.40 -14.30 32.04
O5 PG4 ZB . 21.90 -14.17 33.35
HO1 PG4 ZB . 14.25 -13.45 31.79
H11 PG4 ZB . 15.97 -12.42 30.90
H12 PG4 ZB . 15.40 -13.46 29.89
H21 PG4 ZB . 17.72 -13.65 31.38
H22 PG4 ZB . 17.51 -14.04 29.89
H31 PG4 ZB . 18.80 -15.90 31.74
H32 PG4 ZB . 18.60 -16.04 30.20
H41 PG4 ZB . 17.15 -17.91 30.69
H42 PG4 ZB . 17.67 -17.83 32.16
H51 PG4 ZB . 20.35 -19.26 32.12
H52 PG4 ZB . 19.70 -17.96 32.65
H61 PG4 ZB . 20.85 -17.32 30.34
H62 PG4 ZB . 21.91 -18.16 31.14
H71 PG4 ZB . 20.69 -14.90 31.08
H72 PG4 ZB . 21.98 -15.49 30.43
H81 PG4 ZB . 22.39 -13.46 31.55
H82 PG4 ZB . 23.32 -14.61 32.02
HO5 PG4 ZB . 21.58 -14.92 33.58
O1 PG4 AC . 29.63 -16.58 19.41
C1 PG4 AC . 29.48 -16.85 20.79
C2 PG4 AC . 28.28 -16.12 21.32
O2 PG4 AC . 27.26 -16.08 20.33
C3 PG4 AC . 26.00 -16.52 20.77
C4 PG4 AC . 26.04 -18.02 20.94
O3 PG4 AC . 26.34 -18.35 22.27
C5 PG4 AC . 25.22 -18.52 23.09
C6 PG4 AC . 25.35 -17.54 24.23
O4 PG4 AC . 25.11 -18.19 25.46
C7 PG4 AC . 24.90 -17.27 26.51
C8 PG4 AC . 26.17 -16.66 27.02
O5 PG4 AC . 26.01 -15.31 27.42
HO1 PG4 AC . 28.88 -16.71 19.04
H11 PG4 AC . 30.26 -16.56 21.29
H12 PG4 AC . 29.38 -17.80 20.95
H21 PG4 AC . 28.54 -15.23 21.58
H22 PG4 AC . 27.97 -16.58 22.12
H31 PG4 AC . 25.31 -16.28 20.13
H32 PG4 AC . 25.76 -16.09 21.61
H41 PG4 AC . 26.70 -18.37 20.33
H42 PG4 AC . 25.17 -18.37 20.67
H51 PG4 AC . 25.17 -19.42 23.44
H52 PG4 AC . 24.39 -18.36 22.61
H61 PG4 AC . 24.72 -16.82 24.09
H62 PG4 AC . 26.23 -17.16 24.20
H71 PG4 AC . 24.44 -17.71 27.24
H72 PG4 AC . 24.31 -16.56 26.20
H81 PG4 AC . 26.84 -16.75 26.32
H82 PG4 AC . 26.48 -17.21 27.76
HO5 PG4 AC . 25.44 -15.29 28.06
O1 PG4 BC . 15.05 -37.47 -10.32
C1 PG4 BC . 15.27 -36.23 -10.94
C2 PG4 BC . 15.08 -36.37 -12.41
O2 PG4 BC . 16.33 -36.48 -13.05
C3 PG4 BC . 16.33 -37.27 -14.21
C4 PG4 BC . 16.68 -38.70 -13.84
O3 PG4 BC . 18.08 -38.83 -13.67
C5 PG4 BC . 18.54 -40.16 -13.70
C6 PG4 BC . 18.57 -40.76 -12.31
O4 PG4 BC . 19.05 -42.08 -12.33
C7 PG4 BC . 18.12 -43.03 -12.82
C8 PG4 BC . 17.57 -43.89 -11.70
O5 PG4 BC . 16.86 -44.99 -12.20
HO1 PG4 BC . 15.62 -38.02 -10.62
H11 PG4 BC . 16.16 -35.90 -10.76
H12 PG4 BC . 14.64 -35.56 -10.61
H21 PG4 BC . 14.59 -35.60 -12.73
H22 PG4 BC . 14.53 -37.15 -12.57
H31 PG4 BC . 16.95 -36.94 -14.87
H32 PG4 BC . 15.45 -37.27 -14.63
H41 PG4 BC . 16.36 -39.28 -14.55
H42 PG4 BC . 16.20 -38.93 -13.04
H51 PG4 BC . 19.42 -40.21 -14.08
H52 PG4 BC . 17.95 -40.70 -14.26
H61 PG4 BC . 17.68 -40.71 -11.93
H62 PG4 BC . 19.14 -40.20 -11.75
H71 PG4 BC . 18.55 -43.60 -13.48
H72 PG4 BC . 17.39 -42.58 -13.26
H81 PG4 BC . 17.01 -43.31 -11.15
H82 PG4 BC . 18.32 -44.15 -11.15
HO5 PG4 BC . 16.17 -44.70 -12.60
C1 PEG CC . 19.55 -43.69 -17.85
O1 PEG CC . 18.83 -44.77 -18.44
C2 PEG CC . 19.10 -42.38 -18.46
O2 PEG CC . 18.67 -41.49 -17.44
C3 PEG CC . 18.54 -40.15 -17.88
C4 PEG CC . 17.09 -39.84 -18.12
O4 PEG CC . 16.97 -38.59 -18.78
H11 PEG CC . 20.50 -43.79 -17.98
H12 PEG CC . 19.41 -43.66 -16.89
HO1 PEG CC . 19.10 -45.49 -18.07
H21 PEG CC . 18.39 -42.56 -19.09
H22 PEG CC . 19.84 -42.01 -18.96
H31 PEG CC . 19.03 -40.01 -18.70
H32 PEG CC . 18.90 -39.55 -17.21
H41 PEG CC . 16.64 -39.83 -17.25
H42 PEG CC . 16.70 -40.56 -18.63
HO4 PEG CC . 17.68 -38.15 -18.63
C1 PEG DC . 18.22 -3.79 3.21
C1 PEG DC . 18.52 -3.83 3.26
O1 PEG DC . 19.06 -3.45 4.29
O1 PEG DC . 19.40 -3.48 4.30
C2 PEG DC . 19.06 -3.98 1.96
C2 PEG DC . 19.30 -4.31 2.06
O2 PEG DC . 18.25 -4.39 0.88
O2 PEG DC . 20.11 -3.28 1.54
C3 PEG DC . 17.72 -3.30 0.17
C3 PEG DC . 20.84 -3.69 0.41
C4 PEG DC . 16.56 -3.78 -0.68
C4 PEG DC . 21.74 -2.58 -0.05
O4 PEG DC . 16.72 -3.34 -2.00
O4 PEG DC . 23.06 -3.06 -0.16
H11 PEG DC . 17.56 -3.10 3.05
H11 PEG DC . 17.97 -3.06 3.00
H12 PEG DC . 17.74 -4.61 3.39
H12 PEG DC . 17.90 -4.52 3.54
HO1 PEG DC . 18.57 -3.25 4.96
HO1 PEG DC . 18.95 -3.12 4.92
H21 PEG DC . 19.75 -4.62 2.15
H21 PEG DC . 18.67 -4.64 1.40
H22 PEG DC . 19.50 -3.14 1.77
H22 PEG DC . 19.83 -5.07 2.34
H31 PEG DC . 18.39 -2.91 -0.40
H31 PEG DC . 20.23 -3.93 -0.30
H32 PEG DC . 17.41 -2.61 0.78
H32 PEG DC . 21.36 -4.48 0.62
H41 PEG DC . 15.74 -3.44 -0.27
H41 PEG DC . 21.66 -1.85 0.59
H42 PEG DC . 16.52 -4.74 -0.61
H42 PEG DC . 21.40 -2.25 -0.89
HO4 PEG DC . 16.79 -2.49 -1.99
HO4 PEG DC . 23.29 -3.39 0.60
C1 BEN EC . -2.92 -21.07 51.66
C2 BEN EC . -3.41 -20.54 50.50
C3 BEN EC . -4.59 -19.84 50.44
C4 BEN EC . -5.30 -19.57 51.56
C5 BEN EC . -4.83 -20.06 52.75
C6 BEN EC . -3.66 -20.79 52.79
C BEN EC . -1.63 -21.82 51.66
N1 BEN EC . -0.98 -22.07 52.77
N2 BEN EC . -1.12 -22.31 50.51
H2 BEN EC . -2.93 -20.66 49.72
H3 BEN EC . -4.89 -19.55 49.61
H4 BEN EC . -6.09 -19.07 51.53
H5 BEN EC . -5.30 -19.91 53.54
H6 BEN EC . -3.35 -21.10 53.61
HN1 BEN EC . -1.41 -21.71 53.47
HN21 BEN EC . -0.35 -22.75 50.52
HN22 BEN EC . -1.51 -22.17 49.73
C1 PMA FC . -13.49 -35.15 34.57
C2 PMA FC . -14.41 -34.10 34.30
C3 PMA FC . -13.98 -36.35 35.11
C4 PMA FC . -16.25 -35.51 35.15
C5 PMA FC . -15.34 -36.54 35.38
C6 PMA FC . -15.75 -34.30 34.61
C7 PMA FC . -17.72 -35.54 35.53
C8 PMA FC . -15.74 -37.91 35.94
C9 PMA FC . -11.98 -35.16 34.37
C10 PMA FC . -14.07 -32.73 33.69
O1 PMA FC . -11.29 -35.89 35.08
O2 PMA FC . -11.47 -34.40 33.47
O3 PMA FC . -14.87 -31.79 33.85
O4 PMA FC . -13.03 -32.66 32.97
O5 PMA FC . -17.90 -36.18 36.56
O6 PMA FC . -18.58 -34.84 35.00
O7 PMA FC . -15.14 -38.31 36.92
O8 PMA FC . -16.61 -38.50 35.25
H3 PMA FC . -13.39 -37.03 35.30
H6 PMA FC . -16.35 -33.62 34.44
C1 PG5 GC . -11.51 -32.02 24.88
O1 PG5 GC . -10.41 -31.35 25.43
C2 PG5 GC . -9.71 -30.57 24.49
C3 PG5 GC . -8.52 -29.91 25.09
O2 PG5 GC . -8.17 -28.74 24.40
C4 PG5 GC . -6.84 -28.32 24.66
C5 PG5 GC . -6.66 -27.87 26.09
O3 PG5 GC . -5.33 -28.06 26.46
C6 PG5 GC . -4.49 -26.98 26.12
C7 PG5 GC . -3.05 -27.38 26.28
O4 PG5 GC . -2.24 -26.61 25.41
C8 PG5 GC . -2.15 -27.13 24.12
H11 PG5 GC . -12.36 -31.69 25.23
H12 PG5 GC . -11.45 -32.96 25.14
H21 PG5 GC . -10.31 -29.88 24.12
H22 PG5 GC . -9.44 -31.12 23.75
H31 PG5 GC . -7.79 -30.56 25.10
H32 PG5 GC . -8.72 -29.72 26.03
H41 PG5 GC . -6.61 -27.59 24.07
H42 PG5 GC . -6.22 -29.04 24.47
H51 PG5 GC . -7.27 -28.38 26.66
H52 PG5 GC . -6.92 -26.94 26.16
H61 PG5 GC . -4.68 -26.22 26.68
H62 PG5 GC . -4.66 -26.70 25.21
H71 PG5 GC . -2.98 -28.33 26.08
H72 PG5 GC . -2.79 -27.26 27.20
H81 PG5 GC . -2.96 -26.90 23.64
H82 PG5 GC . -2.06 -28.09 24.19
H83 PG5 GC . -1.37 -26.74 23.69
C1 PG5 HC . -12.92 -24.55 21.18
O1 PG5 HC . -12.75 -25.62 20.26
C2 PG5 HC . -11.90 -26.64 20.70
C3 PG5 HC . -12.70 -27.86 21.08
O2 PG5 HC . -12.11 -28.51 22.18
C4 PG5 HC . -12.46 -29.87 22.28
C5 PG5 HC . -11.50 -30.73 21.49
O3 PG5 HC . -10.86 -29.97 20.49
C6 PG5 HC . -9.68 -29.34 20.92
C7 PG5 HC . -8.79 -29.09 19.73
O4 PG5 HC . -7.50 -28.77 20.18
C8 PG5 HC . -6.48 -29.52 19.59
H11 PG5 HC . -13.30 -23.76 20.77
H12 PG5 HC . -12.08 -24.28 21.59
H13 PG5 HC . -13.52 -24.79 21.91
H21 PG5 HC . -11.39 -26.34 21.47
H22 PG5 HC . -11.27 -26.87 20.02
H31 PG5 HC . -12.75 -28.45 20.31
H32 PG5 HC . -13.61 -27.59 21.28
H41 PG5 HC . -13.37 -30.00 21.95
H42 PG5 HC . -12.47 -30.15 23.20
H51 PG5 HC . -12.00 -31.46 21.11
H52 PG5 HC . -10.86 -31.10 22.11
H61 PG5 HC . -9.21 -29.90 21.57
H62 PG5 HC . -9.88 -28.50 21.37
H71 PG5 HC . -9.18 -28.37 19.21
H72 PG5 HC . -8.79 -29.88 19.17
H81 PG5 HC . -6.23 -29.09 18.76
H82 PG5 HC . -6.83 -30.41 19.43
H83 PG5 HC . -5.73 -29.55 20.21
N1 EPE IC . 7.58 -7.51 49.40
C2 EPE IC . 7.37 -7.94 50.76
C3 EPE IC . 8.68 -8.50 51.29
N4 EPE IC . 9.03 -9.70 50.55
C5 EPE IC . 8.99 -9.49 49.11
C6 EPE IC . 7.81 -8.69 48.59
C7 EPE IC . 10.29 -10.35 50.92
C8 EPE IC . 11.55 -9.52 51.08
O8 EPE IC . 12.19 -9.87 52.29
C9 EPE IC . 6.55 -6.66 48.82
C10 EPE IC . 7.15 -5.38 48.29
S EPE IC . 6.12 -4.44 47.15
O1S EPE IC . 7.05 -3.55 46.43
O2S EPE IC . 5.12 -3.72 47.97
O3S EPE IC . 5.49 -5.45 46.28
H21 EPE IC . 7.08 -7.21 51.32
H22 EPE IC . 6.69 -8.63 50.81
H31 EPE IC . 8.59 -8.68 52.23
H32 EPE IC . 9.36 -7.82 51.20
H51 EPE IC . 8.97 -10.35 48.66
H52 EPE IC . 9.79 -9.03 48.81
H61 EPE IC . 7.99 -8.45 47.67
H62 EPE IC . 7.03 -9.26 48.60
H71 EPE IC . 10.47 -11.03 50.26
H72 EPE IC . 10.13 -10.81 51.76
H81 EPE IC . 11.29 -8.58 51.05
H82 EPE IC . 12.11 -9.67 50.30
HO8 EPE IC . 11.61 -10.17 52.83
H91 EPE IC . 5.90 -6.47 49.50
H92 EPE IC . 6.10 -7.14 48.12
H101 EPE IC . 7.98 -5.56 47.79
H102 EPE IC . 7.37 -4.75 49.01
C1 BEN JC . 14.21 -15.27 39.74
C1 BEN JC . 14.09 -15.06 45.61
C2 BEN JC . 14.34 -16.47 40.45
C2 BEN JC . 14.33 -16.34 45.12
C3 BEN JC . 14.64 -16.47 41.80
C3 BEN JC . 14.87 -16.56 43.87
C4 BEN JC . 14.81 -15.27 42.48
C4 BEN JC . 15.20 -15.49 43.06
C5 BEN JC . 14.68 -14.07 41.79
C5 BEN JC . 14.99 -14.20 43.51
C6 BEN JC . 14.39 -14.07 40.44
C6 BEN JC . 14.47 -13.94 44.80
C BEN JC . 13.89 -15.27 38.29
C BEN JC . 13.50 -15.05 46.97
N1 BEN JC . 13.29 -14.33 37.65
N1 BEN JC . 13.79 -14.31 47.98
N2 BEN JC . 14.29 -16.38 37.61
N2 BEN JC . 12.54 -16.00 47.16
H2 BEN JC . 14.21 -17.28 40.00
H2 BEN JC . 14.12 -17.08 45.65
H3 BEN JC . 14.72 -17.27 42.26
H3 BEN JC . 15.01 -17.43 43.58
H4 BEN JC . 15.00 -15.26 43.38
H4 BEN JC . 15.58 -15.64 42.23
H5 BEN JC . 14.81 -13.26 42.24
H5 BEN JC . 15.19 -13.48 42.95
H6 BEN JC . 14.31 -13.26 39.99
H6 BEN JC . 14.38 -13.06 45.11
HN1 BEN JC . 13.06 -13.66 38.19
HN1 BEN JC . 14.42 -13.73 47.79
HN21 BEN JC . 14.15 -16.44 36.73
HN21 BEN JC . 12.14 -16.09 47.94
HN22 BEN JC . 14.72 -17.05 38.00
HN22 BEN JC . 12.30 -16.55 46.50
C1 PEG KC . -6.93 -38.38 17.96
O1 PEG KC . -7.31 -38.87 16.70
C2 PEG KC . -5.97 -37.23 17.80
O2 PEG KC . -5.55 -36.78 19.06
C3 PEG KC . -4.56 -35.79 19.05
C4 PEG KC . -5.17 -34.43 18.86
O4 PEG KC . -4.84 -33.54 19.90
H11 PEG KC . -6.50 -39.08 18.48
H12 PEG KC . -7.69 -38.08 18.47
HO1 PEG KC . -6.62 -39.00 16.23
H21 PEG KC . -6.40 -36.53 17.29
H22 PEG KC . -5.21 -37.53 17.26
H31 PEG KC . -3.92 -35.96 18.35
H32 PEG KC . -4.06 -35.80 19.89
H41 PEG KC . -6.13 -34.56 18.79
H42 PEG KC . -4.87 -34.10 18.00
HO4 PEG KC . -3.98 -33.53 19.98
C1 PEG LC . -6.94 -35.24 21.74
O1 PEG LC . -6.32 -36.38 22.27
C2 PEG LC . -8.18 -35.61 20.96
O2 PEG LC . -7.93 -35.72 19.58
C3 PEG LC . -8.65 -34.80 18.77
C4 PEG LC . -10.01 -35.30 18.38
O4 PEG LC . -9.86 -36.54 17.70
H11 PEG LC . -6.34 -34.77 21.14
H12 PEG LC . -7.19 -34.62 22.45
HO1 PEG LC . -6.85 -36.73 22.83
H21 PEG LC . -8.86 -34.93 21.13
H22 PEG LC . -8.52 -36.44 21.32
H31 PEG LC . -8.14 -34.61 17.96
H32 PEG LC . -8.74 -33.96 19.23
H41 PEG LC . -10.43 -34.62 17.82
H42 PEG LC . -10.53 -35.38 19.18
HO4 PEG LC . -9.10 -36.56 17.34
C1 BEN MC . -8.32 -10.96 51.35
C2 BEN MC . -9.22 -9.92 51.62
C3 BEN MC . -10.60 -10.19 51.68
C4 BEN MC . -11.06 -11.47 51.46
C5 BEN MC . -10.17 -12.50 51.19
C6 BEN MC . -8.81 -12.24 51.13
C BEN MC . -6.83 -10.72 51.29
N1 BEN MC . -6.24 -9.96 50.43
N2 BEN MC . -6.15 -11.41 52.26
H2 BEN MC . -8.92 -9.06 51.77
H3 BEN MC . -11.19 -9.49 51.86
H4 BEN MC . -11.97 -11.65 51.49
H5 BEN MC . -10.48 -13.37 51.04
H6 BEN MC . -8.21 -12.93 50.95
HN1 BEN MC . -5.36 -9.96 50.55
HN21 BEN MC . -5.26 -11.34 52.31
HN22 BEN MC . -6.55 -11.94 52.85
C1 PEG NC . -4.52 -41.82 57.64
O1 PEG NC . -4.09 -43.16 57.66
C2 PEG NC . -3.75 -41.02 58.65
O2 PEG NC . -2.42 -40.82 58.25
C3 PEG NC . -1.74 -39.83 58.97
C4 PEG NC . -0.57 -39.31 58.17
O4 PEG NC . -0.03 -38.13 58.74
H11 PEG NC . -5.48 -41.76 57.83
H12 PEG NC . -4.39 -41.43 56.76
HO1 PEG NC . -4.51 -43.58 57.06
H21 PEG NC . -3.80 -41.49 59.50
H22 PEG NC . -4.21 -40.18 58.78
H31 PEG NC . -1.42 -40.18 59.82
H32 PEG NC . -2.34 -39.09 59.19
H41 PEG NC . -0.89 -39.17 57.27
H42 PEG NC . 0.09 -40.03 58.12
HO4 PEG NC . -0.46 -37.97 59.47
C1 PEG OC . -8.89 1.58 41.89
O1 PEG OC . -9.92 1.43 42.84
C2 PEG OC . -8.92 2.98 41.33
O2 PEG OC . -9.46 3.00 40.03
C3 PEG OC . -8.60 3.63 39.11
C4 PEG OC . -9.03 3.35 37.67
O4 PEG OC . -8.51 4.28 36.72
H11 PEG OC . -9.00 0.96 41.15
H12 PEG OC . -8.03 1.41 42.28
HO1 PEG OC . -9.95 0.61 43.07
H21 PEG OC . -8.01 3.34 41.35
H22 PEG OC . -9.44 3.54 41.94
H31 PEG OC . -7.69 3.33 39.23
H32 PEG OC . -8.60 4.59 39.25
H41 PEG OC . -9.99 3.32 37.67
H42 PEG OC . -8.74 2.43 37.49
HO4 PEG OC . -7.67 4.37 36.87
C1 PG5 PC . -14.21 -34.72 54.36
O1 PG5 PC . -12.87 -35.16 54.19
C2 PG5 PC . -12.74 -36.33 53.41
C3 PG5 PC . -12.02 -36.11 52.11
O2 PG5 PC . -11.27 -37.21 51.69
C4 PG5 PC . -12.04 -38.38 51.55
C5 PG5 PC . -11.58 -39.38 52.55
O3 PG5 PC . -12.54 -40.42 52.61
C6 PG5 PC . -12.27 -41.31 51.56
C7 PG5 PC . -13.48 -41.15 50.70
O4 PG5 PC . -13.35 -40.99 49.33
C8 PG5 PC . -13.21 -42.23 48.73
H11 PG5 PC . -14.26 -33.99 55.00
H12 PG5 PC . -14.78 -35.42 54.70
H13 PG5 PC . -14.60 -34.40 53.53
H21 PG5 PC . -13.62 -36.71 53.22
H22 PG5 PC . -12.26 -37.01 53.92
H31 PG5 PC . -11.44 -35.33 52.21
H32 PG5 PC . -12.68 -35.87 51.44
H41 PG5 PC . -11.97 -38.73 50.65
H42 PG5 PC . -12.98 -38.18 51.69
H51 PG5 PC . -11.45 -38.95 53.40
H52 PG5 PC . -10.71 -39.72 52.28
H61 PG5 PC . -12.17 -42.23 51.86
H62 PG5 PC . -11.46 -41.08 51.07
H71 PG5 PC . -13.96 -40.39 51.08
H72 PG5 PC . -14.03 -41.94 50.88
H81 PG5 PC . -12.67 -42.13 47.94
H82 PG5 PC . -14.09 -42.56 48.50
H83 PG5 PC . -12.78 -42.82 49.37
CA CA QC . -1.79 -1.04 38.51
CA CA RC . -3.20 -14.97 24.64
C1 MLI SC . 20.63 -31.02 45.95
C2 MLI SC . 22.02 -31.61 45.73
C3 MLI SC . 20.61 -29.90 47.01
O6 MLI SC . 22.83 -31.53 46.68
O7 MLI SC . 22.27 -32.14 44.62
O8 MLI SC . 20.84 -28.74 46.60
O9 MLI SC . 20.38 -30.25 48.18
H11 MLI SC . 20.02 -31.72 46.24
H12 MLI SC . 20.28 -30.66 45.11
C1 PEG TC . -0.68 19.10 39.49
O1 PEG TC . -0.16 18.31 40.54
C2 PEG TC . -1.63 18.26 38.67
O2 PEG TC . -1.53 18.53 37.29
C3 PEG TC . -0.87 17.52 36.55
C4 PEG TC . 0.63 17.58 36.71
O4 PEG TC . 1.06 17.15 37.97
H11 PEG TC . 0.03 19.43 38.92
H12 PEG TC . -1.16 19.87 39.84
HO1 PEG TC . 0.20 17.63 40.20
H21 PEG TC . -2.53 18.44 38.99
H22 PEG TC . -1.44 17.33 38.86
H31 PEG TC . -1.10 17.58 35.62
H32 PEG TC . -1.18 16.64 36.85
H41 PEG TC . 0.89 18.50 36.52
H42 PEG TC . 1.00 17.04 35.99
HO4 PEG TC . 0.63 16.45 38.18
C1 PEG UC . -16.73 -11.49 22.22
O1 PEG UC . -17.99 -12.12 22.18
C2 PEG UC . -15.63 -12.28 21.51
O2 PEG UC . -14.41 -12.08 22.20
C3 PEG UC . -13.24 -12.26 21.44
C4 PEG UC . -12.17 -11.23 21.73
O4 PEG UC . -12.35 -10.03 20.97
H11 PEG UC . -16.44 -11.36 23.13
H12 PEG UC . -16.78 -10.62 21.81
HO1 PEG UC . -18.53 -11.62 22.62
H21 PEG UC . -15.58 -11.97 20.59
H22 PEG UC . -15.89 -13.21 21.48
H31 PEG UC . -13.46 -12.24 20.50
H32 PEG UC . -12.87 -13.14 21.62
H41 PEG UC . -11.32 -11.64 21.55
H42 PEG UC . -12.21 -11.05 22.68
HO4 PEG UC . -12.44 -10.25 20.16
C1 PEG VC . 5.56 0.49 40.44
C1 PEG VC . 7.90 -1.68 40.67
O1 PEG VC . 5.74 -0.81 39.93
O1 PEG VC . 8.07 -2.01 39.31
C2 PEG VC . 5.93 0.55 41.89
C2 PEG VC . 7.99 -0.18 40.86
O2 PEG VC . 7.33 0.56 42.11
O2 PEG VC . 7.32 0.23 42.03
C3 PEG VC . 7.69 -0.09 43.29
C3 PEG VC . 7.96 -0.19 43.22
C4 PEG VC . 7.06 0.53 44.52
C4 PEG VC . 7.33 0.44 44.43
O4 PEG VC . 6.06 -0.32 45.05
O4 PEG VC . 6.37 -0.43 45.00
H11 PEG VC . 4.64 0.77 40.34
H11 PEG VC . 8.57 -2.10 41.22
H12 PEG VC . 6.10 1.13 39.94
H12 PEG VC . 7.04 -1.98 41.00
HO1 PEG VC . 5.43 -0.82 39.13
HO1 PEG VC . 7.88 -2.83 39.22
H21 PEG VC . 5.53 -0.21 42.33
H21 PEG VC . 7.61 0.25 40.08
H22 PEG VC . 5.52 1.34 42.27
H22 PEG VC . 8.93 0.07 40.89
H31 PEG VC . 8.65 -0.09 43.40
H31 PEG VC . 8.90 0.04 43.19
H32 PEG VC . 7.44 -1.03 43.26
H32 PEG VC . 7.92 -1.16 43.30
H41 PEG VC . 6.71 1.39 44.25
H41 PEG VC . 6.94 1.28 44.15
H42 PEG VC . 7.77 0.70 45.15
H42 PEG VC . 8.04 0.66 45.05
HO4 PEG VC . 5.48 -0.45 44.45
HO4 PEG VC . 5.78 -0.59 44.41
C1 PEG WC . 2.71 -0.22 51.73
O1 PEG WC . 1.92 -0.06 50.57
C2 PEG WC . 4.15 0.06 51.41
O2 PEG WC . 4.98 -0.81 52.14
C3 PEG WC . 5.84 -0.22 53.08
C4 PEG WC . 5.06 0.42 54.19
O4 PEG WC . 5.96 1.02 55.11
H12 PEG WC . 2.66 -1.13 52.08
HO1 PEG WC . 1.17 -0.44 50.71
H21 PEG WC . 4.33 0.99 51.62
H22 PEG WC . 4.27 -0.04 50.45
H31 PEG WC . 6.39 0.46 52.65
H32 PEG WC . 6.44 -0.88 53.44
H41 PEG WC . 4.51 -0.27 54.60
H42 PEG WC . 4.44 1.07 53.80
HO4 PEG WC . 6.55 1.42 54.66
C1 PEG XC . 5.38 -4.44 51.90
O1 PEG XC . 6.48 -4.81 51.11
C2 PEG XC . 4.65 -3.26 51.28
O2 PEG XC . 3.94 -3.59 50.12
C3 PEG XC . 3.23 -2.48 49.61
C4 PEG XC . 1.76 -2.80 49.43
O4 PEG XC . 0.99 -2.31 50.50
H11 PEG XC . 5.67 -4.18 52.80
H12 PEG XC . 4.76 -5.17 52.01
HO1 PEG XC . 7.00 -5.27 51.59
H22 PEG XC . 4.04 -2.91 51.94
H31 PEG XC . 3.60 -2.20 48.76
H41 PEG XC . 1.69 -3.76 49.36
H42 PEG XC . 1.49 -2.42 48.59
HO4 PEG XC . 1.20 -2.74 51.21
C1 PEG YC . -7.08 3.42 61.24
O1 PEG YC . -5.87 3.41 61.94
C2 PEG YC . -6.84 3.79 59.80
O2 PEG YC . -7.42 5.03 59.47
C3 PEG YC . -7.51 5.32 58.10
C4 PEG YC . -7.51 6.80 57.81
O4 PEG YC . -6.46 7.13 56.94
H11 PEG YC . -7.71 4.04 61.63
H12 PEG YC . -7.51 2.54 61.28
HO1 PEG YC . -6.03 3.29 62.77
H21 PEG YC . -7.19 3.07 59.24
H22 PEG YC . -5.88 3.81 59.64
H31 PEG YC . -8.31 4.92 57.72
H32 PEG YC . -6.75 4.91 57.64
H41 PEG YC . -7.45 7.26 58.66
H42 PEG YC . -8.38 7.02 57.44
HO4 PEG YC . -6.50 6.63 56.26
C1 PEG ZC . -4.27 1.96 57.28
O1 PEG ZC . -4.61 1.45 58.54
C2 PEG ZC . -5.21 3.14 57.02
O2 PEG ZC . -6.53 2.69 56.85
C3 PEG ZC . -7.08 3.14 55.62
C4 PEG ZC . -8.48 2.62 55.42
O4 PEG ZC . -9.41 3.69 55.43
H11 PEG ZC . -4.36 1.31 56.57
H12 PEG ZC . -3.34 2.27 57.25
HO1 PEG ZC . -4.75 0.61 58.46
H21 PEG ZC . -4.89 3.62 56.24
H22 PEG ZC . -5.14 3.75 57.77
H31 PEG ZC . -6.52 2.87 54.88
H32 PEG ZC . -7.10 4.12 55.61
H41 PEG ZC . -8.67 1.98 56.12
H42 PEG ZC . -8.49 2.14 54.58
HO4 PEG ZC . -9.18 4.25 54.84
C1 PEG AD . -1.14 -5.48 56.80
O1 PEG AD . -0.08 -5.22 57.68
C2 PEG AD . -1.04 -4.57 55.60
O2 PEG AD . 0.03 -4.94 54.75
C3 PEG AD . 0.12 -4.09 53.64
C4 PEG AD . 1.37 -3.25 53.74
O4 PEG AD . 2.42 -3.91 53.09
H11 PEG AD . -2.00 -5.32 57.24
H12 PEG AD . -1.14 -6.40 56.49
HO1 PEG AD . -0.24 -5.64 58.40
H21 PEG AD . -0.94 -3.65 55.91
H22 PEG AD . -1.89 -4.61 55.12
H31 PEG AD . -0.66 -3.51 53.59
H32 PEG AD . 0.14 -4.60 52.82
H41 PEG AD . 1.54 -3.09 54.68
H42 PEG AD . 1.17 -2.39 53.34
HO4 PEG AD . 2.22 -3.98 52.27
C1 PEG BD . -16.68 -16.39 49.19
O1 PEG BD . -18.07 -16.58 49.18
C2 PEG BD . -16.29 -15.00 49.66
O2 PEG BD . -15.18 -14.55 48.91
C3 PEG BD . -13.94 -14.73 49.55
C4 PEG BD . -13.50 -13.48 50.24
O4 PEG BD . -12.69 -13.83 51.33
H11 PEG BD . -16.31 -16.52 48.31
H12 PEG BD . -16.25 -17.04 49.77
HO1 PEG BD . -18.23 -17.35 48.86
H21 PEG BD . -16.09 -15.04 50.61
H22 PEG BD . -17.05 -14.41 49.55
H31 PEG BD . -13.26 -15.00 48.91
H32 PEG BD . -14.00 -15.45 50.20
H41 PEG BD . -14.29 -12.98 50.51
H42 PEG BD . -13.03 -12.92 49.59
HO4 PEG BD . -12.09 -14.36 51.05
C1 PEG CD . -20.73 -11.19 48.15
O1 PEG CD . -21.87 -11.92 47.84
C2 PEG CD . -21.11 -9.94 48.91
O2 PEG CD . -20.21 -8.91 48.61
C3 PEG CD . -19.00 -8.99 49.30
C4 PEG CD . -18.11 -7.80 48.99
O4 PEG CD . -16.95 -7.83 49.81
H11 PEG CD . -20.25 -10.93 47.35
H12 PEG CD . -20.12 -11.71 48.69
HO1 PEG CD . -21.64 -12.60 47.39
H21 PEG CD . -21.11 -10.15 49.86
H22 PEG CD . -22.02 -9.71 48.68
H31 PEG CD . -18.53 -9.81 49.08
H32 PEG CD . -19.16 -9.01 50.26
H41 PEG CD . -18.64 -7.01 49.12
H42 PEG CD . -17.89 -7.85 48.04
HO4 PEG CD . -16.78 -8.64 50.00
C1 PEG DD . -29.69 -3.55 55.51
O1 PEG DD . -28.71 -3.00 56.36
C2 PEG DD . -29.16 -4.78 54.84
O2 PEG DD . -29.66 -4.90 53.53
C3 PEG DD . -28.75 -4.42 52.55
C4 PEG DD . -29.32 -4.67 51.18
O4 PEG DD . -28.79 -3.76 50.22
H11 PEG DD . -29.95 -2.90 54.82
H12 PEG DD . -30.50 -3.78 55.99
HO1 PEG DD . -29.01 -2.26 56.66
H21 PEG DD . -29.40 -5.55 55.38
H22 PEG DD . -28.18 -4.74 54.84
H31 PEG DD . -27.90 -4.86 52.64
H32 PEG DD . -28.59 -3.47 52.68
H41 PEG DD . -30.28 -4.59 51.25
H42 PEG DD . -29.12 -5.58 50.94
HO4 PEG DD . -27.97 -3.94 50.12
C1 PEG ED . -3.82 15.04 39.15
O1 PEG ED . -2.63 15.17 39.90
C2 PEG ED . -3.79 16.00 37.98
O2 PEG ED . -4.72 15.64 37.00
C3 PEG ED . -5.93 16.34 37.07
C4 PEG ED . -6.77 16.07 35.84
O4 PEG ED . -7.69 15.02 36.08
H11 PEG ED . -4.60 15.22 39.70
H12 PEG ED . -3.93 14.13 38.81
HO1 PEG ED . -2.68 14.65 40.57
H21 PEG ED . -2.89 16.03 37.63
H22 PEG ED . -3.98 16.89 38.33
H31 PEG ED . -5.76 17.30 37.15
H32 PEG ED . -6.42 16.08 37.87
H41 PEG ED . -6.16 15.86 35.12
H42 PEG ED . -7.22 16.90 35.62
HO4 PEG ED . -7.25 14.33 36.32
O1 PG4 FD . -11.69 27.71 49.30
C1 PG4 FD . -11.23 27.92 50.62
C2 PG4 FD . -9.73 27.89 50.65
O2 PG4 FD . -9.27 26.67 51.19
C3 PG4 FD . -7.87 26.59 51.21
C4 PG4 FD . -7.45 25.16 51.20
O3 PG4 FD . -7.59 24.62 49.91
C5 PG4 FD . -6.98 23.36 49.77
C6 PG4 FD . -5.91 23.46 48.72
O4 PG4 FD . -5.64 22.18 48.21
C7 PG4 FD . -4.54 21.55 48.82
C8 PG4 FD . -5.01 20.77 50.01
O5 PG4 FD . -3.98 20.75 50.96
HO1 PG4 FD . -12.55 27.72 49.31
H11 PG4 FD . -11.57 27.23 51.21
H12 PG4 FD . -11.54 28.77 50.98
H21 PG4 FD . -9.42 28.65 51.17
H22 PG4 FD . -9.40 28.01 49.75
H31 PG4 FD . -7.51 27.04 52.00
H32 PG4 FD . -7.50 27.04 50.44
H41 PG4 FD . -7.99 24.67 51.85
H42 PG4 FD . -6.53 25.10 51.51
H51 PG4 FD . -7.64 22.69 49.51
H52 PG4 FD . -6.60 23.07 50.61
H61 PG4 FD . -5.12 23.86 49.12
H62 PG4 FD . -6.21 24.07 48.02
H71 PG4 FD . -3.88 22.20 49.10
H72 PG4 FD . -4.10 20.95 48.19
H81 PG4 FD . -5.26 19.88 49.70
H82 PG4 FD . -5.82 21.19 50.34
HO5 PG4 FD . -4.23 20.24 51.60
O1 PG4 GD . -21.11 -4.15 35.66
C1 PG4 GD . -20.82 -4.32 37.03
C2 PG4 GD . -22.00 -4.78 37.82
O2 PG4 GD . -22.38 -6.07 37.44
C3 PG4 GD . -23.77 -6.13 37.29
C4 PG4 GD . -24.43 -5.95 38.63
O3 PG4 GD . -23.98 -6.96 39.50
C5 PG4 GD . -24.29 -8.24 39.00
C6 PG4 GD . -24.38 -9.18 40.19
O4 PG4 GD . -25.57 -8.98 40.92
C7 PG4 GD . -25.68 -9.81 42.05
C8 PG4 GD . -26.15 -11.20 41.69
O5 PG4 GD . -26.53 -11.91 42.85
HO1 PG4 GD . -21.94 -4.27 35.53
H11 PG4 GD . -20.52 -3.48 37.42
H12 PG4 GD . -20.11 -4.96 37.15
H21 PG4 GD . -22.73 -4.15 37.69
H22 PG4 GD . -21.77 -4.75 38.76
H31 PG4 GD . -24.05 -6.98 36.91
H32 PG4 GD . -24.08 -5.43 36.69
H41 PG4 GD . -25.40 -5.98 38.52
H42 PG4 GD . -24.23 -5.06 38.98
H51 PG4 GD . -23.61 -8.54 38.38
H52 PG4 GD . -25.13 -8.23 38.52
H61 PG4 GD . -23.60 -9.04 40.75
H62 PG4 GD . -24.33 -10.09 39.85
H71 PG4 GD . -26.30 -9.42 42.68
H72 PG4 GD . -24.83 -9.87 42.51
H81 PG4 GD . -25.43 -11.63 41.21
H82 PG4 GD . -26.89 -11.10 41.06
HO5 PG4 GD . -26.08 -11.60 43.50
O1 PG4 HD . 0.44 -15.14 57.62
C1 PG4 HD . 0.39 -16.55 57.56
C2 PG4 HD . -0.21 -17.06 58.83
O2 PG4 HD . -1.49 -17.61 58.60
C3 PG4 HD . -2.47 -17.20 59.52
C4 PG4 HD . -3.27 -18.38 59.98
O3 PG4 HD . -3.24 -18.47 61.39
C5 PG4 HD . -3.98 -17.45 61.99
C6 PG4 HD . -3.12 -16.54 62.84
O4 PG4 HD . -3.63 -15.23 62.84
C7 PG4 HD . -3.39 -14.52 61.64
C8 PG4 HD . -3.67 -13.05 61.84
O5 PG4 HD . -4.03 -12.80 63.17
HO1 PG4 HD . 0.59 -14.86 56.82
H11 PG4 HD . 1.27 -16.93 57.45
H12 PG4 HD . -0.15 -16.85 56.81
H21 PG4 HD . -0.26 -16.33 59.48
H22 PG4 HD . 0.39 -17.73 59.21
H31 PG4 HD . -3.06 -16.53 59.12
H32 PG4 HD . -2.05 -16.77 60.29
H41 PG4 HD . -2.91 -19.19 59.56
H42 PG4 HD . -4.18 -18.29 59.65
H51 PG4 HD . -4.68 -17.83 62.55
H52 PG4 HD . -4.43 -16.91 61.32
H61 PG4 HD . -2.21 -16.58 62.49
H62 PG4 HD . -3.09 -16.91 63.74
H71 PG4 HD . -3.95 -14.86 60.92
H72 PG4 HD . -2.46 -14.63 61.36
H81 PG4 HD . -4.38 -12.81 61.22
H82 PG4 HD . -2.88 -12.56 61.57
HO5 PG4 HD . -3.47 -13.19 63.68
O1 PG4 ID . 12.31 -7.20 36.70
C1 PG4 ID . 12.29 -6.09 35.82
C2 PG4 ID . 10.87 -5.73 35.45
O2 PG4 ID . 10.00 -5.98 36.53
C3 PG4 ID . 9.79 -4.88 37.36
C4 PG4 ID . 9.56 -5.35 38.78
O3 PG4 ID . 10.58 -4.85 39.61
C5 PG4 ID . 10.20 -4.82 40.96
C6 PG4 ID . 11.33 -4.36 41.85
O4 PG4 ID . 12.08 -5.47 42.25
C7 PG4 ID . 12.70 -5.34 43.50
C8 PG4 ID . 12.81 -6.70 44.14
O5 PG4 ID . 12.44 -6.66 45.50
HO1 PG4 ID . 11.88 -6.97 37.40
H11 PG4 ID . 12.78 -6.29 35.00
H12 PG4 ID . 12.71 -5.32 36.22
H21 PG4 ID . 10.63 -6.24 34.66
H22 PG4 ID . 10.85 -4.79 35.19
H31 PG4 ID . 9.01 -4.37 37.05
H32 PG4 ID . 10.55 -4.28 37.33
H41 PG4 ID . 9.52 -6.31 38.79
H42 PG4 ID . 8.68 -5.04 39.06
H51 PG4 ID . 9.92 -5.70 41.24
H52 PG4 ID . 9.44 -4.23 41.08
H61 PG4 ID . 10.96 -3.87 42.61
H62 PG4 ID . 11.88 -3.72 41.37
H71 PG4 ID . 12.20 -4.74 44.08
H72 PG4 ID . 13.58 -4.95 43.40
H81 PG4 ID . 13.73 -7.00 44.02
H82 PG4 ID . 12.25 -7.30 43.62
HO5 PG4 ID . 12.89 -6.05 45.88
O1 PG4 JD . -10.25 -44.93 57.04
C1 PG4 JD . -10.07 -43.55 57.15
C2 PG4 JD . -8.64 -43.24 57.45
O2 PG4 JD . -8.00 -42.76 56.30
C3 PG4 JD . -7.48 -43.76 55.46
C4 PG4 JD . -8.48 -44.15 54.40
O3 PG4 JD . -7.88 -44.01 53.13
C5 PG4 JD . -8.17 -45.05 52.23
C6 PG4 JD . -9.53 -44.81 51.61
O4 PG4 JD . -9.84 -45.83 50.70
C7 PG4 JD . -9.75 -45.42 49.36
C8 PG4 JD . -10.06 -46.58 48.44
O5 PG4 JD . -10.22 -47.76 49.22
HO1 PG4 JD . -9.64 -45.24 56.53
H11 PG4 JD . -10.63 -43.18 57.86
H12 PG4 JD . -10.33 -43.09 56.34
H21 PG4 JD . -8.21 -44.05 57.78
H22 PG4 JD . -8.60 -42.59 58.18
H31 PG4 JD . -7.24 -44.54 55.98
H32 PG4 JD . -6.66 -43.44 55.03
H41 PG4 JD . -9.26 -43.58 54.49
H42 PG4 JD . -8.76 -45.06 54.56
H51 PG4 JD . -8.18 -45.90 52.68
H52 PG4 JD . -7.51 -45.10 51.54
H61 PG4 JD . -9.51 -43.93 51.18
H62 PG4 JD . -10.19 -44.75 52.32
H71 PG4 JD . -8.87 -45.08 49.17
H72 PG4 JD . -10.39 -44.70 49.19
H81 PG4 JD . -9.33 -46.66 47.81
H82 PG4 JD . -10.85 -46.37 47.93
HO5 PG4 JD . -9.55 -47.82 49.75
O1 PG4 KD . -19.93 -31.71 35.40
C1 PG4 KD . -21.06 -30.89 35.38
C2 PG4 KD . -21.46 -30.56 33.96
O2 PG4 KD . -20.74 -31.37 33.07
C3 PG4 KD . -19.53 -30.76 32.69
C4 PG4 KD . -18.74 -31.73 31.84
O3 PG4 KD . -18.33 -32.81 32.63
C5 PG4 KD . -17.24 -33.41 32.04
C6 PG4 KD . -17.43 -34.87 31.76
O4 PG4 KD . -16.27 -35.35 31.13
C7 PG4 KD . -15.54 -36.25 31.85
C8 PG4 KD . -14.08 -36.22 31.51
O5 PG4 KD . -13.57 -35.20 30.75
HO1 PG4 KD . -19.24 -31.21 35.35
H11 PG4 KD . -20.89 -30.05 35.85
H12 PG4 KD . -21.81 -31.31 35.82
H21 PG4 KD . -21.30 -29.62 33.80
H22 PG4 KD . -22.41 -30.70 33.88
H31 PG4 KD . -19.00 -30.53 33.47
H32 PG4 KD . -19.69 -29.95 32.19
H41 PG4 KD . -17.98 -31.26 31.46
H42 PG4 KD . -19.29 -32.01 31.10
H51 PG4 KD . -16.46 -33.31 32.60
H52 PG4 KD . -17.04 -32.97 31.20
H61 PG4 KD . -18.22 -34.98 31.21
H62 PG4 KD . -17.61 -35.32 32.59
H71 PG4 KD . -15.87 -37.15 31.70
H72 PG4 KD . -15.64 -36.08 32.81
H81 PG4 KD . -13.93 -37.08 31.08
H82 PG4 KD . -13.64 -36.27 32.37
HO5 PG4 KD . -13.92 -34.47 31.02
C1 PEG LD . -1.80 8.55 47.54
O1 PEG LD . -1.22 8.42 48.82
C2 PEG LD . -2.40 9.93 47.40
O2 PEG LD . -3.78 9.84 47.10
C3 PEG LD . -4.38 11.11 46.98
C4 PEG LD . -5.43 11.08 45.90
O4 PEG LD . -5.59 12.37 45.33
H11 PEG LD . -2.49 7.89 47.40
H12 PEG LD . -1.14 8.42 46.83
HO1 PEG LD . -1.01 7.60 48.93
H21 PEG LD . -1.92 10.40 46.70
H22 PEG LD . -2.25 10.41 48.22
H31 PEG LD . -3.72 11.78 46.77
H32 PEG LD . -4.79 11.37 47.82
H41 PEG LD . -6.25 10.75 46.29
H42 PEG LD . -5.16 10.43 45.24
HO4 PEG LD . -5.80 12.90 45.96
C1 PEG MD . -16.01 -17.53 24.66
O1 PEG MD . -15.11 -16.50 24.30
C2 PEG MD . -16.59 -18.13 23.40
O2 PEG MD . -17.66 -17.37 22.90
C3 PEG MD . -17.50 -16.83 21.59
C4 PEG MD . -17.30 -15.34 21.66
O4 PEG MD . -18.51 -14.62 21.54
H11 PEG MD . -16.73 -17.18 25.21
H12 PEG MD . -15.57 -18.22 25.18
HO1 PEG MD . -15.47 -16.03 23.69
H21 PEG MD . -16.88 -19.04 23.61
H22 PEG MD . -15.88 -18.22 22.74
H31 PEG MD . -18.28 -17.03 21.05
H32 PEG MD . -16.75 -17.24 21.16
H41 PEG MD . -16.66 -15.11 20.97
H42 PEG MD . -16.86 -15.16 22.52
HO4 PEG MD . -19.10 -15.02 22.00
C1 PEG ND . -17.71 -27.53 23.11
O1 PEG ND . -16.48 -26.87 23.33
C2 PEG ND . -18.09 -27.50 21.64
O2 PEG ND . -19.29 -26.78 21.48
C3 PEG ND . -19.17 -25.63 20.68
C4 PEG ND . -18.18 -24.68 21.30
O4 PEG ND . -18.57 -23.35 21.09
H11 PEG ND . -18.43 -27.10 23.61
H12 PEG ND . -17.68 -28.44 23.41
HO1 PEG ND . -16.56 -26.07 23.06
H21 PEG ND . -18.18 -28.42 21.33
H22 PEG ND . -17.37 -27.10 21.14
H31 PEG ND . -20.03 -25.20 20.57
H32 PEG ND . -18.87 -25.87 19.79
H41 PEG ND . -17.32 -24.87 20.91
H42 PEG ND . -18.12 -24.90 22.24
HO4 PEG ND . -19.42 -23.30 21.18
C1 PEG OD . -25.49 -1.42 40.99
O1 PEG OD . -24.72 -1.71 42.14
C2 PEG OD . -24.69 -1.72 39.74
O2 PEG OD . -23.61 -0.83 39.69
C3 PEG OD . -23.13 -0.56 38.39
C4 PEG OD . -22.15 -1.62 37.96
O4 PEG OD . -20.95 -1.04 37.49
H11 PEG OD . -25.77 -0.50 40.97
H12 PEG OD . -26.30 -1.97 40.98
HO1 PEG OD . -25.17 -1.48 42.82
H21 PEG OD . -25.27 -1.63 38.97
H22 PEG OD . -24.39 -2.65 39.77
H31 PEG OD . -22.70 0.31 38.36
H32 PEG OD . -23.87 -0.53 37.77
H41 PEG OD . -22.59 -2.15 37.26
H42 PEG OD . -22.01 -2.21 38.71
HO4 PEG OD . -21.12 -0.59 36.80
CL CL PD . -20.78 -29.72 54.56
#